data_2HB5
# 
_entry.id   2HB5 
# 
_audit_conform.dict_name       mmcif_pdbx.dic 
_audit_conform.dict_version    5.397 
_audit_conform.dict_location   http://mmcif.pdb.org/dictionaries/ascii/mmcif_pdbx.dic 
# 
loop_
_database_2.database_id 
_database_2.database_code 
_database_2.pdbx_database_accession 
_database_2.pdbx_DOI 
PDB   2HB5         pdb_00002hb5 10.2210/pdb2hb5/pdb 
RCSB  RCSB038154   ?            ?                   
WWPDB D_1000038154 ?            ?                   
# 
loop_
_pdbx_audit_revision_history.ordinal 
_pdbx_audit_revision_history.data_content_type 
_pdbx_audit_revision_history.major_revision 
_pdbx_audit_revision_history.minor_revision 
_pdbx_audit_revision_history.revision_date 
1 'Structure model' 1 0 2006-08-29 
2 'Structure model' 1 1 2008-05-01 
3 'Structure model' 1 2 2011-07-13 
4 'Structure model' 1 3 2017-10-18 
5 'Structure model' 1 4 2023-03-22 
6 'Structure model' 1 5 2024-10-16 
# 
_pdbx_audit_revision_details.ordinal             1 
_pdbx_audit_revision_details.revision_ordinal    1 
_pdbx_audit_revision_details.data_content_type   'Structure model' 
_pdbx_audit_revision_details.provider            repository 
_pdbx_audit_revision_details.type                'Initial release' 
_pdbx_audit_revision_details.description         ? 
_pdbx_audit_revision_details.details             ? 
# 
loop_
_pdbx_audit_revision_group.ordinal 
_pdbx_audit_revision_group.revision_ordinal 
_pdbx_audit_revision_group.data_content_type 
_pdbx_audit_revision_group.group 
1 2 'Structure model' 'Version format compliance' 
2 3 'Structure model' 'Version format compliance' 
3 4 'Structure model' 'Refinement description'    
4 5 'Structure model' 'Database references'       
5 5 'Structure model' 'Derived calculations'      
6 5 'Structure model' 'Structure summary'         
7 6 'Structure model' 'Data collection'           
8 6 'Structure model' 'Structure summary'         
# 
loop_
_pdbx_audit_revision_category.ordinal 
_pdbx_audit_revision_category.revision_ordinal 
_pdbx_audit_revision_category.data_content_type 
_pdbx_audit_revision_category.category 
1  4 'Structure model' software                  
2  5 'Structure model' audit_author              
3  5 'Structure model' citation_author           
4  5 'Structure model' database_2                
5  5 'Structure model' pdbx_struct_conn_angle    
6  5 'Structure model' struct_conn               
7  5 'Structure model' struct_ref_seq_dif        
8  5 'Structure model' struct_site               
9  6 'Structure model' chem_comp_atom            
10 6 'Structure model' chem_comp_bond            
11 6 'Structure model' pdbx_entry_details        
12 6 'Structure model' pdbx_modification_feature 
# 
loop_
_pdbx_audit_revision_item.ordinal 
_pdbx_audit_revision_item.revision_ordinal 
_pdbx_audit_revision_item.data_content_type 
_pdbx_audit_revision_item.item 
1  5 'Structure model' '_audit_author.name'                          
2  5 'Structure model' '_citation_author.name'                       
3  5 'Structure model' '_database_2.pdbx_DOI'                        
4  5 'Structure model' '_database_2.pdbx_database_accession'         
5  5 'Structure model' '_pdbx_struct_conn_angle.ptnr1_auth_comp_id'  
6  5 'Structure model' '_pdbx_struct_conn_angle.ptnr1_auth_seq_id'   
7  5 'Structure model' '_pdbx_struct_conn_angle.ptnr1_label_asym_id' 
8  5 'Structure model' '_pdbx_struct_conn_angle.ptnr1_label_atom_id' 
9  5 'Structure model' '_pdbx_struct_conn_angle.ptnr1_label_comp_id' 
10 5 'Structure model' '_pdbx_struct_conn_angle.ptnr1_label_seq_id'  
11 5 'Structure model' '_pdbx_struct_conn_angle.ptnr3_auth_comp_id'  
12 5 'Structure model' '_pdbx_struct_conn_angle.ptnr3_auth_seq_id'   
13 5 'Structure model' '_pdbx_struct_conn_angle.ptnr3_label_asym_id' 
14 5 'Structure model' '_pdbx_struct_conn_angle.ptnr3_label_atom_id' 
15 5 'Structure model' '_pdbx_struct_conn_angle.ptnr3_label_comp_id' 
16 5 'Structure model' '_pdbx_struct_conn_angle.ptnr3_label_seq_id'  
17 5 'Structure model' '_pdbx_struct_conn_angle.value'               
18 5 'Structure model' '_struct_conn.pdbx_dist_value'                
19 5 'Structure model' '_struct_conn.pdbx_leaving_atom_flag'         
20 5 'Structure model' '_struct_conn.pdbx_ptnr1_label_alt_id'        
21 5 'Structure model' '_struct_conn.pdbx_ptnr2_label_alt_id'        
22 5 'Structure model' '_struct_conn.ptnr1_auth_comp_id'             
23 5 'Structure model' '_struct_conn.ptnr1_auth_seq_id'              
24 5 'Structure model' '_struct_conn.ptnr1_label_asym_id'            
25 5 'Structure model' '_struct_conn.ptnr1_label_atom_id'            
26 5 'Structure model' '_struct_conn.ptnr1_label_comp_id'            
27 5 'Structure model' '_struct_conn.ptnr1_label_seq_id'             
28 5 'Structure model' '_struct_conn.ptnr2_auth_comp_id'             
29 5 'Structure model' '_struct_conn.ptnr2_auth_seq_id'              
30 5 'Structure model' '_struct_conn.ptnr2_label_asym_id'            
31 5 'Structure model' '_struct_conn.ptnr2_label_atom_id'            
32 5 'Structure model' '_struct_conn.ptnr2_label_comp_id'            
33 5 'Structure model' '_struct_conn.ptnr2_label_seq_id'             
34 5 'Structure model' '_struct_ref_seq_dif.details'                 
35 5 'Structure model' '_struct_site.pdbx_auth_asym_id'              
36 5 'Structure model' '_struct_site.pdbx_auth_comp_id'              
37 5 'Structure model' '_struct_site.pdbx_auth_seq_id'               
# 
_pdbx_database_status.status_code                     REL 
_pdbx_database_status.entry_id                        2HB5 
_pdbx_database_status.recvd_initial_deposition_date   2006-06-13 
_pdbx_database_status.deposit_site                    RCSB 
_pdbx_database_status.process_site                    RCSB 
_pdbx_database_status.status_code_sf                  REL 
_pdbx_database_status.status_code_mr                  ? 
_pdbx_database_status.SG_entry                        ? 
_pdbx_database_status.pdb_format_compatible           Y 
_pdbx_database_status.status_code_cs                  ? 
_pdbx_database_status.methods_development_category    ? 
_pdbx_database_status.status_code_nmr_data            ? 
# 
loop_
_audit_author.name 
_audit_author.pdbx_ordinal 
_audit_author.identifier_ORCID 
'Lim, D.'              1 ? 
'Gregorio, G.G.'       2 ? 
'Bingman, C.A.'        3 ? 
'Martinez-Hackert, E.' 4 ? 
'Hendrickson, W.A.'    5 ? 
'Goff, S.P.'           6 ? 
# 
_citation.id                        primary 
_citation.title                     'Crystal Structure of the Moloney Murine Leukemia Virus RNase H Domain.' 
_citation.journal_abbrev            J.Virol. 
_citation.journal_volume            80 
_citation.page_first                8379 
_citation.page_last                 8389 
_citation.year                      2006 
_citation.journal_id_ASTM           JOVIAM 
_citation.country                   US 
_citation.journal_id_ISSN           0022-538X 
_citation.journal_id_CSD            0825 
_citation.book_publisher            ? 
_citation.pdbx_database_id_PubMed   16912289 
_citation.pdbx_database_id_DOI      10.1128/JVI.00750-06 
# 
loop_
_citation_author.citation_id 
_citation_author.name 
_citation_author.ordinal 
_citation_author.identifier_ORCID 
primary 'Lim, D.'              1 ? 
primary 'Gregorio, G.G.'       2 ? 
primary 'Bingman, C.A.'        3 ? 
primary 'Martinez-Hackert, E.' 4 ? 
primary 'Hendrickson, W.A.'    5 ? 
primary 'Goff, S.P.'           6 ? 
# 
loop_
_entity.id 
_entity.type 
_entity.src_method 
_entity.pdbx_description 
_entity.formula_weight 
_entity.pdbx_number_of_molecules 
_entity.pdbx_ec 
_entity.pdbx_mutation 
_entity.pdbx_fragment 
_entity.details 
1 polymer     man 'Reverse transcriptase/ribonuclease H' 17787.809 1   3.1.26.4 ? 'RNase H Domain (Residues 618-791)' ? 
2 non-polymer syn 'MAGNESIUM ION'                        24.305    1   ?        ? ?                                   ? 
3 non-polymer syn 'SULFATE ION'                          96.063    1   ?        ? ?                                   ? 
4 water       nat water                                  18.015    148 ?        ? ?                                   ? 
# 
_entity_poly.entity_id                      1 
_entity_poly.type                           'polypeptide(L)' 
_entity_poly.nstd_linkage                   no 
_entity_poly.nstd_monomer                   yes 
_entity_poly.pdbx_seq_one_letter_code       
;GILAEAHGTRPDLTDQPLPDADHTWYTDGSSLLQEGQRKAGAAVTTETEVIWAKALPAGTSAQRAELIALTQALK(MSE)
AEGKKLNVYTDSRYAFATAHLTSEGKEIKNKDEILALLKALFLPKRLSIIHCPGHQKGHSAEARGNR(MSE)ADQAARKA
AITETPDTSTLL
;
_entity_poly.pdbx_seq_one_letter_code_can   
;GILAEAHGTRPDLTDQPLPDADHTWYTDGSSLLQEGQRKAGAAVTTETEVIWAKALPAGTSAQRAELIALTQALKMAEGK
KLNVYTDSRYAFATAHLTSEGKEIKNKDEILALLKALFLPKRLSIIHCPGHQKGHSAEARGNRMADQAARKAAITETPDT
STLL
;
_entity_poly.pdbx_strand_id                 A 
_entity_poly.pdbx_target_identifier         ? 
# 
loop_
_pdbx_entity_nonpoly.entity_id 
_pdbx_entity_nonpoly.name 
_pdbx_entity_nonpoly.comp_id 
2 'MAGNESIUM ION' MG  
3 'SULFATE ION'   SO4 
4 water           HOH 
# 
loop_
_entity_poly_seq.entity_id 
_entity_poly_seq.num 
_entity_poly_seq.mon_id 
_entity_poly_seq.hetero 
1 1   GLY n 
1 2   ILE n 
1 3   LEU n 
1 4   ALA n 
1 5   GLU n 
1 6   ALA n 
1 7   HIS n 
1 8   GLY n 
1 9   THR n 
1 10  ARG n 
1 11  PRO n 
1 12  ASP n 
1 13  LEU n 
1 14  THR n 
1 15  ASP n 
1 16  GLN n 
1 17  PRO n 
1 18  LEU n 
1 19  PRO n 
1 20  ASP n 
1 21  ALA n 
1 22  ASP n 
1 23  HIS n 
1 24  THR n 
1 25  TRP n 
1 26  TYR n 
1 27  THR n 
1 28  ASP n 
1 29  GLY n 
1 30  SER n 
1 31  SER n 
1 32  LEU n 
1 33  LEU n 
1 34  GLN n 
1 35  GLU n 
1 36  GLY n 
1 37  GLN n 
1 38  ARG n 
1 39  LYS n 
1 40  ALA n 
1 41  GLY n 
1 42  ALA n 
1 43  ALA n 
1 44  VAL n 
1 45  THR n 
1 46  THR n 
1 47  GLU n 
1 48  THR n 
1 49  GLU n 
1 50  VAL n 
1 51  ILE n 
1 52  TRP n 
1 53  ALA n 
1 54  LYS n 
1 55  ALA n 
1 56  LEU n 
1 57  PRO n 
1 58  ALA n 
1 59  GLY n 
1 60  THR n 
1 61  SER n 
1 62  ALA n 
1 63  GLN n 
1 64  ARG n 
1 65  ALA n 
1 66  GLU n 
1 67  LEU n 
1 68  ILE n 
1 69  ALA n 
1 70  LEU n 
1 71  THR n 
1 72  GLN n 
1 73  ALA n 
1 74  LEU n 
1 75  LYS n 
1 76  MSE n 
1 77  ALA n 
1 78  GLU n 
1 79  GLY n 
1 80  LYS n 
1 81  LYS n 
1 82  LEU n 
1 83  ASN n 
1 84  VAL n 
1 85  TYR n 
1 86  THR n 
1 87  ASP n 
1 88  SER n 
1 89  ARG n 
1 90  TYR n 
1 91  ALA n 
1 92  PHE n 
1 93  ALA n 
1 94  THR n 
1 95  ALA n 
1 96  HIS n 
1 97  LEU n 
1 98  THR n 
1 99  SER n 
1 100 GLU n 
1 101 GLY n 
1 102 LYS n 
1 103 GLU n 
1 104 ILE n 
1 105 LYS n 
1 106 ASN n 
1 107 LYS n 
1 108 ASP n 
1 109 GLU n 
1 110 ILE n 
1 111 LEU n 
1 112 ALA n 
1 113 LEU n 
1 114 LEU n 
1 115 LYS n 
1 116 ALA n 
1 117 LEU n 
1 118 PHE n 
1 119 LEU n 
1 120 PRO n 
1 121 LYS n 
1 122 ARG n 
1 123 LEU n 
1 124 SER n 
1 125 ILE n 
1 126 ILE n 
1 127 HIS n 
1 128 CYS n 
1 129 PRO n 
1 130 GLY n 
1 131 HIS n 
1 132 GLN n 
1 133 LYS n 
1 134 GLY n 
1 135 HIS n 
1 136 SER n 
1 137 ALA n 
1 138 GLU n 
1 139 ALA n 
1 140 ARG n 
1 141 GLY n 
1 142 ASN n 
1 143 ARG n 
1 144 MSE n 
1 145 ALA n 
1 146 ASP n 
1 147 GLN n 
1 148 ALA n 
1 149 ALA n 
1 150 ARG n 
1 151 LYS n 
1 152 ALA n 
1 153 ALA n 
1 154 ILE n 
1 155 THR n 
1 156 GLU n 
1 157 THR n 
1 158 PRO n 
1 159 ASP n 
1 160 THR n 
1 161 SER n 
1 162 THR n 
1 163 LEU n 
1 164 LEU n 
# 
_entity_src_gen.entity_id                          1 
_entity_src_gen.pdbx_src_id                        1 
_entity_src_gen.pdbx_alt_source_flag               sample 
_entity_src_gen.pdbx_seq_type                      ? 
_entity_src_gen.pdbx_beg_seq_num                   ? 
_entity_src_gen.pdbx_end_seq_num                   ? 
_entity_src_gen.gene_src_common_name               ? 
_entity_src_gen.gene_src_genus                     Gammaretrovirus 
_entity_src_gen.pdbx_gene_src_gene                 POL 
_entity_src_gen.gene_src_species                   'Murine leukemia virus' 
_entity_src_gen.gene_src_strain                    ? 
_entity_src_gen.gene_src_tissue                    ? 
_entity_src_gen.gene_src_tissue_fraction           ? 
_entity_src_gen.gene_src_details                   ? 
_entity_src_gen.pdbx_gene_src_fragment             ? 
_entity_src_gen.pdbx_gene_src_scientific_name      'Moloney murine leukemia virus' 
_entity_src_gen.pdbx_gene_src_ncbi_taxonomy_id     11801 
_entity_src_gen.pdbx_gene_src_variant              ? 
_entity_src_gen.pdbx_gene_src_cell_line            ? 
_entity_src_gen.pdbx_gene_src_atcc                 ? 
_entity_src_gen.pdbx_gene_src_organ                ? 
_entity_src_gen.pdbx_gene_src_organelle            ? 
_entity_src_gen.pdbx_gene_src_cell                 ? 
_entity_src_gen.pdbx_gene_src_cellular_location    ? 
_entity_src_gen.host_org_common_name               ? 
_entity_src_gen.pdbx_host_org_scientific_name      'Escherichia coli' 
_entity_src_gen.pdbx_host_org_ncbi_taxonomy_id     562 
_entity_src_gen.host_org_genus                     Escherichia 
_entity_src_gen.pdbx_host_org_gene                 ? 
_entity_src_gen.pdbx_host_org_organ                ? 
_entity_src_gen.host_org_species                   ? 
_entity_src_gen.pdbx_host_org_tissue               ? 
_entity_src_gen.pdbx_host_org_tissue_fraction      ? 
_entity_src_gen.pdbx_host_org_strain               ? 
_entity_src_gen.pdbx_host_org_variant              ? 
_entity_src_gen.pdbx_host_org_cell_line            ? 
_entity_src_gen.pdbx_host_org_atcc                 ? 
_entity_src_gen.pdbx_host_org_culture_collection   ? 
_entity_src_gen.pdbx_host_org_cell                 ? 
_entity_src_gen.pdbx_host_org_organelle            ? 
_entity_src_gen.pdbx_host_org_cellular_location    ? 
_entity_src_gen.pdbx_host_org_vector_type          ? 
_entity_src_gen.pdbx_host_org_vector               ? 
_entity_src_gen.host_org_details                   ? 
_entity_src_gen.expression_system_id               ? 
_entity_src_gen.plasmid_name                       ? 
_entity_src_gen.plasmid_details                    ? 
_entity_src_gen.pdbx_description                   ? 
# 
loop_
_chem_comp.id 
_chem_comp.type 
_chem_comp.mon_nstd_flag 
_chem_comp.name 
_chem_comp.pdbx_synonyms 
_chem_comp.formula 
_chem_comp.formula_weight 
ALA 'L-peptide linking' y ALANINE          ? 'C3 H7 N O2'     89.093  
ARG 'L-peptide linking' y ARGININE         ? 'C6 H15 N4 O2 1' 175.209 
ASN 'L-peptide linking' y ASPARAGINE       ? 'C4 H8 N2 O3'    132.118 
ASP 'L-peptide linking' y 'ASPARTIC ACID'  ? 'C4 H7 N O4'     133.103 
CYS 'L-peptide linking' y CYSTEINE         ? 'C3 H7 N O2 S'   121.158 
GLN 'L-peptide linking' y GLUTAMINE        ? 'C5 H10 N2 O3'   146.144 
GLU 'L-peptide linking' y 'GLUTAMIC ACID'  ? 'C5 H9 N O4'     147.129 
GLY 'peptide linking'   y GLYCINE          ? 'C2 H5 N O2'     75.067  
HIS 'L-peptide linking' y HISTIDINE        ? 'C6 H10 N3 O2 1' 156.162 
HOH non-polymer         . WATER            ? 'H2 O'           18.015  
ILE 'L-peptide linking' y ISOLEUCINE       ? 'C6 H13 N O2'    131.173 
LEU 'L-peptide linking' y LEUCINE          ? 'C6 H13 N O2'    131.173 
LYS 'L-peptide linking' y LYSINE           ? 'C6 H15 N2 O2 1' 147.195 
MET 'L-peptide linking' y METHIONINE       ? 'C5 H11 N O2 S'  149.211 
MG  non-polymer         . 'MAGNESIUM ION'  ? 'Mg 2'           24.305  
MSE 'L-peptide linking' n SELENOMETHIONINE ? 'C5 H11 N O2 Se' 196.106 
PHE 'L-peptide linking' y PHENYLALANINE    ? 'C9 H11 N O2'    165.189 
PRO 'L-peptide linking' y PROLINE          ? 'C5 H9 N O2'     115.130 
SER 'L-peptide linking' y SERINE           ? 'C3 H7 N O3'     105.093 
SO4 non-polymer         . 'SULFATE ION'    ? 'O4 S -2'        96.063  
THR 'L-peptide linking' y THREONINE        ? 'C4 H9 N O3'     119.119 
TRP 'L-peptide linking' y TRYPTOPHAN       ? 'C11 H12 N2 O2'  204.225 
TYR 'L-peptide linking' y TYROSINE         ? 'C9 H11 N O3'    181.189 
VAL 'L-peptide linking' y VALINE           ? 'C5 H11 N O2'    117.146 
# 
loop_
_pdbx_poly_seq_scheme.asym_id 
_pdbx_poly_seq_scheme.entity_id 
_pdbx_poly_seq_scheme.seq_id 
_pdbx_poly_seq_scheme.mon_id 
_pdbx_poly_seq_scheme.ndb_seq_num 
_pdbx_poly_seq_scheme.pdb_seq_num 
_pdbx_poly_seq_scheme.auth_seq_num 
_pdbx_poly_seq_scheme.pdb_mon_id 
_pdbx_poly_seq_scheme.auth_mon_id 
_pdbx_poly_seq_scheme.pdb_strand_id 
_pdbx_poly_seq_scheme.pdb_ins_code 
_pdbx_poly_seq_scheme.hetero 
A 1 1   GLY 1   1   ?   ?   ?   A . n 
A 1 2   ILE 2   2   ?   ?   ?   A . n 
A 1 3   LEU 3   3   ?   ?   ?   A . n 
A 1 4   ALA 4   4   ?   ?   ?   A . n 
A 1 5   GLU 5   5   ?   ?   ?   A . n 
A 1 6   ALA 6   6   ?   ?   ?   A . n 
A 1 7   HIS 7   7   7   HIS GLY A . n 
A 1 8   GLY 8   8   8   GLY GLY A . n 
A 1 9   THR 9   9   9   THR THR A . n 
A 1 10  ARG 10  10  10  ARG ARG A . n 
A 1 11  PRO 11  11  11  PRO PRO A . n 
A 1 12  ASP 12  12  12  ASP ASP A . n 
A 1 13  LEU 13  13  13  LEU LEU A . n 
A 1 14  THR 14  14  14  THR THR A . n 
A 1 15  ASP 15  15  15  ASP ASP A . n 
A 1 16  GLN 16  16  16  GLN GLN A . n 
A 1 17  PRO 17  17  17  PRO PRO A . n 
A 1 18  LEU 18  18  18  LEU LEU A . n 
A 1 19  PRO 19  19  19  PRO PRO A . n 
A 1 20  ASP 20  20  20  ASP ASP A . n 
A 1 21  ALA 21  21  21  ALA ALA A . n 
A 1 22  ASP 22  22  22  ASP ASP A . n 
A 1 23  HIS 23  23  23  HIS HIS A . n 
A 1 24  THR 24  24  24  THR THR A . n 
A 1 25  TRP 25  25  25  TRP TRP A . n 
A 1 26  TYR 26  26  26  TYR TYR A . n 
A 1 27  THR 27  27  27  THR THR A . n 
A 1 28  ASP 28  28  28  ASP ASP A . n 
A 1 29  GLY 29  29  29  GLY GLY A . n 
A 1 30  SER 30  30  30  SER SER A . n 
A 1 31  SER 31  31  31  SER SER A . n 
A 1 32  LEU 32  32  32  LEU LEU A . n 
A 1 33  LEU 33  33  33  LEU LEU A . n 
A 1 34  GLN 34  34  34  GLN GLN A . n 
A 1 35  GLU 35  35  35  GLU GLU A . n 
A 1 36  GLY 36  36  36  GLY GLY A . n 
A 1 37  GLN 37  37  37  GLN GLN A . n 
A 1 38  ARG 38  38  38  ARG ARG A . n 
A 1 39  LYS 39  39  39  LYS LYS A . n 
A 1 40  ALA 40  40  40  ALA ALA A . n 
A 1 41  GLY 41  41  41  GLY GLY A . n 
A 1 42  ALA 42  42  42  ALA ALA A . n 
A 1 43  ALA 43  43  43  ALA ALA A . n 
A 1 44  VAL 44  44  44  VAL VAL A . n 
A 1 45  THR 45  45  45  THR THR A . n 
A 1 46  THR 46  46  46  THR THR A . n 
A 1 47  GLU 47  47  47  GLU GLU A . n 
A 1 48  THR 48  48  48  THR THR A . n 
A 1 49  GLU 49  49  49  GLU GLU A . n 
A 1 50  VAL 50  50  50  VAL VAL A . n 
A 1 51  ILE 51  51  51  ILE ILE A . n 
A 1 52  TRP 52  52  52  TRP TRP A . n 
A 1 53  ALA 53  53  53  ALA ALA A . n 
A 1 54  LYS 54  54  54  LYS LYS A . n 
A 1 55  ALA 55  55  55  ALA ALA A . n 
A 1 56  LEU 56  56  56  LEU LEU A . n 
A 1 57  PRO 57  57  57  PRO PRO A . n 
A 1 58  ALA 58  58  58  ALA ALA A . n 
A 1 59  GLY 59  59  59  GLY GLY A . n 
A 1 60  THR 60  60  60  THR THR A . n 
A 1 61  SER 61  61  61  SER SER A . n 
A 1 62  ALA 62  62  62  ALA ALA A . n 
A 1 63  GLN 63  63  63  GLN GLN A . n 
A 1 64  ARG 64  64  64  ARG ARG A . n 
A 1 65  ALA 65  65  65  ALA ALA A . n 
A 1 66  GLU 66  66  66  GLU GLU A . n 
A 1 67  LEU 67  67  67  LEU LEU A . n 
A 1 68  ILE 68  68  68  ILE ILE A . n 
A 1 69  ALA 69  69  69  ALA ALA A . n 
A 1 70  LEU 70  70  70  LEU LEU A . n 
A 1 71  THR 71  71  71  THR THR A . n 
A 1 72  GLN 72  72  72  GLN GLN A . n 
A 1 73  ALA 73  73  73  ALA ALA A . n 
A 1 74  LEU 74  74  74  LEU LEU A . n 
A 1 75  LYS 75  75  75  LYS LYS A . n 
A 1 76  MSE 76  76  76  MSE MSE A . n 
A 1 77  ALA 77  77  77  ALA ALA A . n 
A 1 78  GLU 78  78  78  GLU GLU A . n 
A 1 79  GLY 79  79  79  GLY GLY A . n 
A 1 80  LYS 80  80  80  LYS LYS A . n 
A 1 81  LYS 81  81  81  LYS LYS A . n 
A 1 82  LEU 82  82  82  LEU LEU A . n 
A 1 83  ASN 83  83  83  ASN ASN A . n 
A 1 84  VAL 84  84  84  VAL VAL A . n 
A 1 85  TYR 85  85  85  TYR TYR A . n 
A 1 86  THR 86  86  86  THR THR A . n 
A 1 87  ASP 87  87  87  ASP ASP A . n 
A 1 88  SER 88  88  88  SER SER A . n 
A 1 89  ARG 89  89  89  ARG ARG A . n 
A 1 90  TYR 90  90  90  TYR TYR A . n 
A 1 91  ALA 91  91  91  ALA ALA A . n 
A 1 92  PHE 92  92  92  PHE PHE A . n 
A 1 93  ALA 93  93  93  ALA ALA A . n 
A 1 94  THR 94  94  94  THR THR A . n 
A 1 95  ALA 95  95  95  ALA ALA A . n 
A 1 96  HIS 96  96  96  HIS HIS A . n 
A 1 97  LEU 97  97  97  LEU LEU A . n 
A 1 98  THR 98  98  98  THR THR A . n 
A 1 99  SER 99  99  99  SER SER A . n 
A 1 100 GLU 100 100 100 GLU GLU A . n 
A 1 101 GLY 101 101 101 GLY GLY A . n 
A 1 102 LYS 102 102 102 LYS LYS A . n 
A 1 103 GLU 103 103 103 GLU GLU A . n 
A 1 104 ILE 104 104 104 ILE ILE A . n 
A 1 105 LYS 105 105 105 LYS LYS A . n 
A 1 106 ASN 106 106 106 ASN ASN A . n 
A 1 107 LYS 107 107 107 LYS LYS A . n 
A 1 108 ASP 108 108 108 ASP ASP A . n 
A 1 109 GLU 109 109 109 GLU GLU A . n 
A 1 110 ILE 110 110 110 ILE ILE A . n 
A 1 111 LEU 111 111 111 LEU LEU A . n 
A 1 112 ALA 112 112 112 ALA ALA A . n 
A 1 113 LEU 113 113 113 LEU LEU A . n 
A 1 114 LEU 114 114 114 LEU LEU A . n 
A 1 115 LYS 115 115 115 LYS LYS A . n 
A 1 116 ALA 116 116 116 ALA ALA A . n 
A 1 117 LEU 117 117 117 LEU LEU A . n 
A 1 118 PHE 118 118 118 PHE PHE A . n 
A 1 119 LEU 119 119 119 LEU LEU A . n 
A 1 120 PRO 120 120 120 PRO PRO A . n 
A 1 121 LYS 121 121 121 LYS LYS A . n 
A 1 122 ARG 122 122 122 ARG ARG A . n 
A 1 123 LEU 123 123 123 LEU LEU A . n 
A 1 124 SER 124 124 124 SER SER A . n 
A 1 125 ILE 125 125 125 ILE ILE A . n 
A 1 126 ILE 126 126 126 ILE ILE A . n 
A 1 127 HIS 127 127 127 HIS HIS A . n 
A 1 128 CYS 128 128 128 CYS CYS A . n 
A 1 129 PRO 129 129 ?   ?   ?   A . n 
A 1 130 GLY 130 130 ?   ?   ?   A . n 
A 1 131 HIS 131 131 ?   ?   ?   A . n 
A 1 132 GLN 132 132 ?   ?   ?   A . n 
A 1 133 LYS 133 133 ?   ?   ?   A . n 
A 1 134 GLY 134 134 134 GLY GLY A . n 
A 1 135 HIS 135 135 135 HIS HIS A . n 
A 1 136 SER 136 136 136 SER SER A . n 
A 1 137 ALA 137 137 137 ALA ALA A . n 
A 1 138 GLU 138 138 138 GLU GLU A . n 
A 1 139 ALA 139 139 139 ALA ALA A . n 
A 1 140 ARG 140 140 140 ARG ARG A . n 
A 1 141 GLY 141 141 141 GLY GLY A . n 
A 1 142 ASN 142 142 142 ASN ASN A . n 
A 1 143 ARG 143 143 143 ARG ARG A . n 
A 1 144 MSE 144 144 144 MSE MSE A . n 
A 1 145 ALA 145 145 145 ALA ALA A . n 
A 1 146 ASP 146 146 146 ASP ASP A . n 
A 1 147 GLN 147 147 147 GLN GLN A . n 
A 1 148 ALA 148 148 148 ALA ALA A . n 
A 1 149 ALA 149 149 149 ALA ALA A . n 
A 1 150 ARG 150 150 150 ARG ARG A . n 
A 1 151 LYS 151 151 151 LYS LYS A . n 
A 1 152 ALA 152 152 152 ALA ALA A . n 
A 1 153 ALA 153 153 153 ALA ALA A . n 
A 1 154 ILE 154 154 154 ILE ILE A . n 
A 1 155 THR 155 155 155 THR THR A . n 
A 1 156 GLU 156 156 156 GLU GLU A . n 
A 1 157 THR 157 157 157 THR THR A . n 
A 1 158 PRO 158 158 158 PRO PRO A . n 
A 1 159 ASP 159 159 159 ASP ASP A . n 
A 1 160 THR 160 160 160 THR ALA A . n 
A 1 161 SER 161 161 161 SER SER A . n 
A 1 162 THR 162 162 ?   ?   ?   A . n 
A 1 163 LEU 163 163 ?   ?   ?   A . n 
A 1 164 LEU 164 164 ?   ?   ?   A . n 
# 
loop_
_pdbx_nonpoly_scheme.asym_id 
_pdbx_nonpoly_scheme.entity_id 
_pdbx_nonpoly_scheme.mon_id 
_pdbx_nonpoly_scheme.ndb_seq_num 
_pdbx_nonpoly_scheme.pdb_seq_num 
_pdbx_nonpoly_scheme.auth_seq_num 
_pdbx_nonpoly_scheme.pdb_mon_id 
_pdbx_nonpoly_scheme.auth_mon_id 
_pdbx_nonpoly_scheme.pdb_strand_id 
_pdbx_nonpoly_scheme.pdb_ins_code 
B 2 MG  1   200 1   MG  MG2 A . 
C 3 SO4 1   201 1   SO4 SO4 A . 
D 4 HOH 1   202 1   HOH WAT A . 
D 4 HOH 2   203 2   HOH WAT A . 
D 4 HOH 3   204 1   HOH WAT A . 
D 4 HOH 4   205 2   HOH WAT A . 
D 4 HOH 5   206 3   HOH WAT A . 
D 4 HOH 6   207 4   HOH WAT A . 
D 4 HOH 7   208 5   HOH WAT A . 
D 4 HOH 8   209 6   HOH WAT A . 
D 4 HOH 9   210 7   HOH WAT A . 
D 4 HOH 10  211 8   HOH WAT A . 
D 4 HOH 11  212 9   HOH WAT A . 
D 4 HOH 12  213 10  HOH WAT A . 
D 4 HOH 13  214 11  HOH WAT A . 
D 4 HOH 14  215 12  HOH WAT A . 
D 4 HOH 15  216 13  HOH WAT A . 
D 4 HOH 16  217 14  HOH WAT A . 
D 4 HOH 17  218 15  HOH WAT A . 
D 4 HOH 18  219 16  HOH WAT A . 
D 4 HOH 19  220 17  HOH WAT A . 
D 4 HOH 20  221 18  HOH WAT A . 
D 4 HOH 21  222 19  HOH WAT A . 
D 4 HOH 22  223 20  HOH WAT A . 
D 4 HOH 23  224 21  HOH WAT A . 
D 4 HOH 24  225 22  HOH WAT A . 
D 4 HOH 25  226 23  HOH WAT A . 
D 4 HOH 26  227 24  HOH WAT A . 
D 4 HOH 27  228 25  HOH WAT A . 
D 4 HOH 28  229 26  HOH WAT A . 
D 4 HOH 29  230 27  HOH WAT A . 
D 4 HOH 30  231 28  HOH WAT A . 
D 4 HOH 31  232 29  HOH WAT A . 
D 4 HOH 32  233 30  HOH WAT A . 
D 4 HOH 33  234 31  HOH WAT A . 
D 4 HOH 34  235 32  HOH WAT A . 
D 4 HOH 35  236 33  HOH WAT A . 
D 4 HOH 36  237 34  HOH WAT A . 
D 4 HOH 37  238 35  HOH WAT A . 
D 4 HOH 38  239 36  HOH WAT A . 
D 4 HOH 39  240 37  HOH WAT A . 
D 4 HOH 40  241 38  HOH WAT A . 
D 4 HOH 41  242 39  HOH WAT A . 
D 4 HOH 42  243 40  HOH WAT A . 
D 4 HOH 43  244 41  HOH WAT A . 
D 4 HOH 44  245 42  HOH WAT A . 
D 4 HOH 45  246 43  HOH WAT A . 
D 4 HOH 46  247 44  HOH WAT A . 
D 4 HOH 47  248 45  HOH WAT A . 
D 4 HOH 48  249 46  HOH WAT A . 
D 4 HOH 49  250 47  HOH WAT A . 
D 4 HOH 50  251 48  HOH WAT A . 
D 4 HOH 51  252 49  HOH WAT A . 
D 4 HOH 52  253 50  HOH WAT A . 
D 4 HOH 53  254 51  HOH WAT A . 
D 4 HOH 54  255 52  HOH WAT A . 
D 4 HOH 55  256 53  HOH WAT A . 
D 4 HOH 56  257 54  HOH WAT A . 
D 4 HOH 57  258 55  HOH WAT A . 
D 4 HOH 58  259 56  HOH WAT A . 
D 4 HOH 59  260 57  HOH WAT A . 
D 4 HOH 60  261 58  HOH WAT A . 
D 4 HOH 61  262 59  HOH WAT A . 
D 4 HOH 62  263 60  HOH WAT A . 
D 4 HOH 63  264 61  HOH WAT A . 
D 4 HOH 64  265 62  HOH WAT A . 
D 4 HOH 65  266 63  HOH WAT A . 
D 4 HOH 66  267 64  HOH WAT A . 
D 4 HOH 67  268 65  HOH WAT A . 
D 4 HOH 68  269 66  HOH WAT A . 
D 4 HOH 69  270 67  HOH WAT A . 
D 4 HOH 70  271 68  HOH WAT A . 
D 4 HOH 71  272 69  HOH WAT A . 
D 4 HOH 72  273 70  HOH WAT A . 
D 4 HOH 73  274 71  HOH WAT A . 
D 4 HOH 74  275 72  HOH WAT A . 
D 4 HOH 75  276 73  HOH WAT A . 
D 4 HOH 76  277 74  HOH WAT A . 
D 4 HOH 77  278 75  HOH WAT A . 
D 4 HOH 78  279 76  HOH WAT A . 
D 4 HOH 79  280 77  HOH WAT A . 
D 4 HOH 80  281 78  HOH WAT A . 
D 4 HOH 81  282 79  HOH WAT A . 
D 4 HOH 82  283 80  HOH WAT A . 
D 4 HOH 83  284 81  HOH WAT A . 
D 4 HOH 84  285 82  HOH WAT A . 
D 4 HOH 85  286 83  HOH WAT A . 
D 4 HOH 86  287 84  HOH WAT A . 
D 4 HOH 87  288 85  HOH WAT A . 
D 4 HOH 88  289 86  HOH WAT A . 
D 4 HOH 89  290 87  HOH WAT A . 
D 4 HOH 90  291 88  HOH WAT A . 
D 4 HOH 91  292 89  HOH WAT A . 
D 4 HOH 92  293 90  HOH WAT A . 
D 4 HOH 93  294 91  HOH WAT A . 
D 4 HOH 94  295 92  HOH WAT A . 
D 4 HOH 95  296 93  HOH WAT A . 
D 4 HOH 96  297 94  HOH WAT A . 
D 4 HOH 97  298 95  HOH WAT A . 
D 4 HOH 98  299 96  HOH WAT A . 
D 4 HOH 99  300 97  HOH WAT A . 
D 4 HOH 100 301 98  HOH WAT A . 
D 4 HOH 101 302 99  HOH WAT A . 
D 4 HOH 102 303 100 HOH WAT A . 
D 4 HOH 103 304 101 HOH WAT A . 
D 4 HOH 104 305 102 HOH WAT A . 
D 4 HOH 105 306 103 HOH WAT A . 
D 4 HOH 106 307 104 HOH WAT A . 
D 4 HOH 107 308 105 HOH WAT A . 
D 4 HOH 108 309 106 HOH WAT A . 
D 4 HOH 109 310 107 HOH WAT A . 
D 4 HOH 110 311 108 HOH WAT A . 
D 4 HOH 111 312 109 HOH WAT A . 
D 4 HOH 112 313 110 HOH WAT A . 
D 4 HOH 113 314 111 HOH WAT A . 
D 4 HOH 114 315 112 HOH WAT A . 
D 4 HOH 115 316 113 HOH WAT A . 
D 4 HOH 116 317 114 HOH WAT A . 
D 4 HOH 117 318 115 HOH WAT A . 
D 4 HOH 118 319 116 HOH WAT A . 
D 4 HOH 119 320 117 HOH WAT A . 
D 4 HOH 120 321 118 HOH WAT A . 
D 4 HOH 121 322 119 HOH WAT A . 
D 4 HOH 122 323 120 HOH WAT A . 
D 4 HOH 123 324 121 HOH WAT A . 
D 4 HOH 124 325 122 HOH WAT A . 
D 4 HOH 125 326 123 HOH WAT A . 
D 4 HOH 126 327 124 HOH WAT A . 
D 4 HOH 127 328 125 HOH WAT A . 
D 4 HOH 128 329 126 HOH WAT A . 
D 4 HOH 129 330 127 HOH WAT A . 
D 4 HOH 130 331 128 HOH WAT A . 
D 4 HOH 131 332 129 HOH WAT A . 
D 4 HOH 132 333 130 HOH WAT A . 
D 4 HOH 133 334 131 HOH WAT A . 
D 4 HOH 134 335 132 HOH WAT A . 
D 4 HOH 135 336 133 HOH WAT A . 
D 4 HOH 136 337 134 HOH WAT A . 
D 4 HOH 137 338 135 HOH WAT A . 
D 4 HOH 138 339 136 HOH WAT A . 
D 4 HOH 139 340 137 HOH WAT A . 
D 4 HOH 140 341 138 HOH WAT A . 
D 4 HOH 141 342 139 HOH WAT A . 
D 4 HOH 142 343 140 HOH WAT A . 
D 4 HOH 143 344 141 HOH WAT A . 
D 4 HOH 144 345 142 HOH WAT A . 
D 4 HOH 145 346 143 HOH WAT A . 
D 4 HOH 146 347 144 HOH WAT A . 
D 4 HOH 147 348 145 HOH WAT A . 
D 4 HOH 148 349 146 HOH WAT A . 
# 
loop_
_pdbx_unobs_or_zero_occ_atoms.id 
_pdbx_unobs_or_zero_occ_atoms.PDB_model_num 
_pdbx_unobs_or_zero_occ_atoms.polymer_flag 
_pdbx_unobs_or_zero_occ_atoms.occupancy_flag 
_pdbx_unobs_or_zero_occ_atoms.auth_asym_id 
_pdbx_unobs_or_zero_occ_atoms.auth_comp_id 
_pdbx_unobs_or_zero_occ_atoms.auth_seq_id 
_pdbx_unobs_or_zero_occ_atoms.PDB_ins_code 
_pdbx_unobs_or_zero_occ_atoms.auth_atom_id 
_pdbx_unobs_or_zero_occ_atoms.label_alt_id 
_pdbx_unobs_or_zero_occ_atoms.label_asym_id 
_pdbx_unobs_or_zero_occ_atoms.label_comp_id 
_pdbx_unobs_or_zero_occ_atoms.label_seq_id 
_pdbx_unobs_or_zero_occ_atoms.label_atom_id 
1 1 Y 1 A HIS 7   ? CB  ? A HIS 7   CB  
2 1 Y 1 A HIS 7   ? CG  ? A HIS 7   CG  
3 1 Y 1 A HIS 7   ? ND1 ? A HIS 7   ND1 
4 1 Y 1 A HIS 7   ? CD2 ? A HIS 7   CD2 
5 1 Y 1 A HIS 7   ? CE1 ? A HIS 7   CE1 
6 1 Y 1 A HIS 7   ? NE2 ? A HIS 7   NE2 
7 1 Y 1 A THR 160 ? OG1 ? A THR 160 OG1 
8 1 Y 1 A THR 160 ? CG2 ? A THR 160 CG2 
# 
loop_
_software.name 
_software.classification 
_software.version 
_software.citation_id 
_software.pdbx_ordinal 
_software.date 
_software.type 
_software.location 
_software.language 
ADSC      'data collection' .   ? 1 ? ? ? ? 
DENZO     'data reduction'  .   ? 2 ? ? ? ? 
SnB       phasing           .   ? 3 ? ? ? ? 
CNS       refinement        1.1 ? 4 ? ? ? ? 
SCALEPACK 'data scaling'    .   ? 5 ? ? ? ? 
# 
_cell.entry_id           2HB5 
_cell.length_a           32.326 
_cell.length_b           34.107 
_cell.length_c           34.802 
_cell.angle_alpha        78.21 
_cell.angle_beta         69.85 
_cell.angle_gamma        64.79 
_cell.Z_PDB              1 
_cell.pdbx_unique_axis   ? 
_cell.length_a_esd       ? 
_cell.length_b_esd       ? 
_cell.length_c_esd       ? 
_cell.angle_alpha_esd    ? 
_cell.angle_beta_esd     ? 
_cell.angle_gamma_esd    ? 
# 
_symmetry.entry_id                         2HB5 
_symmetry.space_group_name_H-M             'P 1' 
_symmetry.pdbx_full_space_group_name_H-M   ? 
_symmetry.cell_setting                     ? 
_symmetry.Int_Tables_number                1 
_symmetry.space_group_name_Hall            ? 
# 
_exptl.entry_id          2HB5 
_exptl.method            'X-RAY DIFFRACTION' 
_exptl.crystals_number   1 
# 
_exptl_crystal.id                    1 
_exptl_crystal.density_meas          ? 
_exptl_crystal.density_Matthews      1.83 
_exptl_crystal.density_percent_sol   32.69 
_exptl_crystal.description           ? 
_exptl_crystal.F_000                 ? 
_exptl_crystal.preparation           ? 
# 
_exptl_crystal_grow.crystal_id      1 
_exptl_crystal_grow.method          'VAPOR DIFFUSION, HANGING DROP' 
_exptl_crystal_grow.temp            293 
_exptl_crystal_grow.temp_details    ? 
_exptl_crystal_grow.pH              5.0 
_exptl_crystal_grow.pdbx_details    
;15% PEG 4000, 0.1M ammonium sulfate, 150mM NaCl, 1.25%PEG-MME 550, 1% 2-propanol, 0.5mM zinc sulfate, 5mM MES , pH 5.0, VAPOR DIFFUSION, HANGING DROP, temperature 293K
;
_exptl_crystal_grow.pdbx_pH_range   . 
# 
_diffrn.id                     1 
_diffrn.ambient_temp           100 
_diffrn.ambient_temp_details   ? 
_diffrn.crystal_id             1 
# 
_diffrn_detector.diffrn_id              1 
_diffrn_detector.detector               CCD 
_diffrn_detector.type                   'ADSC QUANTUM 4' 
_diffrn_detector.pdbx_collection_date   ? 
_diffrn_detector.details                ? 
# 
_diffrn_radiation.diffrn_id                        1 
_diffrn_radiation.wavelength_id                    1 
_diffrn_radiation.pdbx_monochromatic_or_laue_m_l   M 
_diffrn_radiation.monochromator                    'Si 111 Channel' 
_diffrn_radiation.pdbx_diffrn_protocol             MAD 
_diffrn_radiation.pdbx_scattering_type             x-ray 
# 
loop_
_diffrn_radiation_wavelength.id 
_diffrn_radiation_wavelength.wavelength 
_diffrn_radiation_wavelength.wt 
1 0.98793 1.0 
2 0.97938 1.0 
3 0.97908 1.0 
4 0.96866 1.0 
# 
_diffrn_source.diffrn_id                   1 
_diffrn_source.source                      SYNCHROTRON 
_diffrn_source.type                        'NSLS BEAMLINE X4A' 
_diffrn_source.pdbx_synchrotron_site       NSLS 
_diffrn_source.pdbx_synchrotron_beamline   X4A 
_diffrn_source.pdbx_wavelength             ? 
_diffrn_source.pdbx_wavelength_list        '0.98793, 0.97938, 0.97908, 0.96866' 
# 
_reflns.entry_id                     2HB5 
_reflns.observed_criterion_sigma_F   0.0 
_reflns.observed_criterion_sigma_I   0.0 
_reflns.d_resolution_high            1.59 
_reflns.d_resolution_low             21.66 
_reflns.number_all                   15825 
_reflns.number_obs                   15825 
_reflns.percent_possible_obs         93.4 
_reflns.pdbx_Rmerge_I_obs            ? 
_reflns.pdbx_Rsym_value              ? 
_reflns.pdbx_netI_over_sigmaI        ? 
_reflns.B_iso_Wilson_estimate        ? 
_reflns.pdbx_redundancy              ? 
_reflns.R_free_details               ? 
_reflns.limit_h_max                  ? 
_reflns.limit_h_min                  ? 
_reflns.limit_k_max                  ? 
_reflns.limit_k_min                  ? 
_reflns.limit_l_max                  ? 
_reflns.limit_l_min                  ? 
_reflns.observed_criterion_F_max     ? 
_reflns.observed_criterion_F_min     ? 
_reflns.pdbx_chi_squared             ? 
_reflns.pdbx_scaling_rejects         ? 
_reflns.pdbx_diffrn_id               1 
_reflns.pdbx_ordinal                 1 
_reflns.pdbx_CC_half                 ? 
_reflns.pdbx_CC_star                 ? 
_reflns.pdbx_Rpim_I_all              ? 
_reflns.pdbx_Rrim_I_all              ? 
# 
_reflns_shell.d_res_high             1.59 
_reflns_shell.d_res_low              1.66 
_reflns_shell.percent_possible_all   91.0 
_reflns_shell.Rmerge_I_obs           ? 
_reflns_shell.pdbx_Rsym_value        ? 
_reflns_shell.meanI_over_sigI_obs    ? 
_reflns_shell.pdbx_redundancy        ? 
_reflns_shell.percent_possible_obs   ? 
_reflns_shell.number_unique_all      ? 
_reflns_shell.number_measured_all    ? 
_reflns_shell.number_measured_obs    ? 
_reflns_shell.number_unique_obs      ? 
_reflns_shell.pdbx_chi_squared       ? 
_reflns_shell.pdbx_diffrn_id         ? 
_reflns_shell.pdbx_ordinal           1 
_reflns_shell.pdbx_CC_half           ? 
_reflns_shell.pdbx_CC_star           ? 
_reflns_shell.pdbx_Rpim_I_all        ? 
_reflns_shell.pdbx_Rrim_I_all        ? 
# 
_refine.entry_id                                 2HB5 
_refine.ls_d_res_high                            1.59 
_refine.ls_d_res_low                             21.66 
_refine.pdbx_ls_sigma_F                          0.0 
_refine.pdbx_ls_sigma_I                          ? 
_refine.ls_number_reflns_all                     15825 
_refine.ls_number_reflns_obs                     15825 
_refine.ls_number_reflns_R_free                  1593 
_refine.ls_percent_reflns_obs                    93.4 
_refine.ls_R_factor_all                          ? 
_refine.ls_R_factor_obs                          ? 
_refine.ls_R_factor_R_work                       0.1955 
_refine.ls_R_factor_R_free                       0.2209 
_refine.ls_redundancy_reflns_obs                 ? 
_refine.pdbx_data_cutoff_high_absF               ? 
_refine.pdbx_data_cutoff_low_absF                ? 
_refine.ls_number_parameters                     ? 
_refine.ls_number_restraints                     ? 
_refine.ls_percent_reflns_R_free                 9.4 
_refine.ls_R_factor_R_free_error                 ? 
_refine.ls_R_factor_R_free_error_details         ? 
_refine.pdbx_method_to_determine_struct          MAD 
_refine.pdbx_starting_model                      ? 
_refine.pdbx_ls_cross_valid_method               THROUGHOUT 
_refine.pdbx_R_Free_selection_details            RANDOM 
_refine.pdbx_stereochem_target_val_spec_case     ? 
_refine.pdbx_stereochemistry_target_values       'Engh & Huber' 
_refine.solvent_model_details                    ? 
_refine.solvent_model_param_bsol                 ? 
_refine.solvent_model_param_ksol                 ? 
_refine.occupancy_max                            ? 
_refine.occupancy_min                            ? 
_refine.pdbx_isotropic_thermal_model             ? 
_refine.B_iso_mean                               ? 
_refine.aniso_B[1][1]                            ? 
_refine.aniso_B[1][2]                            ? 
_refine.aniso_B[1][3]                            ? 
_refine.aniso_B[2][2]                            ? 
_refine.aniso_B[2][3]                            ? 
_refine.aniso_B[3][3]                            ? 
_refine.details                                  ? 
_refine.B_iso_min                                ? 
_refine.B_iso_max                                ? 
_refine.correlation_coeff_Fo_to_Fc               ? 
_refine.correlation_coeff_Fo_to_Fc_free          ? 
_refine.pdbx_solvent_vdw_probe_radii             ? 
_refine.pdbx_solvent_ion_probe_radii             ? 
_refine.pdbx_solvent_shrinkage_radii             ? 
_refine.overall_SU_R_Cruickshank_DPI             ? 
_refine.overall_SU_R_free                        ? 
_refine.overall_SU_ML                            ? 
_refine.overall_SU_B                             ? 
_refine.pdbx_overall_ESU_R_Free                  ? 
_refine.pdbx_data_cutoff_high_rms_absF           ? 
_refine.pdbx_overall_ESU_R                       ? 
_refine.ls_wR_factor_R_free                      ? 
_refine.ls_wR_factor_R_work                      ? 
_refine.overall_FOM_free_R_set                   ? 
_refine.overall_FOM_work_R_set                   ? 
_refine.pdbx_overall_phase_error                 ? 
_refine.pdbx_refine_id                           'X-RAY DIFFRACTION' 
_refine.pdbx_diffrn_id                           1 
_refine.pdbx_TLS_residual_ADP_flag               ? 
_refine.pdbx_overall_SU_R_free_Cruickshank_DPI   ? 
_refine.pdbx_overall_SU_R_Blow_DPI               ? 
_refine.pdbx_overall_SU_R_free_Blow_DPI          ? 
# 
_refine_hist.pdbx_refine_id                   'X-RAY DIFFRACTION' 
_refine_hist.cycle_id                         LAST 
_refine_hist.pdbx_number_atoms_protein        1229 
_refine_hist.pdbx_number_atoms_nucleic_acid   0 
_refine_hist.pdbx_number_atoms_ligand         6 
_refine_hist.number_atoms_solvent             148 
_refine_hist.number_atoms_total               1383 
_refine_hist.d_res_high                       1.59 
_refine_hist.d_res_low                        21.66 
# 
loop_
_refine_ls_restr.type 
_refine_ls_restr.dev_ideal 
_refine_ls_restr.dev_ideal_target 
_refine_ls_restr.weight 
_refine_ls_restr.number 
_refine_ls_restr.pdbx_refine_id 
_refine_ls_restr.pdbx_restraint_function 
c_bond_d    0.005344 ? ? ? 'X-RAY DIFFRACTION' ? 
c_angle_deg 1.26072  ? ? ? 'X-RAY DIFFRACTION' ? 
# 
_struct.entry_id                  2HB5 
_struct.title                     'Crystal Structure of the Moloney Murine Leukemia Virus RNase H Domain' 
_struct.pdbx_model_details        ? 
_struct.pdbx_CASP_flag            ? 
_struct.pdbx_model_type_details   ? 
# 
_struct_keywords.entry_id        2HB5 
_struct_keywords.pdbx_keywords   HYDROLASE 
_struct_keywords.text            'RNase H, HYDROLASE' 
# 
loop_
_struct_asym.id 
_struct_asym.pdbx_blank_PDB_chainid_flag 
_struct_asym.pdbx_modified 
_struct_asym.entity_id 
_struct_asym.details 
A N N 1 ? 
B N N 2 ? 
C N N 3 ? 
D N N 4 ? 
# 
_struct_ref.id                         1 
_struct_ref.db_name                    UNP 
_struct_ref.db_code                    POL_MLVMO 
_struct_ref.pdbx_db_accession          P03355 
_struct_ref.entity_id                  1 
_struct_ref.pdbx_align_begin           618 
_struct_ref.pdbx_seq_one_letter_code   ? 
_struct_ref.pdbx_db_isoform            ? 
# 
_struct_ref_seq.align_id                      1 
_struct_ref_seq.ref_id                        1 
_struct_ref_seq.pdbx_PDB_id_code              2HB5 
_struct_ref_seq.pdbx_strand_id                A 
_struct_ref_seq.seq_align_beg                 2 
_struct_ref_seq.pdbx_seq_align_beg_ins_code   ? 
_struct_ref_seq.seq_align_end                 164 
_struct_ref_seq.pdbx_seq_align_end_ins_code   ? 
_struct_ref_seq.pdbx_db_accession             P03355 
_struct_ref_seq.db_align_beg                  618 
_struct_ref_seq.pdbx_db_align_beg_ins_code    ? 
_struct_ref_seq.db_align_end                  791 
_struct_ref_seq.pdbx_db_align_end_ins_code    ? 
_struct_ref_seq.pdbx_auth_seq_align_beg       2 
_struct_ref_seq.pdbx_auth_seq_align_end       164 
# 
loop_
_struct_ref_seq_dif.align_id 
_struct_ref_seq_dif.pdbx_pdb_id_code 
_struct_ref_seq_dif.mon_id 
_struct_ref_seq_dif.pdbx_pdb_strand_id 
_struct_ref_seq_dif.seq_num 
_struct_ref_seq_dif.pdbx_pdb_ins_code 
_struct_ref_seq_dif.pdbx_seq_db_name 
_struct_ref_seq_dif.pdbx_seq_db_accession_code 
_struct_ref_seq_dif.db_mon_id 
_struct_ref_seq_dif.pdbx_seq_db_seq_num 
_struct_ref_seq_dif.details 
_struct_ref_seq_dif.pdbx_auth_seq_num 
_struct_ref_seq_dif.pdbx_ordinal 
1 2HB5 GLY A 1   ? UNP P03355 ?   ?   'cloning artifact' 1   1  
1 2HB5 MSE A 76  ? UNP P03355 MET 692 'modified residue' 76  2  
1 2HB5 ?   A ?   ? UNP P03355 ILE 713 deletion           ?   3  
1 2HB5 ?   A ?   ? UNP P03355 HIS 714 deletion           ?   4  
1 2HB5 ?   A ?   ? UNP P03355 GLY 715 deletion           ?   5  
1 2HB5 ?   A ?   ? UNP P03355 GLU 716 deletion           ?   6  
1 2HB5 ?   A ?   ? UNP P03355 ILE 717 deletion           ?   7  
1 2HB5 ?   A ?   ? UNP P03355 TYR 718 deletion           ?   8  
1 2HB5 ?   A ?   ? UNP P03355 ARG 719 deletion           ?   9  
1 2HB5 ?   A ?   ? UNP P03355 ARG 720 deletion           ?   10 
1 2HB5 ?   A ?   ? UNP P03355 ARG 721 deletion           ?   11 
1 2HB5 ?   A ?   ? UNP P03355 GLY 722 deletion           ?   12 
1 2HB5 ?   A ?   ? UNP P03355 LEU 723 deletion           ?   13 
1 2HB5 MSE A 144 ? UNP P03355 MET 771 'modified residue' 144 14 
# 
_pdbx_struct_assembly.id                   1 
_pdbx_struct_assembly.details              author_and_software_defined_assembly 
_pdbx_struct_assembly.method_details       PISA 
_pdbx_struct_assembly.oligomeric_details   monomeric 
_pdbx_struct_assembly.oligomeric_count     1 
# 
_pdbx_struct_assembly_gen.assembly_id       1 
_pdbx_struct_assembly_gen.oper_expression   1 
_pdbx_struct_assembly_gen.asym_id_list      A,B,C,D 
# 
_pdbx_struct_oper_list.id                   1 
_pdbx_struct_oper_list.type                 'identity operation' 
_pdbx_struct_oper_list.name                 1_555 
_pdbx_struct_oper_list.symmetry_operation   x,y,z 
_pdbx_struct_oper_list.matrix[1][1]         1.0000000000 
_pdbx_struct_oper_list.matrix[1][2]         0.0000000000 
_pdbx_struct_oper_list.matrix[1][3]         0.0000000000 
_pdbx_struct_oper_list.vector[1]            0.0000000000 
_pdbx_struct_oper_list.matrix[2][1]         0.0000000000 
_pdbx_struct_oper_list.matrix[2][2]         1.0000000000 
_pdbx_struct_oper_list.matrix[2][3]         0.0000000000 
_pdbx_struct_oper_list.vector[2]            0.0000000000 
_pdbx_struct_oper_list.matrix[3][1]         0.0000000000 
_pdbx_struct_oper_list.matrix[3][2]         0.0000000000 
_pdbx_struct_oper_list.matrix[3][3]         1.0000000000 
_pdbx_struct_oper_list.vector[3]            0.0000000000 
# 
loop_
_struct_conf.conf_type_id 
_struct_conf.id 
_struct_conf.pdbx_PDB_helix_id 
_struct_conf.beg_label_comp_id 
_struct_conf.beg_label_asym_id 
_struct_conf.beg_label_seq_id 
_struct_conf.pdbx_beg_PDB_ins_code 
_struct_conf.end_label_comp_id 
_struct_conf.end_label_asym_id 
_struct_conf.end_label_seq_id 
_struct_conf.pdbx_end_PDB_ins_code 
_struct_conf.beg_auth_comp_id 
_struct_conf.beg_auth_asym_id 
_struct_conf.beg_auth_seq_id 
_struct_conf.end_auth_comp_id 
_struct_conf.end_auth_asym_id 
_struct_conf.end_auth_seq_id 
_struct_conf.pdbx_PDB_helix_class 
_struct_conf.details 
_struct_conf.pdbx_PDB_helix_length 
HELX_P HELX_P1 1 SER A 61  ? ALA A 77  ? SER A 61  ALA A 77  1 ? 17 
HELX_P HELX_P2 2 SER A 88  ? ALA A 95  ? SER A 88  ALA A 95  1 ? 8  
HELX_P HELX_P3 3 ASN A 106 ? LEU A 117 ? ASN A 106 LEU A 117 1 ? 12 
HELX_P HELX_P4 4 SER A 136 ? GLU A 156 ? SER A 136 GLU A 156 1 ? 21 
# 
_struct_conf_type.id          HELX_P 
_struct_conf_type.criteria    ? 
_struct_conf_type.reference   ? 
# 
loop_
_struct_conn.id 
_struct_conn.conn_type_id 
_struct_conn.pdbx_leaving_atom_flag 
_struct_conn.pdbx_PDB_id 
_struct_conn.ptnr1_label_asym_id 
_struct_conn.ptnr1_label_comp_id 
_struct_conn.ptnr1_label_seq_id 
_struct_conn.ptnr1_label_atom_id 
_struct_conn.pdbx_ptnr1_label_alt_id 
_struct_conn.pdbx_ptnr1_PDB_ins_code 
_struct_conn.pdbx_ptnr1_standard_comp_id 
_struct_conn.ptnr1_symmetry 
_struct_conn.ptnr2_label_asym_id 
_struct_conn.ptnr2_label_comp_id 
_struct_conn.ptnr2_label_seq_id 
_struct_conn.ptnr2_label_atom_id 
_struct_conn.pdbx_ptnr2_label_alt_id 
_struct_conn.pdbx_ptnr2_PDB_ins_code 
_struct_conn.ptnr1_auth_asym_id 
_struct_conn.ptnr1_auth_comp_id 
_struct_conn.ptnr1_auth_seq_id 
_struct_conn.ptnr2_auth_asym_id 
_struct_conn.ptnr2_auth_comp_id 
_struct_conn.ptnr2_auth_seq_id 
_struct_conn.ptnr2_symmetry 
_struct_conn.pdbx_ptnr3_label_atom_id 
_struct_conn.pdbx_ptnr3_label_seq_id 
_struct_conn.pdbx_ptnr3_label_comp_id 
_struct_conn.pdbx_ptnr3_label_asym_id 
_struct_conn.pdbx_ptnr3_label_alt_id 
_struct_conn.pdbx_ptnr3_PDB_ins_code 
_struct_conn.details 
_struct_conn.pdbx_dist_value 
_struct_conn.pdbx_value_order 
_struct_conn.pdbx_role 
covale1 covale both ? A LYS 75  C   A ? ? 1_555 A MSE 76  N  ? ? A LYS 75  A MSE 76  1_555 ? ? ? ? ? ? ? 1.329 ? ? 
covale2 covale both ? A LYS 75  C   B ? ? 1_555 A MSE 76  N  ? ? A LYS 75  A MSE 76  1_555 ? ? ? ? ? ? ? 1.329 ? ? 
covale3 covale both ? A MSE 76  C   ? ? ? 1_555 A ALA 77  N  ? ? A MSE 76  A ALA 77  1_555 ? ? ? ? ? ? ? 1.331 ? ? 
covale4 covale both ? A ARG 143 C   ? ? ? 1_555 A MSE 144 N  ? ? A ARG 143 A MSE 144 1_555 ? ? ? ? ? ? ? 1.329 ? ? 
covale5 covale both ? A MSE 144 C   ? ? ? 1_555 A ALA 145 N  ? ? A MSE 144 A ALA 145 1_555 ? ? ? ? ? ? ? 1.328 ? ? 
metalc1 metalc ?    ? A ASP 28  OD2 ? ? ? 1_555 B MG  .   MG ? ? A ASP 28  A MG  200 1_555 ? ? ? ? ? ? ? 2.410 ? ? 
metalc2 metalc ?    ? A GLU 66  OE2 A ? ? 1_555 B MG  .   MG ? ? A GLU 66  A MG  200 1_555 ? ? ? ? ? ? ? 2.378 ? ? 
metalc3 metalc ?    ? A ASP 87  OD2 ? ? ? 1_555 B MG  .   MG ? ? A ASP 87  A MG  200 1_555 ? ? ? ? ? ? ? 2.022 ? ? 
metalc4 metalc ?    ? A ASP 87  OD1 ? ? ? 1_555 B MG  .   MG ? ? A ASP 87  A MG  200 1_555 ? ? ? ? ? ? ? 2.795 ? ? 
metalc5 metalc ?    ? B MG  .   MG  ? ? ? 1_555 D HOH .   O  ? ? A MG  200 A HOH 202 1_555 ? ? ? ? ? ? ? 2.496 ? ? 
metalc6 metalc ?    ? B MG  .   MG  ? ? ? 1_555 D HOH .   O  ? ? A MG  200 A HOH 203 1_555 ? ? ? ? ? ? ? 2.601 ? ? 
# 
loop_
_struct_conn_type.id 
_struct_conn_type.criteria 
_struct_conn_type.reference 
covale ? ? 
metalc ? ? 
# 
loop_
_pdbx_struct_conn_angle.id 
_pdbx_struct_conn_angle.ptnr1_label_atom_id 
_pdbx_struct_conn_angle.ptnr1_label_alt_id 
_pdbx_struct_conn_angle.ptnr1_label_asym_id 
_pdbx_struct_conn_angle.ptnr1_label_comp_id 
_pdbx_struct_conn_angle.ptnr1_label_seq_id 
_pdbx_struct_conn_angle.ptnr1_auth_atom_id 
_pdbx_struct_conn_angle.ptnr1_auth_asym_id 
_pdbx_struct_conn_angle.ptnr1_auth_comp_id 
_pdbx_struct_conn_angle.ptnr1_auth_seq_id 
_pdbx_struct_conn_angle.ptnr1_PDB_ins_code 
_pdbx_struct_conn_angle.ptnr1_symmetry 
_pdbx_struct_conn_angle.ptnr2_label_atom_id 
_pdbx_struct_conn_angle.ptnr2_label_alt_id 
_pdbx_struct_conn_angle.ptnr2_label_asym_id 
_pdbx_struct_conn_angle.ptnr2_label_comp_id 
_pdbx_struct_conn_angle.ptnr2_label_seq_id 
_pdbx_struct_conn_angle.ptnr2_auth_atom_id 
_pdbx_struct_conn_angle.ptnr2_auth_asym_id 
_pdbx_struct_conn_angle.ptnr2_auth_comp_id 
_pdbx_struct_conn_angle.ptnr2_auth_seq_id 
_pdbx_struct_conn_angle.ptnr2_PDB_ins_code 
_pdbx_struct_conn_angle.ptnr2_symmetry 
_pdbx_struct_conn_angle.ptnr3_label_atom_id 
_pdbx_struct_conn_angle.ptnr3_label_alt_id 
_pdbx_struct_conn_angle.ptnr3_label_asym_id 
_pdbx_struct_conn_angle.ptnr3_label_comp_id 
_pdbx_struct_conn_angle.ptnr3_label_seq_id 
_pdbx_struct_conn_angle.ptnr3_auth_atom_id 
_pdbx_struct_conn_angle.ptnr3_auth_asym_id 
_pdbx_struct_conn_angle.ptnr3_auth_comp_id 
_pdbx_struct_conn_angle.ptnr3_auth_seq_id 
_pdbx_struct_conn_angle.ptnr3_PDB_ins_code 
_pdbx_struct_conn_angle.ptnr3_symmetry 
_pdbx_struct_conn_angle.value 
_pdbx_struct_conn_angle.value_esd 
1  OD2 ? A ASP 28 ? A ASP 28  ? 1_555 MG ? B MG . ? A MG 200 ? 1_555 OE2 A A GLU 66 ? A GLU 66  ? 1_555 110.8 ? 
2  OD2 ? A ASP 28 ? A ASP 28  ? 1_555 MG ? B MG . ? A MG 200 ? 1_555 OD2 ? A ASP 87 ? A ASP 87  ? 1_555 108.1 ? 
3  OE2 A A GLU 66 ? A GLU 66  ? 1_555 MG ? B MG . ? A MG 200 ? 1_555 OD2 ? A ASP 87 ? A ASP 87  ? 1_555 100.6 ? 
4  OD2 ? A ASP 28 ? A ASP 28  ? 1_555 MG ? B MG . ? A MG 200 ? 1_555 OD1 ? A ASP 87 ? A ASP 87  ? 1_555 86.1  ? 
5  OE2 A A GLU 66 ? A GLU 66  ? 1_555 MG ? B MG . ? A MG 200 ? 1_555 OD1 ? A ASP 87 ? A ASP 87  ? 1_555 151.3 ? 
6  OD2 ? A ASP 87 ? A ASP 87  ? 1_555 MG ? B MG . ? A MG 200 ? 1_555 OD1 ? A ASP 87 ? A ASP 87  ? 1_555 51.2  ? 
7  OD2 ? A ASP 28 ? A ASP 28  ? 1_555 MG ? B MG . ? A MG 200 ? 1_555 O   ? D HOH .  ? A HOH 202 ? 1_555 67.3  ? 
8  OE2 A A GLU 66 ? A GLU 66  ? 1_555 MG ? B MG . ? A MG 200 ? 1_555 O   ? D HOH .  ? A HOH 202 ? 1_555 137.5 ? 
9  OD2 ? A ASP 87 ? A ASP 87  ? 1_555 MG ? B MG . ? A MG 200 ? 1_555 O   ? D HOH .  ? A HOH 202 ? 1_555 120.8 ? 
10 OD1 ? A ASP 87 ? A ASP 87  ? 1_555 MG ? B MG . ? A MG 200 ? 1_555 O   ? D HOH .  ? A HOH 202 ? 1_555 69.8  ? 
11 OD2 ? A ASP 28 ? A ASP 28  ? 1_555 MG ? B MG . ? A MG 200 ? 1_555 O   ? D HOH .  ? A HOH 203 ? 1_555 75.6  ? 
12 OE2 A A GLU 66 ? A GLU 66  ? 1_555 MG ? B MG . ? A MG 200 ? 1_555 O   ? D HOH .  ? A HOH 203 ? 1_555 76.9  ? 
13 OD2 ? A ASP 87 ? A ASP 87  ? 1_555 MG ? B MG . ? A MG 200 ? 1_555 O   ? D HOH .  ? A HOH 203 ? 1_555 176.2 ? 
14 OD1 ? A ASP 87 ? A ASP 87  ? 1_555 MG ? B MG . ? A MG 200 ? 1_555 O   ? D HOH .  ? A HOH 203 ? 1_555 131.0 ? 
15 O   ? D HOH .  ? A HOH 202 ? 1_555 MG ? B MG . ? A MG 200 ? 1_555 O   ? D HOH .  ? A HOH 203 ? 1_555 61.3  ? 
# 
loop_
_pdbx_modification_feature.ordinal 
_pdbx_modification_feature.label_comp_id 
_pdbx_modification_feature.label_asym_id 
_pdbx_modification_feature.label_seq_id 
_pdbx_modification_feature.label_alt_id 
_pdbx_modification_feature.modified_residue_label_comp_id 
_pdbx_modification_feature.modified_residue_label_asym_id 
_pdbx_modification_feature.modified_residue_label_seq_id 
_pdbx_modification_feature.modified_residue_label_alt_id 
_pdbx_modification_feature.auth_comp_id 
_pdbx_modification_feature.auth_asym_id 
_pdbx_modification_feature.auth_seq_id 
_pdbx_modification_feature.PDB_ins_code 
_pdbx_modification_feature.symmetry 
_pdbx_modification_feature.modified_residue_auth_comp_id 
_pdbx_modification_feature.modified_residue_auth_asym_id 
_pdbx_modification_feature.modified_residue_auth_seq_id 
_pdbx_modification_feature.modified_residue_PDB_ins_code 
_pdbx_modification_feature.modified_residue_symmetry 
_pdbx_modification_feature.comp_id_linking_atom 
_pdbx_modification_feature.modified_residue_id_linking_atom 
_pdbx_modification_feature.modified_residue_id 
_pdbx_modification_feature.ref_pcm_id 
_pdbx_modification_feature.ref_comp_id 
_pdbx_modification_feature.type 
_pdbx_modification_feature.category 
1 MSE A 76  ? . . . . MSE A 76  ? 1_555 . . . . . . . MET 1 MSE Selenomethionine 'Named protein modification' 
2 MSE A 144 ? . . . . MSE A 144 ? 1_555 . . . . . . . MET 1 MSE Selenomethionine 'Named protein modification' 
# 
_struct_sheet.id               A 
_struct_sheet.type             ? 
_struct_sheet.number_strands   5 
_struct_sheet.details          ? 
# 
loop_
_struct_sheet_order.sheet_id 
_struct_sheet_order.range_id_1 
_struct_sheet_order.range_id_2 
_struct_sheet_order.offset 
_struct_sheet_order.sense 
A 1 2 ? anti-parallel 
A 2 3 ? anti-parallel 
A 3 4 ? parallel      
A 4 5 ? parallel      
# 
loop_
_struct_sheet_range.sheet_id 
_struct_sheet_range.id 
_struct_sheet_range.beg_label_comp_id 
_struct_sheet_range.beg_label_asym_id 
_struct_sheet_range.beg_label_seq_id 
_struct_sheet_range.pdbx_beg_PDB_ins_code 
_struct_sheet_range.end_label_comp_id 
_struct_sheet_range.end_label_asym_id 
_struct_sheet_range.end_label_seq_id 
_struct_sheet_range.pdbx_end_PDB_ins_code 
_struct_sheet_range.beg_auth_comp_id 
_struct_sheet_range.beg_auth_asym_id 
_struct_sheet_range.beg_auth_seq_id 
_struct_sheet_range.end_auth_comp_id 
_struct_sheet_range.end_auth_asym_id 
_struct_sheet_range.end_auth_seq_id 
A 1 VAL A 50  ? LEU A 56  ? VAL A 50  LEU A 56  
A 2 GLN A 37  ? THR A 45  ? GLN A 37  THR A 45  
A 3 HIS A 23  ? GLN A 34  ? HIS A 23  GLN A 34  
A 4 LYS A 81  ? THR A 86  ? LYS A 81  THR A 86  
A 5 ARG A 122 ? HIS A 127 ? ARG A 122 HIS A 127 
# 
loop_
_pdbx_struct_sheet_hbond.sheet_id 
_pdbx_struct_sheet_hbond.range_id_1 
_pdbx_struct_sheet_hbond.range_id_2 
_pdbx_struct_sheet_hbond.range_1_label_atom_id 
_pdbx_struct_sheet_hbond.range_1_label_comp_id 
_pdbx_struct_sheet_hbond.range_1_label_asym_id 
_pdbx_struct_sheet_hbond.range_1_label_seq_id 
_pdbx_struct_sheet_hbond.range_1_PDB_ins_code 
_pdbx_struct_sheet_hbond.range_1_auth_atom_id 
_pdbx_struct_sheet_hbond.range_1_auth_comp_id 
_pdbx_struct_sheet_hbond.range_1_auth_asym_id 
_pdbx_struct_sheet_hbond.range_1_auth_seq_id 
_pdbx_struct_sheet_hbond.range_2_label_atom_id 
_pdbx_struct_sheet_hbond.range_2_label_comp_id 
_pdbx_struct_sheet_hbond.range_2_label_asym_id 
_pdbx_struct_sheet_hbond.range_2_label_seq_id 
_pdbx_struct_sheet_hbond.range_2_PDB_ins_code 
_pdbx_struct_sheet_hbond.range_2_auth_atom_id 
_pdbx_struct_sheet_hbond.range_2_auth_comp_id 
_pdbx_struct_sheet_hbond.range_2_auth_asym_id 
_pdbx_struct_sheet_hbond.range_2_auth_seq_id 
A 1 2 O TRP A 52 ? O TRP A 52 N VAL A 44  ? N VAL A 44  
A 2 3 O GLY A 41 ? O GLY A 41 N SER A 30  ? N SER A 30  
A 3 4 N TRP A 25 ? N TRP A 25 O TYR A 85  ? O TYR A 85  
A 4 5 N VAL A 84 ? N VAL A 84 O ILE A 126 ? O ILE A 126 
# 
loop_
_struct_site.id 
_struct_site.pdbx_evidence_code 
_struct_site.pdbx_auth_asym_id 
_struct_site.pdbx_auth_comp_id 
_struct_site.pdbx_auth_seq_id 
_struct_site.pdbx_auth_ins_code 
_struct_site.pdbx_num_residues 
_struct_site.details 
AC1 Software A MG  200 ? 5  'BINDING SITE FOR RESIDUE MG A 200'  
AC2 Software A SO4 201 ? 10 'BINDING SITE FOR RESIDUE SO4 A 201' 
# 
loop_
_struct_site_gen.id 
_struct_site_gen.site_id 
_struct_site_gen.pdbx_num_res 
_struct_site_gen.label_comp_id 
_struct_site_gen.label_asym_id 
_struct_site_gen.label_seq_id 
_struct_site_gen.pdbx_auth_ins_code 
_struct_site_gen.auth_comp_id 
_struct_site_gen.auth_asym_id 
_struct_site_gen.auth_seq_id 
_struct_site_gen.label_atom_id 
_struct_site_gen.label_alt_id 
_struct_site_gen.symmetry 
_struct_site_gen.details 
1  AC1 5  ASP A 28  ? ASP A 28  . ? 1_555 ? 
2  AC1 5  GLU A 66  ? GLU A 66  . ? 1_555 ? 
3  AC1 5  ASP A 87  ? ASP A 87  . ? 1_555 ? 
4  AC1 5  HOH D .   ? HOH A 202 . ? 1_555 ? 
5  AC1 5  HOH D .   ? HOH A 203 . ? 1_555 ? 
6  AC2 10 ARG A 64  ? ARG A 64  . ? 1_555 ? 
7  AC2 10 LYS A 105 ? LYS A 105 . ? 1_555 ? 
8  AC2 10 ASN A 106 ? ASN A 106 . ? 1_555 ? 
9  AC2 10 LYS A 107 ? LYS A 107 . ? 1_555 ? 
10 AC2 10 GLY A 134 ? GLY A 134 . ? 1_456 ? 
11 AC2 10 HIS A 135 ? HIS A 135 . ? 1_456 ? 
12 AC2 10 SER A 136 ? SER A 136 . ? 1_456 ? 
13 AC2 10 HOH D .   ? HOH A 204 . ? 1_555 ? 
14 AC2 10 HOH D .   ? HOH A 229 . ? 1_456 ? 
15 AC2 10 HOH D .   ? HOH A 323 . ? 1_555 ? 
# 
_pdbx_entry_details.entry_id                   2HB5 
_pdbx_entry_details.compound_details           ? 
_pdbx_entry_details.source_details             ? 
_pdbx_entry_details.nonpolymer_details         ? 
_pdbx_entry_details.sequence_details           ? 
_pdbx_entry_details.has_ligand_of_interest     ? 
_pdbx_entry_details.has_protein_modification   Y 
# 
loop_
_pdbx_struct_mod_residue.id 
_pdbx_struct_mod_residue.label_asym_id 
_pdbx_struct_mod_residue.label_comp_id 
_pdbx_struct_mod_residue.label_seq_id 
_pdbx_struct_mod_residue.auth_asym_id 
_pdbx_struct_mod_residue.auth_comp_id 
_pdbx_struct_mod_residue.auth_seq_id 
_pdbx_struct_mod_residue.PDB_ins_code 
_pdbx_struct_mod_residue.parent_comp_id 
_pdbx_struct_mod_residue.details 
1 A MSE 76  A MSE 76  ? MET SELENOMETHIONINE 
2 A MSE 144 A MSE 144 ? MET SELENOMETHIONINE 
# 
loop_
_pdbx_unobs_or_zero_occ_residues.id 
_pdbx_unobs_or_zero_occ_residues.PDB_model_num 
_pdbx_unobs_or_zero_occ_residues.polymer_flag 
_pdbx_unobs_or_zero_occ_residues.occupancy_flag 
_pdbx_unobs_or_zero_occ_residues.auth_asym_id 
_pdbx_unobs_or_zero_occ_residues.auth_comp_id 
_pdbx_unobs_or_zero_occ_residues.auth_seq_id 
_pdbx_unobs_or_zero_occ_residues.PDB_ins_code 
_pdbx_unobs_or_zero_occ_residues.label_asym_id 
_pdbx_unobs_or_zero_occ_residues.label_comp_id 
_pdbx_unobs_or_zero_occ_residues.label_seq_id 
1  1 Y 1 A GLY 1   ? A GLY 1   
2  1 Y 1 A ILE 2   ? A ILE 2   
3  1 Y 1 A LEU 3   ? A LEU 3   
4  1 Y 1 A ALA 4   ? A ALA 4   
5  1 Y 1 A GLU 5   ? A GLU 5   
6  1 Y 1 A ALA 6   ? A ALA 6   
7  1 Y 1 A PRO 129 ? A PRO 129 
8  1 Y 1 A GLY 130 ? A GLY 130 
9  1 Y 1 A HIS 131 ? A HIS 131 
10 1 Y 1 A GLN 132 ? A GLN 132 
11 1 Y 1 A LYS 133 ? A LYS 133 
12 1 Y 1 A THR 162 ? A THR 162 
13 1 Y 1 A LEU 163 ? A LEU 163 
14 1 Y 1 A LEU 164 ? A LEU 164 
# 
loop_
_chem_comp_atom.comp_id 
_chem_comp_atom.atom_id 
_chem_comp_atom.type_symbol 
_chem_comp_atom.pdbx_aromatic_flag 
_chem_comp_atom.pdbx_stereo_config 
_chem_comp_atom.pdbx_ordinal 
ALA N    N  N N 1   
ALA CA   C  N S 2   
ALA C    C  N N 3   
ALA O    O  N N 4   
ALA CB   C  N N 5   
ALA OXT  O  N N 6   
ALA H    H  N N 7   
ALA H2   H  N N 8   
ALA HA   H  N N 9   
ALA HB1  H  N N 10  
ALA HB2  H  N N 11  
ALA HB3  H  N N 12  
ALA HXT  H  N N 13  
ARG N    N  N N 14  
ARG CA   C  N S 15  
ARG C    C  N N 16  
ARG O    O  N N 17  
ARG CB   C  N N 18  
ARG CG   C  N N 19  
ARG CD   C  N N 20  
ARG NE   N  N N 21  
ARG CZ   C  N N 22  
ARG NH1  N  N N 23  
ARG NH2  N  N N 24  
ARG OXT  O  N N 25  
ARG H    H  N N 26  
ARG H2   H  N N 27  
ARG HA   H  N N 28  
ARG HB2  H  N N 29  
ARG HB3  H  N N 30  
ARG HG2  H  N N 31  
ARG HG3  H  N N 32  
ARG HD2  H  N N 33  
ARG HD3  H  N N 34  
ARG HE   H  N N 35  
ARG HH11 H  N N 36  
ARG HH12 H  N N 37  
ARG HH21 H  N N 38  
ARG HH22 H  N N 39  
ARG HXT  H  N N 40  
ASN N    N  N N 41  
ASN CA   C  N S 42  
ASN C    C  N N 43  
ASN O    O  N N 44  
ASN CB   C  N N 45  
ASN CG   C  N N 46  
ASN OD1  O  N N 47  
ASN ND2  N  N N 48  
ASN OXT  O  N N 49  
ASN H    H  N N 50  
ASN H2   H  N N 51  
ASN HA   H  N N 52  
ASN HB2  H  N N 53  
ASN HB3  H  N N 54  
ASN HD21 H  N N 55  
ASN HD22 H  N N 56  
ASN HXT  H  N N 57  
ASP N    N  N N 58  
ASP CA   C  N S 59  
ASP C    C  N N 60  
ASP O    O  N N 61  
ASP CB   C  N N 62  
ASP CG   C  N N 63  
ASP OD1  O  N N 64  
ASP OD2  O  N N 65  
ASP OXT  O  N N 66  
ASP H    H  N N 67  
ASP H2   H  N N 68  
ASP HA   H  N N 69  
ASP HB2  H  N N 70  
ASP HB3  H  N N 71  
ASP HD2  H  N N 72  
ASP HXT  H  N N 73  
CYS N    N  N N 74  
CYS CA   C  N R 75  
CYS C    C  N N 76  
CYS O    O  N N 77  
CYS CB   C  N N 78  
CYS SG   S  N N 79  
CYS OXT  O  N N 80  
CYS H    H  N N 81  
CYS H2   H  N N 82  
CYS HA   H  N N 83  
CYS HB2  H  N N 84  
CYS HB3  H  N N 85  
CYS HG   H  N N 86  
CYS HXT  H  N N 87  
GLN N    N  N N 88  
GLN CA   C  N S 89  
GLN C    C  N N 90  
GLN O    O  N N 91  
GLN CB   C  N N 92  
GLN CG   C  N N 93  
GLN CD   C  N N 94  
GLN OE1  O  N N 95  
GLN NE2  N  N N 96  
GLN OXT  O  N N 97  
GLN H    H  N N 98  
GLN H2   H  N N 99  
GLN HA   H  N N 100 
GLN HB2  H  N N 101 
GLN HB3  H  N N 102 
GLN HG2  H  N N 103 
GLN HG3  H  N N 104 
GLN HE21 H  N N 105 
GLN HE22 H  N N 106 
GLN HXT  H  N N 107 
GLU N    N  N N 108 
GLU CA   C  N S 109 
GLU C    C  N N 110 
GLU O    O  N N 111 
GLU CB   C  N N 112 
GLU CG   C  N N 113 
GLU CD   C  N N 114 
GLU OE1  O  N N 115 
GLU OE2  O  N N 116 
GLU OXT  O  N N 117 
GLU H    H  N N 118 
GLU H2   H  N N 119 
GLU HA   H  N N 120 
GLU HB2  H  N N 121 
GLU HB3  H  N N 122 
GLU HG2  H  N N 123 
GLU HG3  H  N N 124 
GLU HE2  H  N N 125 
GLU HXT  H  N N 126 
GLY N    N  N N 127 
GLY CA   C  N N 128 
GLY C    C  N N 129 
GLY O    O  N N 130 
GLY OXT  O  N N 131 
GLY H    H  N N 132 
GLY H2   H  N N 133 
GLY HA2  H  N N 134 
GLY HA3  H  N N 135 
GLY HXT  H  N N 136 
HIS N    N  N N 137 
HIS CA   C  N S 138 
HIS C    C  N N 139 
HIS O    O  N N 140 
HIS CB   C  N N 141 
HIS CG   C  Y N 142 
HIS ND1  N  Y N 143 
HIS CD2  C  Y N 144 
HIS CE1  C  Y N 145 
HIS NE2  N  Y N 146 
HIS OXT  O  N N 147 
HIS H    H  N N 148 
HIS H2   H  N N 149 
HIS HA   H  N N 150 
HIS HB2  H  N N 151 
HIS HB3  H  N N 152 
HIS HD1  H  N N 153 
HIS HD2  H  N N 154 
HIS HE1  H  N N 155 
HIS HE2  H  N N 156 
HIS HXT  H  N N 157 
HOH O    O  N N 158 
HOH H1   H  N N 159 
HOH H2   H  N N 160 
ILE N    N  N N 161 
ILE CA   C  N S 162 
ILE C    C  N N 163 
ILE O    O  N N 164 
ILE CB   C  N S 165 
ILE CG1  C  N N 166 
ILE CG2  C  N N 167 
ILE CD1  C  N N 168 
ILE OXT  O  N N 169 
ILE H    H  N N 170 
ILE H2   H  N N 171 
ILE HA   H  N N 172 
ILE HB   H  N N 173 
ILE HG12 H  N N 174 
ILE HG13 H  N N 175 
ILE HG21 H  N N 176 
ILE HG22 H  N N 177 
ILE HG23 H  N N 178 
ILE HD11 H  N N 179 
ILE HD12 H  N N 180 
ILE HD13 H  N N 181 
ILE HXT  H  N N 182 
LEU N    N  N N 183 
LEU CA   C  N S 184 
LEU C    C  N N 185 
LEU O    O  N N 186 
LEU CB   C  N N 187 
LEU CG   C  N N 188 
LEU CD1  C  N N 189 
LEU CD2  C  N N 190 
LEU OXT  O  N N 191 
LEU H    H  N N 192 
LEU H2   H  N N 193 
LEU HA   H  N N 194 
LEU HB2  H  N N 195 
LEU HB3  H  N N 196 
LEU HG   H  N N 197 
LEU HD11 H  N N 198 
LEU HD12 H  N N 199 
LEU HD13 H  N N 200 
LEU HD21 H  N N 201 
LEU HD22 H  N N 202 
LEU HD23 H  N N 203 
LEU HXT  H  N N 204 
LYS N    N  N N 205 
LYS CA   C  N S 206 
LYS C    C  N N 207 
LYS O    O  N N 208 
LYS CB   C  N N 209 
LYS CG   C  N N 210 
LYS CD   C  N N 211 
LYS CE   C  N N 212 
LYS NZ   N  N N 213 
LYS OXT  O  N N 214 
LYS H    H  N N 215 
LYS H2   H  N N 216 
LYS HA   H  N N 217 
LYS HB2  H  N N 218 
LYS HB3  H  N N 219 
LYS HG2  H  N N 220 
LYS HG3  H  N N 221 
LYS HD2  H  N N 222 
LYS HD3  H  N N 223 
LYS HE2  H  N N 224 
LYS HE3  H  N N 225 
LYS HZ1  H  N N 226 
LYS HZ2  H  N N 227 
LYS HZ3  H  N N 228 
LYS HXT  H  N N 229 
MET N    N  N N 230 
MET CA   C  N S 231 
MET C    C  N N 232 
MET O    O  N N 233 
MET CB   C  N N 234 
MET CG   C  N N 235 
MET SD   S  N N 236 
MET CE   C  N N 237 
MET OXT  O  N N 238 
MET H    H  N N 239 
MET H2   H  N N 240 
MET HA   H  N N 241 
MET HB2  H  N N 242 
MET HB3  H  N N 243 
MET HG2  H  N N 244 
MET HG3  H  N N 245 
MET HE1  H  N N 246 
MET HE2  H  N N 247 
MET HE3  H  N N 248 
MET HXT  H  N N 249 
MG  MG   MG N N 250 
MSE N    N  N N 251 
MSE CA   C  N S 252 
MSE C    C  N N 253 
MSE O    O  N N 254 
MSE OXT  O  N N 255 
MSE CB   C  N N 256 
MSE CG   C  N N 257 
MSE SE   SE N N 258 
MSE CE   C  N N 259 
MSE H    H  N N 260 
MSE H2   H  N N 261 
MSE HA   H  N N 262 
MSE HXT  H  N N 263 
MSE HB2  H  N N 264 
MSE HB3  H  N N 265 
MSE HG2  H  N N 266 
MSE HG3  H  N N 267 
MSE HE1  H  N N 268 
MSE HE2  H  N N 269 
MSE HE3  H  N N 270 
PHE N    N  N N 271 
PHE CA   C  N S 272 
PHE C    C  N N 273 
PHE O    O  N N 274 
PHE CB   C  N N 275 
PHE CG   C  Y N 276 
PHE CD1  C  Y N 277 
PHE CD2  C  Y N 278 
PHE CE1  C  Y N 279 
PHE CE2  C  Y N 280 
PHE CZ   C  Y N 281 
PHE OXT  O  N N 282 
PHE H    H  N N 283 
PHE H2   H  N N 284 
PHE HA   H  N N 285 
PHE HB2  H  N N 286 
PHE HB3  H  N N 287 
PHE HD1  H  N N 288 
PHE HD2  H  N N 289 
PHE HE1  H  N N 290 
PHE HE2  H  N N 291 
PHE HZ   H  N N 292 
PHE HXT  H  N N 293 
PRO N    N  N N 294 
PRO CA   C  N S 295 
PRO C    C  N N 296 
PRO O    O  N N 297 
PRO CB   C  N N 298 
PRO CG   C  N N 299 
PRO CD   C  N N 300 
PRO OXT  O  N N 301 
PRO H    H  N N 302 
PRO HA   H  N N 303 
PRO HB2  H  N N 304 
PRO HB3  H  N N 305 
PRO HG2  H  N N 306 
PRO HG3  H  N N 307 
PRO HD2  H  N N 308 
PRO HD3  H  N N 309 
PRO HXT  H  N N 310 
SER N    N  N N 311 
SER CA   C  N S 312 
SER C    C  N N 313 
SER O    O  N N 314 
SER CB   C  N N 315 
SER OG   O  N N 316 
SER OXT  O  N N 317 
SER H    H  N N 318 
SER H2   H  N N 319 
SER HA   H  N N 320 
SER HB2  H  N N 321 
SER HB3  H  N N 322 
SER HG   H  N N 323 
SER HXT  H  N N 324 
SO4 S    S  N N 325 
SO4 O1   O  N N 326 
SO4 O2   O  N N 327 
SO4 O3   O  N N 328 
SO4 O4   O  N N 329 
THR N    N  N N 330 
THR CA   C  N S 331 
THR C    C  N N 332 
THR O    O  N N 333 
THR CB   C  N R 334 
THR OG1  O  N N 335 
THR CG2  C  N N 336 
THR OXT  O  N N 337 
THR H    H  N N 338 
THR H2   H  N N 339 
THR HA   H  N N 340 
THR HB   H  N N 341 
THR HG1  H  N N 342 
THR HG21 H  N N 343 
THR HG22 H  N N 344 
THR HG23 H  N N 345 
THR HXT  H  N N 346 
TRP N    N  N N 347 
TRP CA   C  N S 348 
TRP C    C  N N 349 
TRP O    O  N N 350 
TRP CB   C  N N 351 
TRP CG   C  Y N 352 
TRP CD1  C  Y N 353 
TRP CD2  C  Y N 354 
TRP NE1  N  Y N 355 
TRP CE2  C  Y N 356 
TRP CE3  C  Y N 357 
TRP CZ2  C  Y N 358 
TRP CZ3  C  Y N 359 
TRP CH2  C  Y N 360 
TRP OXT  O  N N 361 
TRP H    H  N N 362 
TRP H2   H  N N 363 
TRP HA   H  N N 364 
TRP HB2  H  N N 365 
TRP HB3  H  N N 366 
TRP HD1  H  N N 367 
TRP HE1  H  N N 368 
TRP HE3  H  N N 369 
TRP HZ2  H  N N 370 
TRP HZ3  H  N N 371 
TRP HH2  H  N N 372 
TRP HXT  H  N N 373 
TYR N    N  N N 374 
TYR CA   C  N S 375 
TYR C    C  N N 376 
TYR O    O  N N 377 
TYR CB   C  N N 378 
TYR CG   C  Y N 379 
TYR CD1  C  Y N 380 
TYR CD2  C  Y N 381 
TYR CE1  C  Y N 382 
TYR CE2  C  Y N 383 
TYR CZ   C  Y N 384 
TYR OH   O  N N 385 
TYR OXT  O  N N 386 
TYR H    H  N N 387 
TYR H2   H  N N 388 
TYR HA   H  N N 389 
TYR HB2  H  N N 390 
TYR HB3  H  N N 391 
TYR HD1  H  N N 392 
TYR HD2  H  N N 393 
TYR HE1  H  N N 394 
TYR HE2  H  N N 395 
TYR HH   H  N N 396 
TYR HXT  H  N N 397 
VAL N    N  N N 398 
VAL CA   C  N S 399 
VAL C    C  N N 400 
VAL O    O  N N 401 
VAL CB   C  N N 402 
VAL CG1  C  N N 403 
VAL CG2  C  N N 404 
VAL OXT  O  N N 405 
VAL H    H  N N 406 
VAL H2   H  N N 407 
VAL HA   H  N N 408 
VAL HB   H  N N 409 
VAL HG11 H  N N 410 
VAL HG12 H  N N 411 
VAL HG13 H  N N 412 
VAL HG21 H  N N 413 
VAL HG22 H  N N 414 
VAL HG23 H  N N 415 
VAL HXT  H  N N 416 
# 
loop_
_chem_comp_bond.comp_id 
_chem_comp_bond.atom_id_1 
_chem_comp_bond.atom_id_2 
_chem_comp_bond.value_order 
_chem_comp_bond.pdbx_aromatic_flag 
_chem_comp_bond.pdbx_stereo_config 
_chem_comp_bond.pdbx_ordinal 
ALA N   CA   sing N N 1   
ALA N   H    sing N N 2   
ALA N   H2   sing N N 3   
ALA CA  C    sing N N 4   
ALA CA  CB   sing N N 5   
ALA CA  HA   sing N N 6   
ALA C   O    doub N N 7   
ALA C   OXT  sing N N 8   
ALA CB  HB1  sing N N 9   
ALA CB  HB2  sing N N 10  
ALA CB  HB3  sing N N 11  
ALA OXT HXT  sing N N 12  
ARG N   CA   sing N N 13  
ARG N   H    sing N N 14  
ARG N   H2   sing N N 15  
ARG CA  C    sing N N 16  
ARG CA  CB   sing N N 17  
ARG CA  HA   sing N N 18  
ARG C   O    doub N N 19  
ARG C   OXT  sing N N 20  
ARG CB  CG   sing N N 21  
ARG CB  HB2  sing N N 22  
ARG CB  HB3  sing N N 23  
ARG CG  CD   sing N N 24  
ARG CG  HG2  sing N N 25  
ARG CG  HG3  sing N N 26  
ARG CD  NE   sing N N 27  
ARG CD  HD2  sing N N 28  
ARG CD  HD3  sing N N 29  
ARG NE  CZ   sing N N 30  
ARG NE  HE   sing N N 31  
ARG CZ  NH1  sing N N 32  
ARG CZ  NH2  doub N N 33  
ARG NH1 HH11 sing N N 34  
ARG NH1 HH12 sing N N 35  
ARG NH2 HH21 sing N N 36  
ARG NH2 HH22 sing N N 37  
ARG OXT HXT  sing N N 38  
ASN N   CA   sing N N 39  
ASN N   H    sing N N 40  
ASN N   H2   sing N N 41  
ASN CA  C    sing N N 42  
ASN CA  CB   sing N N 43  
ASN CA  HA   sing N N 44  
ASN C   O    doub N N 45  
ASN C   OXT  sing N N 46  
ASN CB  CG   sing N N 47  
ASN CB  HB2  sing N N 48  
ASN CB  HB3  sing N N 49  
ASN CG  OD1  doub N N 50  
ASN CG  ND2  sing N N 51  
ASN ND2 HD21 sing N N 52  
ASN ND2 HD22 sing N N 53  
ASN OXT HXT  sing N N 54  
ASP N   CA   sing N N 55  
ASP N   H    sing N N 56  
ASP N   H2   sing N N 57  
ASP CA  C    sing N N 58  
ASP CA  CB   sing N N 59  
ASP CA  HA   sing N N 60  
ASP C   O    doub N N 61  
ASP C   OXT  sing N N 62  
ASP CB  CG   sing N N 63  
ASP CB  HB2  sing N N 64  
ASP CB  HB3  sing N N 65  
ASP CG  OD1  doub N N 66  
ASP CG  OD2  sing N N 67  
ASP OD2 HD2  sing N N 68  
ASP OXT HXT  sing N N 69  
CYS N   CA   sing N N 70  
CYS N   H    sing N N 71  
CYS N   H2   sing N N 72  
CYS CA  C    sing N N 73  
CYS CA  CB   sing N N 74  
CYS CA  HA   sing N N 75  
CYS C   O    doub N N 76  
CYS C   OXT  sing N N 77  
CYS CB  SG   sing N N 78  
CYS CB  HB2  sing N N 79  
CYS CB  HB3  sing N N 80  
CYS SG  HG   sing N N 81  
CYS OXT HXT  sing N N 82  
GLN N   CA   sing N N 83  
GLN N   H    sing N N 84  
GLN N   H2   sing N N 85  
GLN CA  C    sing N N 86  
GLN CA  CB   sing N N 87  
GLN CA  HA   sing N N 88  
GLN C   O    doub N N 89  
GLN C   OXT  sing N N 90  
GLN CB  CG   sing N N 91  
GLN CB  HB2  sing N N 92  
GLN CB  HB3  sing N N 93  
GLN CG  CD   sing N N 94  
GLN CG  HG2  sing N N 95  
GLN CG  HG3  sing N N 96  
GLN CD  OE1  doub N N 97  
GLN CD  NE2  sing N N 98  
GLN NE2 HE21 sing N N 99  
GLN NE2 HE22 sing N N 100 
GLN OXT HXT  sing N N 101 
GLU N   CA   sing N N 102 
GLU N   H    sing N N 103 
GLU N   H2   sing N N 104 
GLU CA  C    sing N N 105 
GLU CA  CB   sing N N 106 
GLU CA  HA   sing N N 107 
GLU C   O    doub N N 108 
GLU C   OXT  sing N N 109 
GLU CB  CG   sing N N 110 
GLU CB  HB2  sing N N 111 
GLU CB  HB3  sing N N 112 
GLU CG  CD   sing N N 113 
GLU CG  HG2  sing N N 114 
GLU CG  HG3  sing N N 115 
GLU CD  OE1  doub N N 116 
GLU CD  OE2  sing N N 117 
GLU OE2 HE2  sing N N 118 
GLU OXT HXT  sing N N 119 
GLY N   CA   sing N N 120 
GLY N   H    sing N N 121 
GLY N   H2   sing N N 122 
GLY CA  C    sing N N 123 
GLY CA  HA2  sing N N 124 
GLY CA  HA3  sing N N 125 
GLY C   O    doub N N 126 
GLY C   OXT  sing N N 127 
GLY OXT HXT  sing N N 128 
HIS N   CA   sing N N 129 
HIS N   H    sing N N 130 
HIS N   H2   sing N N 131 
HIS CA  C    sing N N 132 
HIS CA  CB   sing N N 133 
HIS CA  HA   sing N N 134 
HIS C   O    doub N N 135 
HIS C   OXT  sing N N 136 
HIS CB  CG   sing N N 137 
HIS CB  HB2  sing N N 138 
HIS CB  HB3  sing N N 139 
HIS CG  ND1  sing Y N 140 
HIS CG  CD2  doub Y N 141 
HIS ND1 CE1  doub Y N 142 
HIS ND1 HD1  sing N N 143 
HIS CD2 NE2  sing Y N 144 
HIS CD2 HD2  sing N N 145 
HIS CE1 NE2  sing Y N 146 
HIS CE1 HE1  sing N N 147 
HIS NE2 HE2  sing N N 148 
HIS OXT HXT  sing N N 149 
HOH O   H1   sing N N 150 
HOH O   H2   sing N N 151 
ILE N   CA   sing N N 152 
ILE N   H    sing N N 153 
ILE N   H2   sing N N 154 
ILE CA  C    sing N N 155 
ILE CA  CB   sing N N 156 
ILE CA  HA   sing N N 157 
ILE C   O    doub N N 158 
ILE C   OXT  sing N N 159 
ILE CB  CG1  sing N N 160 
ILE CB  CG2  sing N N 161 
ILE CB  HB   sing N N 162 
ILE CG1 CD1  sing N N 163 
ILE CG1 HG12 sing N N 164 
ILE CG1 HG13 sing N N 165 
ILE CG2 HG21 sing N N 166 
ILE CG2 HG22 sing N N 167 
ILE CG2 HG23 sing N N 168 
ILE CD1 HD11 sing N N 169 
ILE CD1 HD12 sing N N 170 
ILE CD1 HD13 sing N N 171 
ILE OXT HXT  sing N N 172 
LEU N   CA   sing N N 173 
LEU N   H    sing N N 174 
LEU N   H2   sing N N 175 
LEU CA  C    sing N N 176 
LEU CA  CB   sing N N 177 
LEU CA  HA   sing N N 178 
LEU C   O    doub N N 179 
LEU C   OXT  sing N N 180 
LEU CB  CG   sing N N 181 
LEU CB  HB2  sing N N 182 
LEU CB  HB3  sing N N 183 
LEU CG  CD1  sing N N 184 
LEU CG  CD2  sing N N 185 
LEU CG  HG   sing N N 186 
LEU CD1 HD11 sing N N 187 
LEU CD1 HD12 sing N N 188 
LEU CD1 HD13 sing N N 189 
LEU CD2 HD21 sing N N 190 
LEU CD2 HD22 sing N N 191 
LEU CD2 HD23 sing N N 192 
LEU OXT HXT  sing N N 193 
LYS N   CA   sing N N 194 
LYS N   H    sing N N 195 
LYS N   H2   sing N N 196 
LYS CA  C    sing N N 197 
LYS CA  CB   sing N N 198 
LYS CA  HA   sing N N 199 
LYS C   O    doub N N 200 
LYS C   OXT  sing N N 201 
LYS CB  CG   sing N N 202 
LYS CB  HB2  sing N N 203 
LYS CB  HB3  sing N N 204 
LYS CG  CD   sing N N 205 
LYS CG  HG2  sing N N 206 
LYS CG  HG3  sing N N 207 
LYS CD  CE   sing N N 208 
LYS CD  HD2  sing N N 209 
LYS CD  HD3  sing N N 210 
LYS CE  NZ   sing N N 211 
LYS CE  HE2  sing N N 212 
LYS CE  HE3  sing N N 213 
LYS NZ  HZ1  sing N N 214 
LYS NZ  HZ2  sing N N 215 
LYS NZ  HZ3  sing N N 216 
LYS OXT HXT  sing N N 217 
MET N   CA   sing N N 218 
MET N   H    sing N N 219 
MET N   H2   sing N N 220 
MET CA  C    sing N N 221 
MET CA  CB   sing N N 222 
MET CA  HA   sing N N 223 
MET C   O    doub N N 224 
MET C   OXT  sing N N 225 
MET CB  CG   sing N N 226 
MET CB  HB2  sing N N 227 
MET CB  HB3  sing N N 228 
MET CG  SD   sing N N 229 
MET CG  HG2  sing N N 230 
MET CG  HG3  sing N N 231 
MET SD  CE   sing N N 232 
MET CE  HE1  sing N N 233 
MET CE  HE2  sing N N 234 
MET CE  HE3  sing N N 235 
MET OXT HXT  sing N N 236 
MSE N   CA   sing N N 237 
MSE N   H    sing N N 238 
MSE N   H2   sing N N 239 
MSE CA  C    sing N N 240 
MSE CA  CB   sing N N 241 
MSE CA  HA   sing N N 242 
MSE C   O    doub N N 243 
MSE C   OXT  sing N N 244 
MSE OXT HXT  sing N N 245 
MSE CB  CG   sing N N 246 
MSE CB  HB2  sing N N 247 
MSE CB  HB3  sing N N 248 
MSE CG  SE   sing N N 249 
MSE CG  HG2  sing N N 250 
MSE CG  HG3  sing N N 251 
MSE SE  CE   sing N N 252 
MSE CE  HE1  sing N N 253 
MSE CE  HE2  sing N N 254 
MSE CE  HE3  sing N N 255 
PHE N   CA   sing N N 256 
PHE N   H    sing N N 257 
PHE N   H2   sing N N 258 
PHE CA  C    sing N N 259 
PHE CA  CB   sing N N 260 
PHE CA  HA   sing N N 261 
PHE C   O    doub N N 262 
PHE C   OXT  sing N N 263 
PHE CB  CG   sing N N 264 
PHE CB  HB2  sing N N 265 
PHE CB  HB3  sing N N 266 
PHE CG  CD1  doub Y N 267 
PHE CG  CD2  sing Y N 268 
PHE CD1 CE1  sing Y N 269 
PHE CD1 HD1  sing N N 270 
PHE CD2 CE2  doub Y N 271 
PHE CD2 HD2  sing N N 272 
PHE CE1 CZ   doub Y N 273 
PHE CE1 HE1  sing N N 274 
PHE CE2 CZ   sing Y N 275 
PHE CE2 HE2  sing N N 276 
PHE CZ  HZ   sing N N 277 
PHE OXT HXT  sing N N 278 
PRO N   CA   sing N N 279 
PRO N   CD   sing N N 280 
PRO N   H    sing N N 281 
PRO CA  C    sing N N 282 
PRO CA  CB   sing N N 283 
PRO CA  HA   sing N N 284 
PRO C   O    doub N N 285 
PRO C   OXT  sing N N 286 
PRO CB  CG   sing N N 287 
PRO CB  HB2  sing N N 288 
PRO CB  HB3  sing N N 289 
PRO CG  CD   sing N N 290 
PRO CG  HG2  sing N N 291 
PRO CG  HG3  sing N N 292 
PRO CD  HD2  sing N N 293 
PRO CD  HD3  sing N N 294 
PRO OXT HXT  sing N N 295 
SER N   CA   sing N N 296 
SER N   H    sing N N 297 
SER N   H2   sing N N 298 
SER CA  C    sing N N 299 
SER CA  CB   sing N N 300 
SER CA  HA   sing N N 301 
SER C   O    doub N N 302 
SER C   OXT  sing N N 303 
SER CB  OG   sing N N 304 
SER CB  HB2  sing N N 305 
SER CB  HB3  sing N N 306 
SER OG  HG   sing N N 307 
SER OXT HXT  sing N N 308 
SO4 S   O1   doub N N 309 
SO4 S   O2   doub N N 310 
SO4 S   O3   sing N N 311 
SO4 S   O4   sing N N 312 
THR N   CA   sing N N 313 
THR N   H    sing N N 314 
THR N   H2   sing N N 315 
THR CA  C    sing N N 316 
THR CA  CB   sing N N 317 
THR CA  HA   sing N N 318 
THR C   O    doub N N 319 
THR C   OXT  sing N N 320 
THR CB  OG1  sing N N 321 
THR CB  CG2  sing N N 322 
THR CB  HB   sing N N 323 
THR OG1 HG1  sing N N 324 
THR CG2 HG21 sing N N 325 
THR CG2 HG22 sing N N 326 
THR CG2 HG23 sing N N 327 
THR OXT HXT  sing N N 328 
TRP N   CA   sing N N 329 
TRP N   H    sing N N 330 
TRP N   H2   sing N N 331 
TRP CA  C    sing N N 332 
TRP CA  CB   sing N N 333 
TRP CA  HA   sing N N 334 
TRP C   O    doub N N 335 
TRP C   OXT  sing N N 336 
TRP CB  CG   sing N N 337 
TRP CB  HB2  sing N N 338 
TRP CB  HB3  sing N N 339 
TRP CG  CD1  doub Y N 340 
TRP CG  CD2  sing Y N 341 
TRP CD1 NE1  sing Y N 342 
TRP CD1 HD1  sing N N 343 
TRP CD2 CE2  doub Y N 344 
TRP CD2 CE3  sing Y N 345 
TRP NE1 CE2  sing Y N 346 
TRP NE1 HE1  sing N N 347 
TRP CE2 CZ2  sing Y N 348 
TRP CE3 CZ3  doub Y N 349 
TRP CE3 HE3  sing N N 350 
TRP CZ2 CH2  doub Y N 351 
TRP CZ2 HZ2  sing N N 352 
TRP CZ3 CH2  sing Y N 353 
TRP CZ3 HZ3  sing N N 354 
TRP CH2 HH2  sing N N 355 
TRP OXT HXT  sing N N 356 
TYR N   CA   sing N N 357 
TYR N   H    sing N N 358 
TYR N   H2   sing N N 359 
TYR CA  C    sing N N 360 
TYR CA  CB   sing N N 361 
TYR CA  HA   sing N N 362 
TYR C   O    doub N N 363 
TYR C   OXT  sing N N 364 
TYR CB  CG   sing N N 365 
TYR CB  HB2  sing N N 366 
TYR CB  HB3  sing N N 367 
TYR CG  CD1  doub Y N 368 
TYR CG  CD2  sing Y N 369 
TYR CD1 CE1  sing Y N 370 
TYR CD1 HD1  sing N N 371 
TYR CD2 CE2  doub Y N 372 
TYR CD2 HD2  sing N N 373 
TYR CE1 CZ   doub Y N 374 
TYR CE1 HE1  sing N N 375 
TYR CE2 CZ   sing Y N 376 
TYR CE2 HE2  sing N N 377 
TYR CZ  OH   sing N N 378 
TYR OH  HH   sing N N 379 
TYR OXT HXT  sing N N 380 
VAL N   CA   sing N N 381 
VAL N   H    sing N N 382 
VAL N   H2   sing N N 383 
VAL CA  C    sing N N 384 
VAL CA  CB   sing N N 385 
VAL CA  HA   sing N N 386 
VAL C   O    doub N N 387 
VAL C   OXT  sing N N 388 
VAL CB  CG1  sing N N 389 
VAL CB  CG2  sing N N 390 
VAL CB  HB   sing N N 391 
VAL CG1 HG11 sing N N 392 
VAL CG1 HG12 sing N N 393 
VAL CG1 HG13 sing N N 394 
VAL CG2 HG21 sing N N 395 
VAL CG2 HG22 sing N N 396 
VAL CG2 HG23 sing N N 397 
VAL OXT HXT  sing N N 398 
# 
_atom_sites.entry_id                    2HB5 
_atom_sites.fract_transf_matrix[1][1]   -0.00052665 
_atom_sites.fract_transf_matrix[1][2]   -0.03558996 
_atom_sites.fract_transf_matrix[1][3]   0.00316586 
_atom_sites.fract_transf_matrix[2][1]   0.02968376 
_atom_sites.fract_transf_matrix[2][2]   0.01254051 
_atom_sites.fract_transf_matrix[2][3]   0.00407579 
_atom_sites.fract_transf_matrix[3][1]   -0.01073576 
_atom_sites.fract_transf_matrix[3][2]   0.01145674 
_atom_sites.fract_transf_matrix[3][3]   0.02635576 
_atom_sites.fract_transf_vector[1]      0.452357 
_atom_sites.fract_transf_vector[2]      0.180674 
_atom_sites.fract_transf_vector[3]      0.150191 
# 
loop_
_atom_type.symbol 
C  
MG 
N  
O  
S  
SE 
# 
loop_
_atom_site.group_PDB 
_atom_site.id 
_atom_site.type_symbol 
_atom_site.label_atom_id 
_atom_site.label_alt_id 
_atom_site.label_comp_id 
_atom_site.label_asym_id 
_atom_site.label_entity_id 
_atom_site.label_seq_id 
_atom_site.pdbx_PDB_ins_code 
_atom_site.Cartn_x 
_atom_site.Cartn_y 
_atom_site.Cartn_z 
_atom_site.occupancy 
_atom_site.B_iso_or_equiv 
_atom_site.pdbx_formal_charge 
_atom_site.auth_seq_id 
_atom_site.auth_comp_id 
_atom_site.auth_asym_id 
_atom_site.auth_atom_id 
_atom_site.pdbx_PDB_model_num 
ATOM   1    N  N   . HIS A 1 7   ? 11.779  11.123  -10.186 1.00 28.09 ? 7   HIS A N   1 
ATOM   2    C  CA  . HIS A 1 7   ? 10.329  10.899  -10.434 1.00 27.75 ? 7   HIS A CA  1 
ATOM   3    C  C   . HIS A 1 7   ? 9.485   11.247  -9.223  1.00 26.83 ? 7   HIS A C   1 
ATOM   4    O  O   . HIS A 1 7   ? 9.414   10.474  -8.268  1.00 26.55 ? 7   HIS A O   1 
ATOM   5    N  N   . GLY A 1 8   ? 8.848   12.414  -9.259  1.00 26.53 ? 8   GLY A N   1 
ATOM   6    C  CA  . GLY A 1 8   ? 8.013   12.840  -8.147  1.00 23.75 ? 8   GLY A CA  1 
ATOM   7    C  C   . GLY A 1 8   ? 8.760   13.723  -7.164  1.00 22.79 ? 8   GLY A C   1 
ATOM   8    O  O   . GLY A 1 8   ? 9.779   14.317  -7.513  1.00 22.53 ? 8   GLY A O   1 
ATOM   9    N  N   . THR A 1 9   ? 8.260   13.812  -5.935  1.00 21.85 ? 9   THR A N   1 
ATOM   10   C  CA  . THR A 1 9   ? 8.909   14.636  -4.919  1.00 22.36 ? 9   THR A CA  1 
ATOM   11   C  C   . THR A 1 9   ? 10.274  14.059  -4.554  1.00 21.19 ? 9   THR A C   1 
ATOM   12   O  O   . THR A 1 9   ? 11.193  14.800  -4.214  1.00 21.32 ? 9   THR A O   1 
ATOM   13   C  CB  . THR A 1 9   ? 8.049   14.757  -3.639  1.00 23.56 ? 9   THR A CB  1 
ATOM   14   O  OG1 . THR A 1 9   ? 7.824   13.459  -3.081  1.00 26.01 ? 9   THR A OG1 1 
ATOM   15   C  CG2 . THR A 1 9   ? 6.711   15.406  -3.958  1.00 25.33 ? 9   THR A CG2 1 
ATOM   16   N  N   . ARG A 1 10  ? 10.404  12.736  -4.625  1.00 19.33 ? 10  ARG A N   1 
ATOM   17   C  CA  . ARG A 1 10  ? 11.678  12.087  -4.323  1.00 18.06 ? 10  ARG A CA  1 
ATOM   18   C  C   . ARG A 1 10  ? 12.403  11.792  -5.640  1.00 19.14 ? 10  ARG A C   1 
ATOM   19   O  O   . ARG A 1 10  ? 12.055  10.857  -6.363  1.00 16.46 ? 10  ARG A O   1 
ATOM   20   C  CB  . ARG A 1 10  ? 11.459  10.792  -3.532  1.00 17.90 ? 10  ARG A CB  1 
ATOM   21   C  CG  . ARG A 1 10  ? 12.752  10.031  -3.304  1.00 16.21 ? 10  ARG A CG  1 
ATOM   22   C  CD  . ARG A 1 10  ? 12.631  8.911   -2.290  1.00 15.00 ? 10  ARG A CD  1 
ATOM   23   N  NE  . ARG A 1 10  ? 13.922  8.247   -2.145  1.00 15.68 ? 10  ARG A NE  1 
ATOM   24   C  CZ  . ARG A 1 10  ? 14.312  7.573   -1.070  1.00 16.66 ? 10  ARG A CZ  1 
ATOM   25   N  NH1 . ARG A 1 10  ? 13.505  7.458   -0.023  1.00 14.37 ? 10  ARG A NH1 1 
ATOM   26   N  NH2 . ARG A 1 10  ? 15.526  7.038   -1.035  1.00 16.31 ? 10  ARG A NH2 1 
ATOM   27   N  N   . PRO A 1 11  ? 13.427  12.597  -5.961  1.00 19.60 ? 11  PRO A N   1 
ATOM   28   C  CA  . PRO A 1 11  ? 14.248  12.505  -7.174  1.00 20.79 ? 11  PRO A CA  1 
ATOM   29   C  C   . PRO A 1 11  ? 14.809  11.144  -7.589  1.00 20.99 ? 11  PRO A C   1 
ATOM   30   O  O   . PRO A 1 11  ? 14.855  10.837  -8.783  1.00 23.24 ? 11  PRO A O   1 
ATOM   31   C  CB  . PRO A 1 11  ? 15.356  13.525  -6.912  1.00 21.29 ? 11  PRO A CB  1 
ATOM   32   C  CG  . PRO A 1 11  ? 14.647  14.573  -6.132  1.00 22.11 ? 11  PRO A CG  1 
ATOM   33   C  CD  . PRO A 1 11  ? 13.855  13.745  -5.142  1.00 19.42 ? 11  PRO A CD  1 
ATOM   34   N  N   . ASP A 1 12  ? 15.236  10.329  -6.630  1.00 19.53 ? 12  ASP A N   1 
ATOM   35   C  CA  . ASP A 1 12  ? 15.811  9.028   -6.977  1.00 19.29 ? 12  ASP A CA  1 
ATOM   36   C  C   . ASP A 1 12  ? 14.815  7.874   -7.076  1.00 19.30 ? 12  ASP A C   1 
ATOM   37   O  O   . ASP A 1 12  ? 15.218  6.734   -7.316  1.00 19.94 ? 12  ASP A O   1 
ATOM   38   C  CB  . ASP A 1 12  ? 16.922  8.650   -5.988  1.00 19.72 ? 12  ASP A CB  1 
ATOM   39   C  CG  . ASP A 1 12  ? 16.394  8.355   -4.595  1.00 21.08 ? 12  ASP A CG  1 
ATOM   40   O  OD1 . ASP A 1 12  ? 15.173  8.144   -4.449  1.00 22.10 ? 12  ASP A OD1 1 
ATOM   41   O  OD2 . ASP A 1 12  ? 17.205  8.319   -3.643  1.00 21.40 ? 12  ASP A OD2 1 
ATOM   42   N  N   . LEU A 1 13  ? 13.529  8.158   -6.898  1.00 17.53 ? 13  LEU A N   1 
ATOM   43   C  CA  . LEU A 1 13  ? 12.506  7.112   -6.968  1.00 18.77 ? 13  LEU A CA  1 
ATOM   44   C  C   . LEU A 1 13  ? 12.464  6.449   -8.342  1.00 19.58 ? 13  LEU A C   1 
ATOM   45   O  O   . LEU A 1 13  ? 12.278  7.121   -9.358  1.00 20.54 ? 13  LEU A O   1 
ATOM   46   C  CB  . LEU A 1 13  ? 11.123  7.691   -6.645  1.00 17.06 ? 13  LEU A CB  1 
ATOM   47   C  CG  . LEU A 1 13  ? 9.945   6.716   -6.741  1.00 17.47 ? 13  LEU A CG  1 
ATOM   48   C  CD1 . LEU A 1 13  ? 10.169  5.546   -5.785  1.00 17.48 ? 13  LEU A CD1 1 
ATOM   49   C  CD2 . LEU A 1 13  ? 8.645   7.436   -6.411  1.00 18.64 ? 13  LEU A CD2 1 
ATOM   50   N  N   . THR A 1 14  ? 12.636  5.131   -8.368  1.00 20.15 ? 14  THR A N   1 
ATOM   51   C  CA  . THR A 1 14  ? 12.611  4.381   -9.620  1.00 21.19 ? 14  THR A CA  1 
ATOM   52   C  C   . THR A 1 14  ? 11.365  3.503   -9.711  1.00 21.09 ? 14  THR A C   1 
ATOM   53   O  O   . THR A 1 14  ? 10.700  3.250   -8.708  1.00 18.25 ? 14  THR A O   1 
ATOM   54   C  CB  . THR A 1 14  ? 13.876  3.503   -9.772  1.00 21.97 ? 14  THR A CB  1 
ATOM   55   O  OG1 . THR A 1 14  ? 14.200  2.895   -8.514  1.00 23.12 ? 14  THR A OG1 1 
ATOM   56   C  CG2 . THR A 1 14  ? 15.055  4.344   -10.240 1.00 22.79 ? 14  THR A CG2 1 
ATOM   57   N  N   . ASP A 1 15  ? 11.053  3.049   -10.921 1.00 22.10 ? 15  ASP A N   1 
ATOM   58   C  CA  . ASP A 1 15  ? 9.881   2.210   -11.157 1.00 24.39 ? 15  ASP A CA  1 
ATOM   59   C  C   . ASP A 1 15  ? 10.298  0.786   -11.509 1.00 25.55 ? 15  ASP A C   1 
ATOM   60   O  O   . ASP A 1 15  ? 9.454   -0.091  -11.695 1.00 26.23 ? 15  ASP A O   1 
ATOM   61   C  CB  . ASP A 1 15  ? 9.051   2.786   -12.300 1.00 27.49 ? 15  ASP A CB  1 
ATOM   62   C  CG  . ASP A 1 15  ? 9.736   2.633   -13.641 1.00 28.94 ? 15  ASP A CG  1 
ATOM   63   O  OD1 . ASP A 1 15  ? 10.897  3.072   -13.767 1.00 31.58 ? 15  ASP A OD1 1 
ATOM   64   O  OD2 . ASP A 1 15  ? 9.115   2.071   -14.568 1.00 34.53 ? 15  ASP A OD2 1 
ATOM   65   N  N   . GLN A 1 16  ? 11.602  0.571   -11.625 1.00 26.39 ? 16  GLN A N   1 
ATOM   66   C  CA  . GLN A 1 16  ? 12.132  -0.750  -11.929 1.00 27.81 ? 16  GLN A CA  1 
ATOM   67   C  C   . GLN A 1 16  ? 12.816  -1.272  -10.671 1.00 25.80 ? 16  GLN A C   1 
ATOM   68   O  O   . GLN A 1 16  ? 13.482  -0.522  -9.957  1.00 25.45 ? 16  GLN A O   1 
ATOM   69   C  CB  . GLN A 1 16  ? 13.122  -0.681  -13.092 1.00 30.10 ? 16  GLN A CB  1 
ATOM   70   C  CG  . GLN A 1 16  ? 12.469  -0.359  -14.428 1.00 33.78 ? 16  GLN A CG  1 
ATOM   71   C  CD  . GLN A 1 16  ? 13.462  -0.334  -15.571 1.00 35.61 ? 16  GLN A CD  1 
ATOM   72   O  OE1 . GLN A 1 16  ? 14.180  -1.307  -15.804 1.00 37.22 ? 16  GLN A OE1 1 
ATOM   73   N  NE2 . GLN A 1 16  ? 13.504  0.779   -16.295 1.00 36.69 ? 16  GLN A NE2 1 
ATOM   74   N  N   . PRO A 1 17  ? 12.667  -2.571  -10.389 1.00 25.44 ? 17  PRO A N   1 
ATOM   75   C  CA  . PRO A 1 17  ? 13.276  -3.168  -9.199  1.00 24.31 ? 17  PRO A CA  1 
ATOM   76   C  C   . PRO A 1 17  ? 14.771  -2.949  -9.010  1.00 23.29 ? 17  PRO A C   1 
ATOM   77   O  O   . PRO A 1 17  ? 15.562  -3.047  -9.955  1.00 22.67 ? 17  PRO A O   1 
ATOM   78   C  CB  . PRO A 1 17  ? 12.917  -4.648  -9.334  1.00 26.37 ? 17  PRO A CB  1 
ATOM   79   C  CG  . PRO A 1 17  ? 12.833  -4.841  -10.814 1.00 27.34 ? 17  PRO A CG  1 
ATOM   80   C  CD  . PRO A 1 17  ? 12.083  -3.611  -11.254 1.00 25.44 ? 17  PRO A CD  1 
ATOM   81   N  N   . LEU A 1 18  ? 15.147  -2.637  -7.774  1.00 21.10 ? 18  LEU A N   1 
ATOM   82   C  CA  . LEU A 1 18  ? 16.544  -2.436  -7.425  1.00 22.49 ? 18  LEU A CA  1 
ATOM   83   C  C   . LEU A 1 18  ? 17.162  -3.830  -7.447  1.00 24.04 ? 18  LEU A C   1 
ATOM   84   O  O   . LEU A 1 18  ? 16.540  -4.794  -7.003  1.00 23.21 ? 18  LEU A O   1 
ATOM   85   C  CB  . LEU A 1 18  ? 16.664  -1.845  -6.018  1.00 20.71 ? 18  LEU A CB  1 
ATOM   86   C  CG  . LEU A 1 18  ? 15.956  -0.520  -5.727  1.00 21.66 ? 18  LEU A CG  1 
ATOM   87   C  CD1 . LEU A 1 18  ? 16.025  -0.235  -4.235  1.00 21.01 ? 18  LEU A CD1 1 
ATOM   88   C  CD2 . LEU A 1 18  ? 16.596  0.603   -6.520  1.00 20.30 ? 18  LEU A CD2 1 
ATOM   89   N  N   . PRO A 1 19  ? 18.382  -3.961  -7.981  1.00 24.62 ? 19  PRO A N   1 
ATOM   90   C  CA  . PRO A 1 19  ? 19.035  -5.272  -8.037  1.00 27.08 ? 19  PRO A CA  1 
ATOM   91   C  C   . PRO A 1 19  ? 19.512  -5.800  -6.684  1.00 27.42 ? 19  PRO A C   1 
ATOM   92   O  O   . PRO A 1 19  ? 19.801  -6.989  -6.548  1.00 29.44 ? 19  PRO A O   1 
ATOM   93   C  CB  . PRO A 1 19  ? 20.204  -5.032  -8.993  1.00 26.57 ? 19  PRO A CB  1 
ATOM   94   C  CG  . PRO A 1 19  ? 19.716  -3.912  -9.865  1.00 27.99 ? 19  PRO A CG  1 
ATOM   95   C  CD  . PRO A 1 19  ? 19.070  -2.998  -8.858  1.00 26.35 ? 19  PRO A CD  1 
ATOM   96   N  N   . ASP A 1 20  ? 19.582  -4.926  -5.686  1.00 27.26 ? 20  ASP A N   1 
ATOM   97   C  CA  . ASP A 1 20  ? 20.068  -5.325  -4.369  1.00 26.99 ? 20  ASP A CA  1 
ATOM   98   C  C   . ASP A 1 20  ? 19.208  -4.806  -3.220  1.00 25.93 ? 20  ASP A C   1 
ATOM   99   O  O   . ASP A 1 20  ? 19.710  -4.143  -2.312  1.00 26.82 ? 20  ASP A O   1 
ATOM   100  C  CB  . ASP A 1 20  ? 21.498  -4.821  -4.198  1.00 29.53 ? 20  ASP A CB  1 
ATOM   101  C  CG  . ASP A 1 20  ? 21.587  -3.309  -4.256  1.00 30.57 ? 20  ASP A CG  1 
ATOM   102  O  OD1 . ASP A 1 20  ? 20.894  -2.706  -5.105  1.00 30.92 ? 20  ASP A OD1 1 
ATOM   103  O  OD2 . ASP A 1 20  ? 22.351  -2.721  -3.460  1.00 32.64 ? 20  ASP A OD2 1 
ATOM   104  N  N   . ALA A 1 21  ? 17.919  -5.122  -3.249  1.00 24.11 ? 21  ALA A N   1 
ATOM   105  C  CA  . ALA A 1 21  ? 17.007  -4.669  -2.206  1.00 21.67 ? 21  ALA A CA  1 
ATOM   106  C  C   . ALA A 1 21  ? 17.058  -5.539  -0.953  1.00 21.09 ? 21  ALA A C   1 
ATOM   107  O  O   . ALA A 1 21  ? 17.283  -6.747  -1.029  1.00 22.25 ? 21  ALA A O   1 
ATOM   108  C  CB  . ALA A 1 21  ? 15.583  -4.629  -2.751  1.00 22.00 ? 21  ALA A CB  1 
ATOM   109  N  N   . ASP A 1 22  ? 16.848  -4.913  0.202   1.00 17.90 ? 22  ASP A N   1 
ATOM   110  C  CA  . ASP A 1 22  ? 16.841  -5.622  1.478   1.00 17.80 ? 22  ASP A CA  1 
ATOM   111  C  C   . ASP A 1 22  ? 15.473  -6.270  1.666   1.00 17.97 ? 22  ASP A C   1 
ATOM   112  O  O   . ASP A 1 22  ? 15.340  -7.302  2.332   1.00 18.24 ? 22  ASP A O   1 
ATOM   113  C  CB  . ASP A 1 22  ? 17.092  -4.652  2.636   1.00 18.42 ? 22  ASP A CB  1 
ATOM   114  C  CG  . ASP A 1 22  ? 18.463  -4.005  2.577   1.00 21.74 ? 22  ASP A CG  1 
ATOM   115  O  OD1 . ASP A 1 22  ? 19.470  -4.744  2.516   1.00 23.92 ? 22  ASP A OD1 1 
ATOM   116  O  OD2 . ASP A 1 22  ? 18.534  -2.758  2.601   1.00 20.28 ? 22  ASP A OD2 1 
ATOM   117  N  N   . HIS A 1 23  ? 14.460  -5.646  1.077   1.00 15.78 ? 23  HIS A N   1 
ATOM   118  C  CA  . HIS A 1 23  ? 13.093  -6.138  1.172   1.00 15.29 ? 23  HIS A CA  1 
ATOM   119  C  C   . HIS A 1 23  ? 12.365  -6.049  -0.163  1.00 14.34 ? 23  HIS A C   1 
ATOM   120  O  O   . HIS A 1 23  ? 12.531  -5.087  -0.909  1.00 13.17 ? 23  HIS A O   1 
ATOM   121  C  CB  . HIS A 1 23  ? 12.304  -5.320  2.200   1.00 15.86 ? 23  HIS A CB  1 
ATOM   122  C  CG  . HIS A 1 23  ? 12.834  -5.420  3.595   1.00 17.17 ? 23  HIS A CG  1 
ATOM   123  N  ND1 . HIS A 1 23  ? 13.196  -4.314  4.335   1.00 19.70 ? 23  HIS A ND1 1 
ATOM   124  C  CD2 . HIS A 1 23  ? 13.047  -6.493  4.392   1.00 17.32 ? 23  HIS A CD2 1 
ATOM   125  C  CE1 . HIS A 1 23  ? 13.609  -4.702  5.528   1.00 20.11 ? 23  HIS A CE1 1 
ATOM   126  N  NE2 . HIS A 1 23  ? 13.527  -6.019  5.589   1.00 19.78 ? 23  HIS A NE2 1 
ATOM   127  N  N   . THR A 1 24  ? 11.571  -7.073  -0.456  1.00 13.88 ? 24  THR A N   1 
ATOM   128  C  CA  . THR A 1 24  ? 10.748  -7.117  -1.657  1.00 12.24 ? 24  THR A CA  1 
ATOM   129  C  C   . THR A 1 24  ? 9.356   -7.385  -1.093  1.00 11.51 ? 24  THR A C   1 
ATOM   130  O  O   . THR A 1 24  ? 9.024   -8.521  -0.731  1.00 11.92 ? 24  THR A O   1 
ATOM   131  C  CB  . THR A 1 24  ? 11.177  -8.250  -2.609  1.00 15.33 ? 24  THR A CB  1 
ATOM   132  O  OG1 . THR A 1 24  ? 12.520  -8.008  -3.057  1.00 17.17 ? 24  THR A OG1 1 
ATOM   133  C  CG2 . THR A 1 24  ? 10.262  -8.302  -3.823  1.00 17.09 ? 24  THR A CG2 1 
ATOM   134  N  N   . TRP A 1 25  ? 8.554   -6.327  -0.996  1.00 10.61 ? 25  TRP A N   1 
ATOM   135  C  CA  . TRP A 1 25  ? 7.211   -6.429  -0.429  1.00 9.17  ? 25  TRP A CA  1 
ATOM   136  C  C   . TRP A 1 25  ? 6.083   -6.114  -1.400  1.00 7.98  ? 25  TRP A C   1 
ATOM   137  O  O   . TRP A 1 25  ? 6.277   -5.455  -2.426  1.00 9.50  ? 25  TRP A O   1 
ATOM   138  C  CB  . TRP A 1 25  ? 7.078   -5.511  0.794   1.00 8.58  ? 25  TRP A CB  1 
ATOM   139  C  CG  . TRP A 1 25  ? 7.973   -5.882  1.957   1.00 9.42  ? 25  TRP A CG  1 
ATOM   140  C  CD1 . TRP A 1 25  ? 8.523   -7.107  2.214   1.00 11.28 ? 25  TRP A CD1 1 
ATOM   141  C  CD2 . TRP A 1 25  ? 8.373   -5.029  3.035   1.00 9.88  ? 25  TRP A CD2 1 
ATOM   142  N  NE1 . TRP A 1 25  ? 9.237   -7.070  3.388   1.00 13.46 ? 25  TRP A NE1 1 
ATOM   143  C  CE2 . TRP A 1 25  ? 9.162   -5.806  3.913   1.00 11.54 ? 25  TRP A CE2 1 
ATOM   144  C  CE3 . TRP A 1 25  ? 8.140   -3.682  3.347   1.00 10.53 ? 25  TRP A CE3 1 
ATOM   145  C  CZ2 . TRP A 1 25  ? 9.721   -5.282  5.085   1.00 11.69 ? 25  TRP A CZ2 1 
ATOM   146  C  CZ3 . TRP A 1 25  ? 8.697   -3.158  4.513   1.00 10.32 ? 25  TRP A CZ3 1 
ATOM   147  C  CH2 . TRP A 1 25  ? 9.480   -3.962  5.369   1.00 12.26 ? 25  TRP A CH2 1 
ATOM   148  N  N   . TYR A 1 26  ? 4.894   -6.593  -1.049  1.00 8.01  ? 26  TYR A N   1 
ATOM   149  C  CA  . TYR A 1 26  ? 3.700   -6.397  -1.853  1.00 7.61  ? 26  TYR A CA  1 
ATOM   150  C  C   . TYR A 1 26  ? 2.628   -5.781  -0.967  1.00 8.54  ? 26  TYR A C   1 
ATOM   151  O  O   . TYR A 1 26  ? 2.450   -6.194  0.178   1.00 8.20  ? 26  TYR A O   1 
ATOM   152  C  CB  . TYR A 1 26  ? 3.224   -7.742  -2.411  1.00 7.59  ? 26  TYR A CB  1 
ATOM   153  C  CG  . TYR A 1 26  ? 4.285   -8.463  -3.226  1.00 8.12  ? 26  TYR A CG  1 
ATOM   154  C  CD1 . TYR A 1 26  ? 5.283   -9.208  -2.602  1.00 9.34  ? 26  TYR A CD1 1 
ATOM   155  C  CD2 . TYR A 1 26  ? 4.324   -8.344  -4.615  1.00 10.51 ? 26  TYR A CD2 1 
ATOM   156  C  CE1 . TYR A 1 26  ? 6.302   -9.816  -3.341  1.00 10.38 ? 26  TYR A CE1 1 
ATOM   157  C  CE2 . TYR A 1 26  ? 5.332   -8.946  -5.363  1.00 11.60 ? 26  TYR A CE2 1 
ATOM   158  C  CZ  . TYR A 1 26  ? 6.318   -9.676  -4.719  1.00 11.30 ? 26  TYR A CZ  1 
ATOM   159  O  OH  . TYR A 1 26  ? 7.328   -10.252 -5.456  1.00 14.34 ? 26  TYR A OH  1 
ATOM   160  N  N   . THR A 1 27  ? 1.925   -4.785  -1.490  1.00 8.28  ? 27  THR A N   1 
ATOM   161  C  CA  . THR A 1 27  ? 0.885   -4.116  -0.710  1.00 8.57  ? 27  THR A CA  1 
ATOM   162  C  C   . THR A 1 27  ? -0.469  -4.124  -1.397  1.00 10.08 ? 27  THR A C   1 
ATOM   163  O  O   . THR A 1 27  ? -0.568  -4.202  -2.624  1.00 9.52  ? 27  THR A O   1 
ATOM   164  C  CB  . THR A 1 27  ? 1.249   -2.635  -0.422  1.00 10.98 ? 27  THR A CB  1 
ATOM   165  O  OG1 . THR A 1 27  ? 1.230   -1.889  -1.648  1.00 14.09 ? 27  THR A OG1 1 
ATOM   166  C  CG2 . THR A 1 27  ? 2.626   -2.535  0.219   1.00 11.61 ? 27  THR A CG2 1 
ATOM   167  N  N   . ASP A 1 28  ? -1.519  -4.053  -0.588  1.00 9.18  ? 28  ASP A N   1 
ATOM   168  C  CA  . ASP A 1 28  ? -2.873  -4.001  -1.113  1.00 8.86  ? 28  ASP A CA  1 
ATOM   169  C  C   . ASP A 1 28  ? -3.839  -3.440  -0.085  1.00 8.04  ? 28  ASP A C   1 
ATOM   170  O  O   . ASP A 1 28  ? -3.666  -3.627  1.124   1.00 8.53  ? 28  ASP A O   1 
ATOM   171  C  CB  . ASP A 1 28  ? -3.355  -5.385  -1.552  1.00 12.13 ? 28  ASP A CB  1 
ATOM   172  C  CG  . ASP A 1 28  ? -4.765  -5.354  -2.118  1.00 18.42 ? 28  ASP A CG  1 
ATOM   173  O  OD1 . ASP A 1 28  ? -5.717  -5.742  -1.404  1.00 21.05 ? 28  ASP A OD1 1 
ATOM   174  O  OD2 . ASP A 1 28  ? -4.921  -4.926  -3.281  1.00 21.44 ? 28  ASP A OD2 1 
ATOM   175  N  N   . GLY A 1 29  ? -4.843  -2.740  -0.600  1.00 10.64 ? 29  GLY A N   1 
ATOM   176  C  CA  . GLY A 1 29  ? -5.895  -2.160  0.213   1.00 11.17 ? 29  GLY A CA  1 
ATOM   177  C  C   . GLY A 1 29  ? -7.186  -2.714  -0.362  1.00 11.92 ? 29  GLY A C   1 
ATOM   178  O  O   . GLY A 1 29  ? -7.318  -2.823  -1.580  1.00 16.26 ? 29  GLY A O   1 
ATOM   179  N  N   . SER A 1 30  ? -8.127  -3.076  0.503   1.00 11.04 ? 30  SER A N   1 
ATOM   180  C  CA  . SER A 1 30  ? -9.397  -3.648  0.064   1.00 12.45 ? 30  SER A CA  1 
ATOM   181  C  C   . SER A 1 30  ? -10.600 -2.961  0.700   1.00 12.12 ? 30  SER A C   1 
ATOM   182  O  O   . SER A 1 30  ? -10.540 -2.523  1.845   1.00 13.47 ? 30  SER A O   1 
ATOM   183  C  CB  . SER A 1 30  ? -9.429  -5.138  0.413   1.00 14.87 ? 30  SER A CB  1 
ATOM   184  O  OG  . SER A 1 30  ? -10.740 -5.672  0.300   1.00 21.19 ? 30  SER A OG  1 
ATOM   185  N  N   . SER A 1 31  ? -11.688 -2.865  -0.059  1.00 12.39 ? 31  SER A N   1 
ATOM   186  C  CA  . SER A 1 31  ? -12.930 -2.273  0.430   1.00 14.17 ? 31  SER A CA  1 
ATOM   187  C  C   . SER A 1 31  ? -14.054 -3.055  -0.234  1.00 16.46 ? 31  SER A C   1 
ATOM   188  O  O   . SER A 1 31  ? -14.285 -2.924  -1.435  1.00 18.92 ? 31  SER A O   1 
ATOM   189  C  CB  . SER A 1 31  ? -13.026 -0.796  0.048   1.00 14.91 ? 31  SER A CB  1 
ATOM   190  O  OG  . SER A 1 31  ? -14.152 -0.192  0.666   1.00 19.13 ? 31  SER A OG  1 
ATOM   191  N  N   . LEU A 1 32  ? -14.749 -3.872  0.549   1.00 17.85 ? 32  LEU A N   1 
ATOM   192  C  CA  . LEU A 1 32  ? -15.826 -4.697  0.019   1.00 19.74 ? 32  LEU A CA  1 
ATOM   193  C  C   . LEU A 1 32  ? -17.171 -4.387  0.651   1.00 19.12 ? 32  LEU A C   1 
ATOM   194  O  O   . LEU A 1 32  ? -17.253 -4.018  1.824   1.00 19.36 ? 32  LEU A O   1 
ATOM   195  C  CB  . LEU A 1 32  ? -15.510 -6.175  0.255   1.00 22.05 ? 32  LEU A CB  1 
ATOM   196  C  CG  . LEU A 1 32  ? -14.152 -6.697  -0.217  1.00 23.10 ? 32  LEU A CG  1 
ATOM   197  C  CD1 . LEU A 1 32  ? -13.877 -8.046  0.431   1.00 24.01 ? 32  LEU A CD1 1 
ATOM   198  C  CD2 . LEU A 1 32  ? -14.137 -6.802  -1.733  1.00 24.86 ? 32  LEU A CD2 1 
ATOM   199  N  N   . LEU A 1 33  ? -18.230 -4.539  -0.135  1.00 19.08 ? 33  LEU A N   1 
ATOM   200  C  CA  . LEU A 1 33  ? -19.572 -4.309  0.374   1.00 21.42 ? 33  LEU A CA  1 
ATOM   201  C  C   . LEU A 1 33  ? -20.101 -5.671  0.798   1.00 20.96 ? 33  LEU A C   1 
ATOM   202  O  O   . LEU A 1 33  ? -20.370 -6.532  -0.041  1.00 23.40 ? 33  LEU A O   1 
ATOM   203  C  CB  . LEU A 1 33  ? -20.474 -3.713  -0.710  1.00 22.78 ? 33  LEU A CB  1 
ATOM   204  C  CG  . LEU A 1 33  ? -21.854 -3.272  -0.213  1.00 24.32 ? 33  LEU A CG  1 
ATOM   205  C  CD1 . LEU A 1 33  ? -21.699 -2.168  0.826   1.00 25.61 ? 33  LEU A CD1 1 
ATOM   206  C  CD2 . LEU A 1 33  ? -22.688 -2.779  -1.385  1.00 26.82 ? 33  LEU A CD2 1 
ATOM   207  N  N   . GLN A 1 34  ? -20.226 -5.869  2.106   1.00 20.81 ? 34  GLN A N   1 
ATOM   208  C  CA  . GLN A 1 34  ? -20.716 -7.127  2.652   1.00 21.72 ? 34  GLN A CA  1 
ATOM   209  C  C   . GLN A 1 34  ? -22.116 -6.909  3.221   1.00 20.09 ? 34  GLN A C   1 
ATOM   210  O  O   . GLN A 1 34  ? -22.284 -6.385  4.325   1.00 19.17 ? 34  GLN A O   1 
ATOM   211  C  CB  . GLN A 1 34  ? -19.756 -7.624  3.738   1.00 24.91 ? 34  GLN A CB  1 
ATOM   212  C  CG  . GLN A 1 34  ? -19.982 -9.061  4.179   1.00 29.95 ? 34  GLN A CG  1 
ATOM   213  C  CD  . GLN A 1 34  ? -18.716 -9.707  4.716   1.00 32.44 ? 34  GLN A CD  1 
ATOM   214  O  OE1 . GLN A 1 34  ? -18.734 -10.845 5.187   1.00 35.52 ? 34  GLN A OE1 1 
ATOM   215  N  NE2 . GLN A 1 34  ? -17.604 -8.984  4.637   1.00 34.71 ? 34  GLN A NE2 1 
ATOM   216  N  N   . GLU A 1 35  ? -23.117 -7.312  2.447   1.00 19.54 ? 35  GLU A N   1 
ATOM   217  C  CA  . GLU A 1 35  ? -24.514 -7.157  2.834   1.00 19.79 ? 35  GLU A CA  1 
ATOM   218  C  C   . GLU A 1 35  ? -24.825 -5.718  3.229   1.00 19.15 ? 35  GLU A C   1 
ATOM   219  O  O   . GLU A 1 35  ? -25.372 -5.445  4.301   1.00 19.12 ? 35  GLU A O   1 
ATOM   220  C  CB  . GLU A 1 35  ? -24.868 -8.125  3.970   1.00 19.75 ? 35  GLU A CB  1 
ATOM   221  C  CG  . GLU A 1 35  ? -24.450 -9.559  3.675   1.00 22.66 ? 35  GLU A CG  1 
ATOM   222  C  CD  . GLU A 1 35  ? -25.151 -10.580 4.546   1.00 22.23 ? 35  GLU A CD  1 
ATOM   223  O  OE1 . GLU A 1 35  ? -25.385 -10.296 5.740   1.00 24.67 ? 35  GLU A OE1 1 
ATOM   224  O  OE2 . GLU A 1 35  ? -25.455 -11.679 4.035   1.00 18.45 ? 35  GLU A OE2 1 
ATOM   225  N  N   . GLY A 1 36  ? -24.462 -4.793  2.347   1.00 20.09 ? 36  GLY A N   1 
ATOM   226  C  CA  . GLY A 1 36  ? -24.728 -3.388  2.590   1.00 20.39 ? 36  GLY A CA  1 
ATOM   227  C  C   . GLY A 1 36  ? -23.794 -2.667  3.544   1.00 20.96 ? 36  GLY A C   1 
ATOM   228  O  O   . GLY A 1 36  ? -23.904 -1.451  3.707   1.00 21.27 ? 36  GLY A O   1 
ATOM   229  N  N   A GLN A 1 37  ? -22.892 -3.400  4.188   0.50 20.21 ? 37  GLN A N   1 
ATOM   230  N  N   B GLN A 1 37  ? -22.870 -3.405  4.154   0.50 20.82 ? 37  GLN A N   1 
ATOM   231  C  CA  A GLN A 1 37  ? -21.953 -2.789  5.123   0.50 20.17 ? 37  GLN A CA  1 
ATOM   232  C  CA  B GLN A 1 37  ? -21.913 -2.829  5.093   0.50 21.34 ? 37  GLN A CA  1 
ATOM   233  C  C   A GLN A 1 37  ? -20.563 -2.701  4.508   0.50 18.85 ? 37  GLN A C   1 
ATOM   234  C  C   B GLN A 1 37  ? -20.535 -2.700  4.441   0.50 20.03 ? 37  GLN A C   1 
ATOM   235  O  O   A GLN A 1 37  ? -20.030 -3.693  4.015   0.50 17.65 ? 37  GLN A O   1 
ATOM   236  O  O   B GLN A 1 37  ? -20.020 -3.658  3.867   0.50 19.15 ? 37  GLN A O   1 
ATOM   237  C  CB  A GLN A 1 37  ? -21.902 -3.586  6.430   0.50 20.86 ? 37  GLN A CB  1 
ATOM   238  C  CB  B GLN A 1 37  ? -21.818 -3.705  6.347   0.50 22.61 ? 37  GLN A CB  1 
ATOM   239  C  CG  A GLN A 1 37  ? -23.199 -3.543  7.223   0.50 22.02 ? 37  GLN A CG  1 
ATOM   240  C  CG  B GLN A 1 37  ? -20.950 -3.124  7.450   0.50 25.05 ? 37  GLN A CG  1 
ATOM   241  C  CD  A GLN A 1 37  ? -23.068 -4.166  8.599   0.50 22.53 ? 37  GLN A CD  1 
ATOM   242  C  CD  B GLN A 1 37  ? -21.013 -3.929  8.737   0.50 26.37 ? 37  GLN A CD  1 
ATOM   243  O  OE1 A GLN A 1 37  ? -22.212 -3.771  9.393   0.50 23.12 ? 37  GLN A OE1 1 
ATOM   244  O  OE1 B GLN A 1 37  ? -20.401 -3.563  9.741   0.50 28.08 ? 37  GLN A OE1 1 
ATOM   245  N  NE2 A GLN A 1 37  ? -23.923 -5.140  8.893   0.50 23.15 ? 37  GLN A NE2 1 
ATOM   246  N  NE2 B GLN A 1 37  ? -21.755 -5.031  8.712   0.50 27.10 ? 37  GLN A NE2 1 
ATOM   247  N  N   A ARG A 1 38  ? -19.986 -1.505  4.545   0.50 20.22 ? 38  ARG A N   1 
ATOM   248  N  N   B ARG A 1 38  ? -19.949 -1.509  4.537   0.50 21.06 ? 38  ARG A N   1 
ATOM   249  C  CA  A ARG A 1 38  ? -18.666 -1.266  3.977   0.50 20.40 ? 38  ARG A CA  1 
ATOM   250  C  CA  B ARG A 1 38  ? -18.641 -1.223  3.949   0.50 20.98 ? 38  ARG A CA  1 
ATOM   251  C  C   A ARG A 1 38  ? -17.551 -1.747  4.897   0.50 19.38 ? 38  ARG A C   1 
ATOM   252  C  C   B ARG A 1 38  ? -17.503 -1.692  4.856   0.50 19.68 ? 38  ARG A C   1 
ATOM   253  O  O   A ARG A 1 38  ? -17.377 -1.230  5.999   0.50 20.06 ? 38  ARG A O   1 
ATOM   254  O  O   B ARG A 1 38  ? -17.268 -1.111  5.915   0.50 20.11 ? 38  ARG A O   1 
ATOM   255  C  CB  A ARG A 1 38  ? -18.480 0.227   3.704   0.50 22.62 ? 38  ARG A CB  1 
ATOM   256  C  CB  B ARG A 1 38  ? -18.512 0.284   3.706   0.50 23.50 ? 38  ARG A CB  1 
ATOM   257  C  CG  A ARG A 1 38  ? -17.495 0.539   2.593   0.50 25.24 ? 38  ARG A CG  1 
ATOM   258  C  CG  B ARG A 1 38  ? -17.400 0.704   2.753   0.50 26.11 ? 38  ARG A CG  1 
ATOM   259  C  CD  A ARG A 1 38  ? -18.096 0.188   1.243   0.50 27.34 ? 38  ARG A CD  1 
ATOM   260  C  CD  B ARG A 1 38  ? -17.762 0.392   1.307   0.50 28.83 ? 38  ARG A CD  1 
ATOM   261  N  NE  A ARG A 1 38  ? -17.228 0.562   0.132   0.50 28.44 ? 38  ARG A NE  1 
ATOM   262  N  NE  B ARG A 1 38  ? -16.966 1.163   0.354   0.50 29.98 ? 38  ARG A NE  1 
ATOM   263  C  CZ  A ARG A 1 38  ? -17.591 0.504   -1.144  0.50 29.25 ? 38  ARG A CZ  1 
ATOM   264  C  CZ  B ARG A 1 38  ? -16.982 2.491   0.263   0.50 30.55 ? 38  ARG A CZ  1 
ATOM   265  N  NH1 A ARG A 1 38  ? -18.808 0.089   -1.467  0.50 28.44 ? 38  ARG A NH1 1 
ATOM   266  N  NH1 B ARG A 1 38  ? -17.757 3.204   1.070   0.50 30.90 ? 38  ARG A NH1 1 
ATOM   267  N  NH2 A ARG A 1 38  ? -16.741 0.861   -2.096  0.50 30.03 ? 38  ARG A NH2 1 
ATOM   268  N  NH2 B ARG A 1 38  ? -16.231 3.108   -0.641  0.50 29.47 ? 38  ARG A NH2 1 
ATOM   269  N  N   . LYS A 1 39  ? -16.797 -2.738  4.434   1.00 17.52 ? 39  LYS A N   1 
ATOM   270  C  CA  . LYS A 1 39  ? -15.685 -3.278  5.208   1.00 16.84 ? 39  LYS A CA  1 
ATOM   271  C  C   . LYS A 1 39  ? -14.388 -2.996  4.455   1.00 15.78 ? 39  LYS A C   1 
ATOM   272  O  O   . LYS A 1 39  ? -14.366 -3.024  3.228   1.00 17.36 ? 39  LYS A O   1 
ATOM   273  C  CB  . LYS A 1 39  ? -15.870 -4.784  5.416   1.00 18.70 ? 39  LYS A CB  1 
ATOM   274  C  CG  . LYS A 1 39  ? -17.050 -5.127  6.317   1.00 24.48 ? 39  LYS A CG  1 
ATOM   275  C  CD  . LYS A 1 39  ? -17.205 -6.629  6.488   1.00 27.97 ? 39  LYS A CD  1 
ATOM   276  C  CE  . LYS A 1 39  ? -18.312 -6.953  7.482   1.00 29.78 ? 39  LYS A CE  1 
ATOM   277  N  NZ  . LYS A 1 39  ? -19.604 -6.313  7.106   1.00 31.30 ? 39  LYS A NZ  1 
ATOM   278  N  N   . ALA A 1 40  ? -13.316 -2.712  5.188   1.00 11.63 ? 40  ALA A N   1 
ATOM   279  C  CA  . ALA A 1 40  ? -12.034 -2.405  4.559   1.00 11.19 ? 40  ALA A CA  1 
ATOM   280  C  C   . ALA A 1 40  ? -10.849 -2.984  5.320   1.00 8.46  ? 40  ALA A C   1 
ATOM   281  O  O   . ALA A 1 40  ? -10.924 -3.229  6.522   1.00 9.89  ? 40  ALA A O   1 
ATOM   282  C  CB  . ALA A 1 40  ? -11.871 -0.901  4.430   1.00 10.69 ? 40  ALA A CB  1 
ATOM   283  N  N   . GLY A 1 41  ? -9.746  -3.192  4.605   1.00 8.13  ? 41  GLY A N   1 
ATOM   284  C  CA  . GLY A 1 41  ? -8.551  -3.741  5.220   1.00 8.39  ? 41  GLY A CA  1 
ATOM   285  C  C   . GLY A 1 41  ? -7.314  -3.392  4.412   1.00 7.23  ? 41  GLY A C   1 
ATOM   286  O  O   . GLY A 1 41  ? -7.416  -2.935  3.276   1.00 7.73  ? 41  GLY A O   1 
ATOM   287  N  N   . ALA A 1 42  ? -6.144  -3.606  4.996   1.00 6.60  ? 42  ALA A N   1 
ATOM   288  C  CA  . ALA A 1 42  ? -4.889  -3.300  4.316   1.00 8.19  ? 42  ALA A CA  1 
ATOM   289  C  C   . ALA A 1 42  ? -3.837  -4.302  4.749   1.00 8.35  ? 42  ALA A C   1 
ATOM   290  O  O   . ALA A 1 42  ? -3.896  -4.825  5.861   1.00 8.27  ? 42  ALA A O   1 
ATOM   291  C  CB  . ALA A 1 42  ? -4.450  -1.876  4.651   1.00 8.20  ? 42  ALA A CB  1 
ATOM   292  N  N   . ALA A 1 43  ? -2.880  -4.578  3.866   1.00 9.55  ? 43  ALA A N   1 
ATOM   293  C  CA  . ALA A 1 43  ? -1.834  -5.540  4.177   1.00 7.91  ? 43  ALA A CA  1 
ATOM   294  C  C   . ALA A 1 43  ? -0.536  -5.317  3.419   1.00 6.92  ? 43  ALA A C   1 
ATOM   295  O  O   . ALA A 1 43  ? -0.520  -4.722  2.341   1.00 8.17  ? 43  ALA A O   1 
ATOM   296  C  CB  . ALA A 1 43  ? -2.340  -6.955  3.903   1.00 8.25  ? 43  ALA A CB  1 
ATOM   297  N  N   . VAL A 1 44  ? 0.550   -5.798  4.018   1.00 8.04  ? 44  VAL A N   1 
ATOM   298  C  CA  . VAL A 1 44  ? 1.887   -5.747  3.435   1.00 7.61  ? 44  VAL A CA  1 
ATOM   299  C  C   . VAL A 1 44  ? 2.398   -7.171  3.601   1.00 7.63  ? 44  VAL A C   1 
ATOM   300  O  O   . VAL A 1 44  ? 2.318   -7.735  4.697   1.00 7.84  ? 44  VAL A O   1 
ATOM   301  C  CB  . VAL A 1 44  ? 2.824   -4.793  4.192   1.00 7.97  ? 44  VAL A CB  1 
ATOM   302  C  CG1 . VAL A 1 44  ? 4.220   -4.863  3.584   1.00 10.04 ? 44  VAL A CG1 1 
ATOM   303  C  CG2 . VAL A 1 44  ? 2.284   -3.376  4.134   1.00 10.90 ? 44  VAL A CG2 1 
ATOM   304  N  N   . THR A 1 45  ? 2.898   -7.761  2.518   1.00 9.08  ? 45  THR A N   1 
ATOM   305  C  CA  . THR A 1 45  ? 3.378   -9.139  2.577   1.00 10.09 ? 45  THR A CA  1 
ATOM   306  C  C   . THR A 1 45  ? 4.638   -9.359  1.755   1.00 11.89 ? 45  THR A C   1 
ATOM   307  O  O   . THR A 1 45  ? 5.036   -8.506  0.963   1.00 11.52 ? 45  THR A O   1 
ATOM   308  C  CB  . THR A 1 45  ? 2.317   -10.122 2.023   1.00 10.77 ? 45  THR A CB  1 
ATOM   309  O  OG1 . THR A 1 45  ? 2.212   -9.964  0.597   1.00 13.21 ? 45  THR A OG1 1 
ATOM   310  C  CG2 . THR A 1 45  ? 0.956   -9.850  2.638   1.00 13.09 ? 45  THR A CG2 1 
ATOM   311  N  N   . THR A 1 46  ? 5.276   -10.505 1.973   1.00 12.17 ? 46  THR A N   1 
ATOM   312  C  CA  . THR A 1 46  ? 6.432   -10.883 1.172   1.00 13.44 ? 46  THR A CA  1 
ATOM   313  C  C   . THR A 1 46  ? 5.755   -11.794 0.150   1.00 14.82 ? 46  THR A C   1 
ATOM   314  O  O   . THR A 1 46  ? 4.524   -11.848 0.089   1.00 14.28 ? 46  THR A O   1 
ATOM   315  C  CB  . THR A 1 46  ? 7.474   -11.693 1.973   1.00 14.54 ? 46  THR A CB  1 
ATOM   316  O  OG1 . THR A 1 46  ? 6.868   -12.893 2.471   1.00 16.08 ? 46  THR A OG1 1 
ATOM   317  C  CG2 . THR A 1 46  ? 8.016   -10.868 3.128   1.00 16.68 ? 46  THR A CG2 1 
ATOM   318  N  N   . GLU A 1 47  ? 6.528   -12.520 -0.644  1.00 16.84 ? 47  GLU A N   1 
ATOM   319  C  CA  . GLU A 1 47  ? 5.917   -13.398 -1.634  1.00 19.14 ? 47  GLU A CA  1 
ATOM   320  C  C   . GLU A 1 47  ? 4.957   -14.412 -1.010  1.00 19.89 ? 47  GLU A C   1 
ATOM   321  O  O   . GLU A 1 47  ? 3.948   -14.774 -1.620  1.00 21.77 ? 47  GLU A O   1 
ATOM   322  C  CB  . GLU A 1 47  ? 6.998   -14.148 -2.415  1.00 21.39 ? 47  GLU A CB  1 
ATOM   323  C  CG  . GLU A 1 47  ? 6.463   -14.946 -3.589  1.00 24.49 ? 47  GLU A CG  1 
ATOM   324  C  CD  . GLU A 1 47  ? 7.502   -15.879 -4.177  1.00 27.57 ? 47  GLU A CD  1 
ATOM   325  O  OE1 . GLU A 1 47  ? 8.636   -15.424 -4.430  1.00 29.73 ? 47  GLU A OE1 1 
ATOM   326  O  OE2 . GLU A 1 47  ? 7.179   -17.066 -4.391  1.00 30.71 ? 47  GLU A OE2 1 
ATOM   327  N  N   . THR A 1 48  ? 5.255   -14.855 0.212   1.00 19.45 ? 48  THR A N   1 
ATOM   328  C  CA  . THR A 1 48  ? 4.422   -15.864 0.859   1.00 20.02 ? 48  THR A CA  1 
ATOM   329  C  C   . THR A 1 48  ? 4.022   -15.653 2.322   1.00 18.58 ? 48  THR A C   1 
ATOM   330  O  O   . THR A 1 48  ? 3.252   -16.446 2.865   1.00 20.47 ? 48  THR A O   1 
ATOM   331  C  CB  . THR A 1 48  ? 5.104   -17.247 0.779   1.00 20.92 ? 48  THR A CB  1 
ATOM   332  O  OG1 . THR A 1 48  ? 6.314   -17.223 1.549   1.00 22.83 ? 48  THR A OG1 1 
ATOM   333  C  CG2 . THR A 1 48  ? 5.443   -17.593 -0.664  1.00 22.25 ? 48  THR A CG2 1 
ATOM   334  N  N   A GLU A 1 49  ? 4.527   -14.595 2.948   0.50 16.74 ? 49  GLU A N   1 
ATOM   335  N  N   B GLU A 1 49  ? 4.528   -14.606 2.964   0.50 17.37 ? 49  GLU A N   1 
ATOM   336  C  CA  A GLU A 1 49  ? 4.210   -14.337 4.349   0.50 15.10 ? 49  GLU A CA  1 
ATOM   337  C  CA  B GLU A 1 49  ? 4.184   -14.371 4.364   0.50 16.09 ? 49  GLU A CA  1 
ATOM   338  C  C   A GLU A 1 49  ? 3.622   -12.956 4.608   0.50 14.82 ? 49  GLU A C   1 
ATOM   339  C  C   B GLU A 1 49  ? 3.664   -12.967 4.654   0.50 15.42 ? 49  GLU A C   1 
ATOM   340  O  O   A GLU A 1 49  ? 4.033   -11.968 4.000   0.50 15.03 ? 49  GLU A O   1 
ATOM   341  O  O   B GLU A 1 49  ? 4.162   -11.978 4.117   0.50 15.37 ? 49  GLU A O   1 
ATOM   342  C  CB  A GLU A 1 49  ? 5.464   -14.500 5.212   0.50 14.99 ? 49  GLU A CB  1 
ATOM   343  C  CB  B GLU A 1 49  ? 5.387   -14.677 5.259   0.50 17.19 ? 49  GLU A CB  1 
ATOM   344  C  CG  A GLU A 1 49  ? 6.210   -15.805 5.004   0.50 14.15 ? 49  GLU A CG  1 
ATOM   345  C  CG  B GLU A 1 49  ? 5.158   -14.384 6.733   0.50 18.21 ? 49  GLU A CG  1 
ATOM   346  C  CD  A GLU A 1 49  ? 5.297   -17.011 5.064   0.50 14.07 ? 49  GLU A CD  1 
ATOM   347  C  CD  B GLU A 1 49  ? 6.054   -15.203 7.642   0.50 19.04 ? 49  GLU A CD  1 
ATOM   348  O  OE1 A GLU A 1 49  ? 4.562   -17.158 6.063   0.50 14.28 ? 49  GLU A OE1 1 
ATOM   349  O  OE1 B GLU A 1 49  ? 7.273   -15.281 7.378   0.50 21.60 ? 49  GLU A OE1 1 
ATOM   350  O  OE2 A GLU A 1 49  ? 5.314   -17.812 4.107   0.50 15.88 ? 49  GLU A OE2 1 
ATOM   351  O  OE2 B GLU A 1 49  ? 5.539   -15.765 8.628   0.50 16.30 ? 49  GLU A OE2 1 
ATOM   352  N  N   . VAL A 1 50  ? 2.657   -12.896 5.518   1.00 14.15 ? 50  VAL A N   1 
ATOM   353  C  CA  . VAL A 1 50  ? 2.039   -11.627 5.887   1.00 13.82 ? 50  VAL A CA  1 
ATOM   354  C  C   . VAL A 1 50  ? 2.868   -10.995 7.000   1.00 13.41 ? 50  VAL A C   1 
ATOM   355  O  O   . VAL A 1 50  ? 3.111   -11.630 8.028   1.00 16.00 ? 50  VAL A O   1 
ATOM   356  C  CB  . VAL A 1 50  ? 0.602   -11.839 6.408   1.00 13.85 ? 50  VAL A CB  1 
ATOM   357  C  CG1 . VAL A 1 50  ? -0.004  -10.506 6.827   1.00 17.53 ? 50  VAL A CG1 1 
ATOM   358  C  CG2 . VAL A 1 50  ? -0.244  -12.507 5.335   1.00 16.18 ? 50  VAL A CG2 1 
ATOM   359  N  N   . ILE A 1 51  ? 3.309   -9.755  6.811   1.00 11.68 ? 51  ILE A N   1 
ATOM   360  C  CA  . ILE A 1 51  ? 4.097   -9.107  7.853   1.00 12.16 ? 51  ILE A CA  1 
ATOM   361  C  C   . ILE A 1 51  ? 3.362   -7.962  8.548   1.00 11.32 ? 51  ILE A C   1 
ATOM   362  O  O   . ILE A 1 51  ? 3.839   -7.431  9.547   1.00 12.47 ? 51  ILE A O   1 
ATOM   363  C  CB  . ILE A 1 51  ? 5.467   -8.621  7.327   1.00 13.65 ? 51  ILE A CB  1 
ATOM   364  C  CG1 . ILE A 1 51  ? 5.281   -7.606  6.203   1.00 13.25 ? 51  ILE A CG1 1 
ATOM   365  C  CG2 . ILE A 1 51  ? 6.281   -9.823  6.846   1.00 16.42 ? 51  ILE A CG2 1 
ATOM   366  C  CD1 . ILE A 1 51  ? 6.591   -7.001  5.718   1.00 19.46 ? 51  ILE A CD1 1 
ATOM   367  N  N   . TRP A 1 52  ? 2.197   -7.597  8.019   1.00 10.21 ? 52  TRP A N   1 
ATOM   368  C  CA  . TRP A 1 52  ? 1.362   -6.551  8.602   1.00 9.66  ? 52  TRP A CA  1 
ATOM   369  C  C   . TRP A 1 52  ? -0.005  -6.599  7.933   1.00 9.51  ? 52  TRP A C   1 
ATOM   370  O  O   . TRP A 1 52  ? -0.098  -6.662  6.708   1.00 9.62  ? 52  TRP A O   1 
ATOM   371  C  CB  . TRP A 1 52  ? 1.982   -5.164  8.390   1.00 9.09  ? 52  TRP A CB  1 
ATOM   372  C  CG  . TRP A 1 52  ? 1.203   -4.031  9.018   1.00 12.88 ? 52  TRP A CG  1 
ATOM   373  C  CD1 . TRP A 1 52  ? 1.362   -3.517  10.276  1.00 13.75 ? 52  TRP A CD1 1 
ATOM   374  C  CD2 . TRP A 1 52  ? 0.176   -3.252  8.395   1.00 11.30 ? 52  TRP A CD2 1 
ATOM   375  N  NE1 . TRP A 1 52  ? 0.501   -2.458  10.470  1.00 15.08 ? 52  TRP A NE1 1 
ATOM   376  C  CE2 . TRP A 1 52  ? -0.238  -2.276  9.329   1.00 12.40 ? 52  TRP A CE2 1 
ATOM   377  C  CE3 . TRP A 1 52  ? -0.433  -3.281  7.133   1.00 10.26 ? 52  TRP A CE3 1 
ATOM   378  C  CZ2 . TRP A 1 52  ? -1.233  -1.334  9.038   1.00 12.67 ? 52  TRP A CZ2 1 
ATOM   379  C  CZ3 . TRP A 1 52  ? -1.422  -2.345  6.844   1.00 13.44 ? 52  TRP A CZ3 1 
ATOM   380  C  CH2 . TRP A 1 52  ? -1.809  -1.384  7.795   1.00 12.34 ? 52  TRP A CH2 1 
ATOM   381  N  N   . ALA A 1 53  ? -1.065  -6.585  8.733   1.00 9.88  ? 53  ALA A N   1 
ATOM   382  C  CA  . ALA A 1 53  ? -2.417  -6.593  8.186   1.00 9.49  ? 53  ALA A CA  1 
ATOM   383  C  C   . ALA A 1 53  ? -3.405  -6.168  9.255   1.00 11.81 ? 53  ALA A C   1 
ATOM   384  O  O   . ALA A 1 53  ? -3.263  -6.534  10.421  1.00 13.74 ? 53  ALA A O   1 
ATOM   385  C  CB  . ALA A 1 53  ? -2.777  -7.985  7.661   1.00 10.21 ? 53  ALA A CB  1 
ATOM   386  N  N   . LYS A 1 54  ? -4.401  -5.382  8.858   1.00 11.30 ? 54  LYS A N   1 
ATOM   387  C  CA  . LYS A 1 54  ? -5.412  -4.936  9.806   1.00 13.51 ? 54  LYS A CA  1 
ATOM   388  C  C   . LYS A 1 54  ? -6.678  -4.425  9.137   1.00 12.30 ? 54  LYS A C   1 
ATOM   389  O  O   . LYS A 1 54  ? -6.675  -4.028  7.965   1.00 10.64 ? 54  LYS A O   1 
ATOM   390  C  CB  . LYS A 1 54  ? -4.844  -3.848  10.727  1.00 18.41 ? 54  LYS A CB  1 
ATOM   391  C  CG  . LYS A 1 54  ? -4.611  -2.507  10.061  1.00 20.85 ? 54  LYS A CG  1 
ATOM   392  C  CD  . LYS A 1 54  ? -3.959  -1.513  11.023  1.00 25.43 ? 54  LYS A CD  1 
ATOM   393  C  CE  . LYS A 1 54  ? -4.837  -1.218  12.227  1.00 26.99 ? 54  LYS A CE  1 
ATOM   394  N  NZ  . LYS A 1 54  ? -4.161  -0.307  13.196  1.00 28.52 ? 54  LYS A NZ  1 
ATOM   395  N  N   . ALA A 1 55  ? -7.772  -4.462  9.894   1.00 12.91 ? 55  ALA A N   1 
ATOM   396  C  CA  . ALA A 1 55  ? -9.056  -3.975  9.419   1.00 11.49 ? 55  ALA A CA  1 
ATOM   397  C  C   . ALA A 1 55  ? -9.056  -2.465  9.608   1.00 10.05 ? 55  ALA A C   1 
ATOM   398  O  O   . ALA A 1 55  ? -8.469  -1.952  10.569  1.00 11.90 ? 55  ALA A O   1 
ATOM   399  C  CB  . ALA A 1 55  ? -10.195 -4.600  10.228  1.00 11.16 ? 55  ALA A CB  1 
ATOM   400  N  N   . LEU A 1 56  ? -9.712  -1.761  8.695   1.00 10.58 ? 56  LEU A N   1 
ATOM   401  C  CA  . LEU A 1 56  ? -9.789  -0.306  8.759   1.00 12.43 ? 56  LEU A CA  1 
ATOM   402  C  C   . LEU A 1 56  ? -11.218 0.125   9.106   1.00 13.49 ? 56  LEU A C   1 
ATOM   403  O  O   . LEU A 1 56  ? -12.171 -0.644  8.933   1.00 12.50 ? 56  LEU A O   1 
ATOM   404  C  CB  . LEU A 1 56  ? -9.336  0.291   7.420   1.00 11.23 ? 56  LEU A CB  1 
ATOM   405  C  CG  . LEU A 1 56  ? -7.891  -0.038  7.019   1.00 12.59 ? 56  LEU A CG  1 
ATOM   406  C  CD1 . LEU A 1 56  ? -7.603  0.532   5.634   1.00 15.78 ? 56  LEU A CD1 1 
ATOM   407  C  CD2 . LEU A 1 56  ? -6.917  0.533   8.043   1.00 14.48 ? 56  LEU A CD2 1 
ATOM   408  N  N   . PRO A 1 57  ? -11.389 1.363   9.602   1.00 13.24 ? 57  PRO A N   1 
ATOM   409  C  CA  . PRO A 1 57  ? -12.705 1.888   9.984   1.00 16.35 ? 57  PRO A CA  1 
ATOM   410  C  C   . PRO A 1 57  ? -13.781 1.735   8.921   1.00 18.06 ? 57  PRO A C   1 
ATOM   411  O  O   . PRO A 1 57  ? -13.519 1.887   7.731   1.00 17.60 ? 57  PRO A O   1 
ATOM   412  C  CB  . PRO A 1 57  ? -12.417 3.356   10.298  1.00 16.43 ? 57  PRO A CB  1 
ATOM   413  C  CG  . PRO A 1 57  ? -11.001 3.318   10.783  1.00 15.44 ? 57  PRO A CG  1 
ATOM   414  C  CD  . PRO A 1 57  ? -10.349 2.389   9.788   1.00 16.50 ? 57  PRO A CD  1 
ATOM   415  N  N   . ALA A 1 58  ? -14.998 1.439   9.367   1.00 19.95 ? 58  ALA A N   1 
ATOM   416  C  CA  . ALA A 1 58  ? -16.120 1.270   8.456   1.00 21.10 ? 58  ALA A CA  1 
ATOM   417  C  C   . ALA A 1 58  ? -16.244 2.505   7.574   1.00 20.98 ? 58  ALA A C   1 
ATOM   418  O  O   . ALA A 1 58  ? -16.115 3.633   8.050   1.00 22.60 ? 58  ALA A O   1 
ATOM   419  C  CB  . ALA A 1 58  ? -17.407 1.055   9.246   1.00 23.21 ? 58  ALA A CB  1 
ATOM   420  N  N   . GLY A 1 59  ? -16.483 2.287   6.287   1.00 21.20 ? 59  GLY A N   1 
ATOM   421  C  CA  . GLY A 1 59  ? -16.623 3.404   5.375   1.00 21.91 ? 59  GLY A CA  1 
ATOM   422  C  C   . GLY A 1 59  ? -15.368 3.718   4.586   1.00 20.06 ? 59  GLY A C   1 
ATOM   423  O  O   . GLY A 1 59  ? -15.420 4.453   3.604   1.00 24.81 ? 59  GLY A O   1 
ATOM   424  N  N   . THR A 1 60  ? -14.234 3.167   5.009   1.00 18.77 ? 60  THR A N   1 
ATOM   425  C  CA  . THR A 1 60  ? -12.975 3.404   4.312   1.00 15.68 ? 60  THR A CA  1 
ATOM   426  C  C   . THR A 1 60  ? -13.029 2.886   2.875   1.00 13.69 ? 60  THR A C   1 
ATOM   427  O  O   . THR A 1 60  ? -13.352 1.719   2.633   1.00 14.78 ? 60  THR A O   1 
ATOM   428  C  CB  . THR A 1 60  ? -11.799 2.724   5.039   1.00 13.65 ? 60  THR A CB  1 
ATOM   429  O  OG1 . THR A 1 60  ? -11.655 3.289   6.348   1.00 16.36 ? 60  THR A OG1 1 
ATOM   430  C  CG2 . THR A 1 60  ? -10.503 2.928   4.264   1.00 15.40 ? 60  THR A CG2 1 
ATOM   431  N  N   . SER A 1 61  ? -12.706 3.759   1.925   1.00 13.73 ? 61  SER A N   1 
ATOM   432  C  CA  . SER A 1 61  ? -12.718 3.403   0.510   1.00 13.63 ? 61  SER A CA  1 
ATOM   433  C  C   . SER A 1 61  ? -11.511 2.552   0.130   1.00 14.20 ? 61  SER A C   1 
ATOM   434  O  O   . SER A 1 61  ? -10.528 2.473   0.870   1.00 13.75 ? 61  SER A O   1 
ATOM   435  C  CB  . SER A 1 61  ? -12.729 4.668   -0.354  1.00 16.44 ? 61  SER A CB  1 
ATOM   436  O  OG  . SER A 1 61  ? -11.488 5.351   -0.271  1.00 17.88 ? 61  SER A OG  1 
ATOM   437  N  N   . ALA A 1 62  ? -11.592 1.920   -1.034  1.00 16.22 ? 62  ALA A N   1 
ATOM   438  C  CA  . ALA A 1 62  ? -10.510 1.085   -1.522  1.00 14.74 ? 62  ALA A CA  1 
ATOM   439  C  C   . ALA A 1 62  ? -9.257  1.919   -1.769  1.00 15.30 ? 62  ALA A C   1 
ATOM   440  O  O   . ALA A 1 62  ? -8.150  1.496   -1.443  1.00 14.68 ? 62  ALA A O   1 
ATOM   441  C  CB  . ALA A 1 62  ? -10.933 0.386   -2.807  1.00 17.84 ? 62  ALA A CB  1 
ATOM   442  N  N   A GLN A 1 63  ? -9.446  3.107   -2.334  0.50 15.23 ? 63  GLN A N   1 
ATOM   443  N  N   B GLN A 1 63  ? -9.426  3.104   -2.345  0.50 15.29 ? 63  GLN A N   1 
ATOM   444  C  CA  A GLN A 1 63  ? -8.330  4.004   -2.627  0.50 15.13 ? 63  GLN A CA  1 
ATOM   445  C  CA  B GLN A 1 63  ? -8.276  3.956   -2.627  0.50 15.10 ? 63  GLN A CA  1 
ATOM   446  C  C   A GLN A 1 63  ? -7.613  4.454   -1.360  0.50 14.67 ? 63  GLN A C   1 
ATOM   447  C  C   B GLN A 1 63  ? -7.598  4.459   -1.354  0.50 14.69 ? 63  GLN A C   1 
ATOM   448  O  O   A GLN A 1 63  ? -6.384  4.532   -1.329  0.50 13.19 ? 63  GLN A O   1 
ATOM   449  O  O   B GLN A 1 63  ? -6.374  4.582   -1.312  0.50 13.28 ? 63  GLN A O   1 
ATOM   450  C  CB  A GLN A 1 63  ? -8.825  5.233   -3.400  0.50 16.80 ? 63  GLN A CB  1 
ATOM   451  C  CB  B GLN A 1 63  ? -8.686  5.124   -3.532  0.50 16.78 ? 63  GLN A CB  1 
ATOM   452  C  CG  A GLN A 1 63  ? -9.883  6.055   -2.673  0.50 18.22 ? 63  GLN A CG  1 
ATOM   453  C  CG  B GLN A 1 63  ? -9.291  4.662   -4.859  0.50 18.02 ? 63  GLN A CG  1 
ATOM   454  C  CD  A GLN A 1 63  ? -10.349 7.258   -3.475  0.50 19.19 ? 63  GLN A CD  1 
ATOM   455  C  CD  B GLN A 1 63  ? -9.243  5.716   -5.950  0.50 18.50 ? 63  GLN A CD  1 
ATOM   456  O  OE1 A GLN A 1 63  ? -11.297 7.943   -3.092  0.50 21.80 ? 63  GLN A OE1 1 
ATOM   457  O  OE1 B GLN A 1 63  ? -9.669  6.854   -5.755  0.50 20.45 ? 63  GLN A OE1 1 
ATOM   458  N  NE2 A GLN A 1 63  ? -9.681  7.523   -4.590  0.50 20.60 ? 63  GLN A NE2 1 
ATOM   459  N  NE2 B GLN A 1 63  ? -8.731  5.334   -7.117  0.50 20.34 ? 63  GLN A NE2 1 
ATOM   460  N  N   . ARG A 1 64  ? -8.382  4.742   -0.314  1.00 12.39 ? 64  ARG A N   1 
ATOM   461  C  CA  . ARG A 1 64  ? -7.810  5.198   0.949   1.00 11.16 ? 64  ARG A CA  1 
ATOM   462  C  C   . ARG A 1 64  ? -7.013  4.034   1.546   1.00 10.09 ? 64  ARG A C   1 
ATOM   463  O  O   . ARG A 1 64  ? -5.900  4.214   2.039   1.00 10.38 ? 64  ARG A O   1 
ATOM   464  C  CB  . ARG A 1 64  ? -8.918  5.632   1.921   1.00 13.64 ? 64  ARG A CB  1 
ATOM   465  C  CG  . ARG A 1 64  ? -8.422  6.507   3.072   1.00 14.61 ? 64  ARG A CG  1 
ATOM   466  C  CD  . ARG A 1 64  ? -9.529  6.847   4.070   1.00 16.52 ? 64  ARG A CD  1 
ATOM   467  N  NE  . ARG A 1 64  ? -10.614 7.639   3.490   1.00 20.56 ? 64  ARG A NE  1 
ATOM   468  C  CZ  . ARG A 1 64  ? -10.641 8.969   3.437   1.00 19.74 ? 64  ARG A CZ  1 
ATOM   469  N  NH1 . ARG A 1 64  ? -9.637  9.681   3.929   1.00 19.59 ? 64  ARG A NH1 1 
ATOM   470  N  NH2 . ARG A 1 64  ? -11.684 9.589   2.905   1.00 19.69 ? 64  ARG A NH2 1 
ATOM   471  N  N   . ALA A 1 65  ? -7.581  2.834   1.487   1.00 9.92  ? 65  ALA A N   1 
ATOM   472  C  CA  . ALA A 1 65  ? -6.913  1.652   2.026   1.00 9.97  ? 65  ALA A CA  1 
ATOM   473  C  C   . ALA A 1 65  ? -5.621  1.346   1.265   1.00 9.07  ? 65  ALA A C   1 
ATOM   474  O  O   . ALA A 1 65  ? -4.632  0.904   1.859   1.00 11.39 ? 65  ALA A O   1 
ATOM   475  C  CB  . ALA A 1 65  ? -7.846  0.454   1.966   1.00 10.92 ? 65  ALA A CB  1 
ATOM   476  N  N   A GLU A 1 66  ? -5.633  1.578   -0.046  0.50 10.93 ? 66  GLU A N   1 
ATOM   477  N  N   B GLU A 1 66  ? -5.641  1.582   -0.044  0.50 10.68 ? 66  GLU A N   1 
ATOM   478  C  CA  A GLU A 1 66  ? -4.456  1.327   -0.874  0.50 12.07 ? 66  GLU A CA  1 
ATOM   479  C  CA  B GLU A 1 66  ? -4.478  1.344   -0.890  0.50 11.63 ? 66  GLU A CA  1 
ATOM   480  C  C   A GLU A 1 66  ? -3.306  2.250   -0.474  0.50 11.47 ? 66  GLU A C   1 
ATOM   481  C  C   B GLU A 1 66  ? -3.315  2.255   -0.497  0.50 11.19 ? 66  GLU A C   1 
ATOM   482  O  O   A GLU A 1 66  ? -2.146  1.837   -0.458  0.50 11.80 ? 66  GLU A O   1 
ATOM   483  O  O   B GLU A 1 66  ? -2.157  1.838   -0.509  0.50 11.59 ? 66  GLU A O   1 
ATOM   484  C  CB  A GLU A 1 66  ? -4.798  1.520   -2.356  0.50 13.13 ? 66  GLU A CB  1 
ATOM   485  C  CB  B GLU A 1 66  ? -4.850  1.558   -2.362  0.50 12.18 ? 66  GLU A CB  1 
ATOM   486  C  CG  A GLU A 1 66  ? -5.733  0.449   -2.919  0.50 15.69 ? 66  GLU A CG  1 
ATOM   487  C  CG  B GLU A 1 66  ? -5.536  0.353   -3.008  0.50 14.00 ? 66  GLU A CG  1 
ATOM   488  C  CD  A GLU A 1 66  ? -4.991  -0.718  -3.551  0.50 17.36 ? 66  GLU A CD  1 
ATOM   489  C  CD  B GLU A 1 66  ? -6.496  0.740   -4.120  0.50 14.22 ? 66  GLU A CD  1 
ATOM   490  O  OE1 A GLU A 1 66  ? -3.932  -1.118  -3.023  0.50 16.43 ? 66  GLU A OE1 1 
ATOM   491  O  OE1 B GLU A 1 66  ? -6.234  1.740   -4.818  0.50 15.72 ? 66  GLU A OE1 1 
ATOM   492  O  OE2 A GLU A 1 66  ? -5.479  -1.245  -4.577  0.50 18.51 ? 66  GLU A OE2 1 
ATOM   493  O  OE2 B GLU A 1 66  ? -7.511  0.035   -4.301  0.50 16.71 ? 66  GLU A OE2 1 
ATOM   494  N  N   . LEU A 1 67  ? -3.627  3.500   -0.147  1.00 10.54 ? 67  LEU A N   1 
ATOM   495  C  CA  . LEU A 1 67  ? -2.600  4.456   0.261   1.00 9.67  ? 67  LEU A CA  1 
ATOM   496  C  C   . LEU A 1 67  ? -2.029  4.080   1.624   1.00 9.48  ? 67  LEU A C   1 
ATOM   497  O  O   . LEU A 1 67  ? -0.821  4.167   1.852   1.00 10.34 ? 67  LEU A O   1 
ATOM   498  C  CB  . LEU A 1 67  ? -3.176  5.874   0.339   1.00 9.35  ? 67  LEU A CB  1 
ATOM   499  C  CG  . LEU A 1 67  ? -3.644  6.524   -0.967  1.00 10.35 ? 67  LEU A CG  1 
ATOM   500  C  CD1 . LEU A 1 67  ? -4.259  7.872   -0.644  1.00 11.32 ? 67  LEU A CD1 1 
ATOM   501  C  CD2 . LEU A 1 67  ? -2.482  6.675   -1.944  1.00 11.48 ? 67  LEU A CD2 1 
ATOM   502  N  N   . ILE A 1 68  ? -2.913  3.674   2.534   1.00 8.82  ? 68  ILE A N   1 
ATOM   503  C  CA  . ILE A 1 68  ? -2.511  3.287   3.877   1.00 9.13  ? 68  ILE A CA  1 
ATOM   504  C  C   . ILE A 1 68  ? -1.549  2.097   3.840   1.00 9.13  ? 68  ILE A C   1 
ATOM   505  O  O   . ILE A 1 68  ? -0.544  2.084   4.549   1.00 9.76  ? 68  ILE A O   1 
ATOM   506  C  CB  . ILE A 1 68  ? -3.773  2.981   4.733   1.00 9.08  ? 68  ILE A CB  1 
ATOM   507  C  CG1 . ILE A 1 68  ? -4.503  4.299   5.032   1.00 10.35 ? 68  ILE A CG1 1 
ATOM   508  C  CG2 . ILE A 1 68  ? -3.390  2.263   6.022   1.00 10.17 ? 68  ILE A CG2 1 
ATOM   509  C  CD1 . ILE A 1 68  ? -5.918  4.135   5.564   1.00 12.11 ? 68  ILE A CD1 1 
ATOM   510  N  N   . ALA A 1 69  ? -1.838  1.113   2.991   1.00 9.33  ? 69  ALA A N   1 
ATOM   511  C  CA  . ALA A 1 69  ? -0.970  -0.062  2.881   1.00 9.47  ? 69  ALA A CA  1 
ATOM   512  C  C   . ALA A 1 69  ? 0.413   0.303   2.338   1.00 9.54  ? 69  ALA A C   1 
ATOM   513  O  O   . ALA A 1 69  ? 1.433   -0.127  2.878   1.00 9.30  ? 69  ALA A O   1 
ATOM   514  C  CB  . ALA A 1 69  ? -1.621  -1.113  1.985   1.00 9.25  ? 69  ALA A CB  1 
ATOM   515  N  N   . LEU A 1 70  ? 0.451   1.096   1.267   1.00 8.43  ? 70  LEU A N   1 
ATOM   516  C  CA  . LEU A 1 70  ? 1.729   1.493   0.693   1.00 7.96  ? 70  LEU A CA  1 
ATOM   517  C  C   . LEU A 1 70  ? 2.538   2.310   1.703   1.00 8.85  ? 70  LEU A C   1 
ATOM   518  O  O   . LEU A 1 70  ? 3.750   2.123   1.832   1.00 8.66  ? 70  LEU A O   1 
ATOM   519  C  CB  . LEU A 1 70  ? 1.508   2.299   -0.597  1.00 7.77  ? 70  LEU A CB  1 
ATOM   520  C  CG  . LEU A 1 70  ? 2.758   2.814   -1.322  1.00 6.85  ? 70  LEU A CG  1 
ATOM   521  C  CD1 . LEU A 1 70  ? 3.659   1.647   -1.703  1.00 9.92  ? 70  LEU A CD1 1 
ATOM   522  C  CD2 . LEU A 1 70  ? 2.337   3.586   -2.560  1.00 10.53 ? 70  LEU A CD2 1 
ATOM   523  N  N   . THR A 1 71  ? 1.864   3.195   2.435   1.00 8.54  ? 71  THR A N   1 
ATOM   524  C  CA  . THR A 1 71  ? 2.533   4.031   3.429   1.00 8.95  ? 71  THR A CA  1 
ATOM   525  C  C   . THR A 1 71  ? 3.158   3.186   4.544   1.00 9.23  ? 71  THR A C   1 
ATOM   526  O  O   . THR A 1 71  ? 4.278   3.455   4.991   1.00 9.02  ? 71  THR A O   1 
ATOM   527  C  CB  . THR A 1 71  ? 1.543   5.052   4.033   1.00 7.70  ? 71  THR A CB  1 
ATOM   528  O  OG1 . THR A 1 71  ? 1.023   5.878   2.978   1.00 9.63  ? 71  THR A OG1 1 
ATOM   529  C  CG2 . THR A 1 71  ? 2.236   5.925   5.074   1.00 9.72  ? 71  THR A CG2 1 
ATOM   530  N  N   . GLN A 1 72  ? 2.437   2.157   4.980   1.00 9.47  ? 72  GLN A N   1 
ATOM   531  C  CA  . GLN A 1 72  ? 2.935   1.270   6.026   1.00 8.79  ? 72  GLN A CA  1 
ATOM   532  C  C   . GLN A 1 72  ? 4.215   0.561   5.572   1.00 9.30  ? 72  GLN A C   1 
ATOM   533  O  O   . GLN A 1 72  ? 5.160   0.414   6.345   1.00 8.70  ? 72  GLN A O   1 
ATOM   534  C  CB  . GLN A 1 72  ? 1.856   0.247   6.395   1.00 9.51  ? 72  GLN A CB  1 
ATOM   535  C  CG  . GLN A 1 72  ? 2.219   -0.676  7.547   1.00 11.54 ? 72  GLN A CG  1 
ATOM   536  C  CD  . GLN A 1 72  ? 2.422   0.057   8.858   1.00 13.72 ? 72  GLN A CD  1 
ATOM   537  O  OE1 . GLN A 1 72  ? 1.861   1.131   9.077   1.00 17.22 ? 72  GLN A OE1 1 
ATOM   538  N  NE2 . GLN A 1 72  ? 3.214   -0.535  9.747   1.00 18.03 ? 72  GLN A NE2 1 
ATOM   539  N  N   . ALA A 1 73  ? 4.254   0.134   4.312   1.00 8.81  ? 73  ALA A N   1 
ATOM   540  C  CA  . ALA A 1 73  ? 5.436   -0.547  3.790   1.00 8.68  ? 73  ALA A CA  1 
ATOM   541  C  C   . ALA A 1 73  ? 6.640   0.390   3.830   1.00 8.19  ? 73  ALA A C   1 
ATOM   542  O  O   . ALA A 1 73  ? 7.724   0.000   4.271   1.00 9.48  ? 73  ALA A O   1 
ATOM   543  C  CB  . ALA A 1 73  ? 5.182   -1.019  2.352   1.00 8.04  ? 73  ALA A CB  1 
ATOM   544  N  N   . LEU A 1 74  ? 6.442   1.631   3.389   1.00 8.87  ? 74  LEU A N   1 
ATOM   545  C  CA  . LEU A 1 74  ? 7.521   2.613   3.384   1.00 10.19 ? 74  LEU A CA  1 
ATOM   546  C  C   . LEU A 1 74  ? 8.051   2.857   4.792   1.00 11.49 ? 74  LEU A C   1 
ATOM   547  O  O   . LEU A 1 74  ? 9.267   2.921   4.996   1.00 12.85 ? 74  LEU A O   1 
ATOM   548  C  CB  . LEU A 1 74  ? 7.042   3.938   2.773   1.00 9.10  ? 74  LEU A CB  1 
ATOM   549  C  CG  . LEU A 1 74  ? 6.660   3.895   1.289   1.00 11.34 ? 74  LEU A CG  1 
ATOM   550  C  CD1 . LEU A 1 74  ? 6.110   5.245   0.850   1.00 13.02 ? 74  LEU A CD1 1 
ATOM   551  C  CD2 . LEU A 1 74  ? 7.871   3.518   0.461   1.00 15.96 ? 74  LEU A CD2 1 
ATOM   552  N  N   A LYS A 1 75  ? 7.141   2.993   5.754   0.50 11.60 ? 75  LYS A N   1 
ATOM   553  N  N   B LYS A 1 75  ? 7.144   2.996   5.757   0.50 11.57 ? 75  LYS A N   1 
ATOM   554  C  CA  A LYS A 1 75  ? 7.524   3.236   7.142   0.50 13.21 ? 75  LYS A CA  1 
ATOM   555  C  CA  B LYS A 1 75  ? 7.538   3.241   7.142   0.50 13.14 ? 75  LYS A CA  1 
ATOM   556  C  C   A LYS A 1 75  ? 8.343   2.091   7.728   0.50 13.68 ? 75  LYS A C   1 
ATOM   557  C  C   B LYS A 1 75  ? 8.344   2.090   7.733   0.50 13.65 ? 75  LYS A C   1 
ATOM   558  O  O   A LYS A 1 75  ? 9.371   2.315   8.368   0.50 15.52 ? 75  LYS A O   1 
ATOM   559  O  O   B LYS A 1 75  ? 9.367   2.308   8.385   0.50 15.51 ? 75  LYS A O   1 
ATOM   560  C  CB  A LYS A 1 75  ? 6.279   3.461   8.005   0.50 14.80 ? 75  LYS A CB  1 
ATOM   561  C  CB  B LYS A 1 75  ? 6.304   3.503   8.013   0.50 14.67 ? 75  LYS A CB  1 
ATOM   562  C  CG  A LYS A 1 75  ? 5.542   4.760   7.715   0.50 16.92 ? 75  LYS A CG  1 
ATOM   563  C  CG  B LYS A 1 75  ? 5.622   4.837   7.734   0.50 16.34 ? 75  LYS A CG  1 
ATOM   564  C  CD  A LYS A 1 75  ? 4.346   4.932   8.638   0.50 18.87 ? 75  LYS A CD  1 
ATOM   565  C  CD  B LYS A 1 75  ? 4.529   5.145   8.751   0.50 18.40 ? 75  LYS A CD  1 
ATOM   566  C  CE  A LYS A 1 75  ? 3.636   6.253   8.383   0.50 20.32 ? 75  LYS A CE  1 
ATOM   567  C  CE  B LYS A 1 75  ? 3.382   4.150   8.676   0.50 18.66 ? 75  LYS A CE  1 
ATOM   568  N  NZ  A LYS A 1 75  ? 2.470   6.430   9.292   0.50 20.16 ? 75  LYS A NZ  1 
ATOM   569  N  NZ  B LYS A 1 75  ? 2.304   4.484   9.649   0.50 20.68 ? 75  LYS A NZ  1 
HETATM 570  N  N   . MSE A 1 76  ? 7.884   0.864   7.506   1.00 11.71 ? 76  MSE A N   1 
HETATM 571  C  CA  . MSE A 1 76  ? 8.575   -0.310  8.026   1.00 12.48 ? 76  MSE A CA  1 
HETATM 572  C  C   . MSE A 1 76  ? 9.930   -0.567  7.372   1.00 13.50 ? 76  MSE A C   1 
HETATM 573  O  O   . MSE A 1 76  ? 10.743  -1.331  7.903   1.00 16.04 ? 76  MSE A O   1 
HETATM 574  C  CB  . MSE A 1 76  ? 7.692   -1.555  7.882   1.00 14.15 ? 76  MSE A CB  1 
HETATM 575  C  CG  . MSE A 1 76  ? 6.415   -1.511  8.704   1.00 12.61 ? 76  MSE A CG  1 
HETATM 576  SE SE  . MSE A 1 76  ? 5.485   -3.220  8.698   1.00 22.79 ? 76  MSE A SE  1 
HETATM 577  C  CE  . MSE A 1 76  ? 5.004   -3.261  6.849   1.00 18.01 ? 76  MSE A CE  1 
ATOM   578  N  N   . ALA A 1 77  ? 10.179  0.070   6.230   1.00 12.89 ? 77  ALA A N   1 
ATOM   579  C  CA  . ALA A 1 77  ? 11.443  -0.106  5.514   1.00 13.20 ? 77  ALA A CA  1 
ATOM   580  C  C   . ALA A 1 77  ? 12.388  1.081   5.689   1.00 13.89 ? 77  ALA A C   1 
ATOM   581  O  O   . ALA A 1 77  ? 13.338  1.251   4.918   1.00 13.23 ? 77  ALA A O   1 
ATOM   582  C  CB  . ALA A 1 77  ? 11.176  -0.340  4.034   1.00 12.94 ? 77  ALA A CB  1 
ATOM   583  N  N   . GLU A 1 78  ? 12.131  1.898   6.703   1.00 13.96 ? 78  GLU A N   1 
ATOM   584  C  CA  . GLU A 1 78  ? 12.978  3.053   6.961   1.00 15.70 ? 78  GLU A CA  1 
ATOM   585  C  C   . GLU A 1 78  ? 14.445  2.631   7.080   1.00 14.25 ? 78  GLU A C   1 
ATOM   586  O  O   . GLU A 1 78  ? 14.782  1.694   7.811   1.00 15.45 ? 78  GLU A O   1 
ATOM   587  C  CB  . GLU A 1 78  ? 12.520  3.771   8.238   1.00 16.60 ? 78  GLU A CB  1 
ATOM   588  C  CG  . GLU A 1 78  ? 13.441  4.894   8.696   1.00 20.61 ? 78  GLU A CG  1 
ATOM   589  C  CD  . GLU A 1 78  ? 12.781  5.819   9.707   1.00 24.57 ? 78  GLU A CD  1 
ATOM   590  O  OE1 . GLU A 1 78  ? 11.951  5.337   10.507  1.00 27.25 ? 78  GLU A OE1 1 
ATOM   591  O  OE2 . GLU A 1 78  ? 13.104  7.026   9.710   1.00 29.59 ? 78  GLU A OE2 1 
ATOM   592  N  N   . GLY A 1 79  ? 15.308  3.320   6.337   1.00 14.85 ? 79  GLY A N   1 
ATOM   593  C  CA  . GLY A 1 79  ? 16.731  3.024   6.369   1.00 14.75 ? 79  GLY A CA  1 
ATOM   594  C  C   . GLY A 1 79  ? 17.206  1.831   5.557   1.00 15.51 ? 79  GLY A C   1 
ATOM   595  O  O   . GLY A 1 79  ? 18.396  1.509   5.570   1.00 16.13 ? 79  GLY A O   1 
ATOM   596  N  N   A LYS A 1 80  ? 16.287  1.181   4.848   0.50 14.92 ? 80  LYS A N   1 
ATOM   597  N  N   B LYS A 1 80  ? 16.294  1.180   4.843   0.50 15.35 ? 80  LYS A N   1 
ATOM   598  C  CA  A LYS A 1 80  ? 16.618  0.009   4.042   0.50 14.96 ? 80  LYS A CA  1 
ATOM   599  C  CA  B LYS A 1 80  ? 16.657  0.023   4.032   0.50 15.72 ? 80  LYS A CA  1 
ATOM   600  C  C   A LYS A 1 80  ? 16.318  0.217   2.556   0.50 14.07 ? 80  LYS A C   1 
ATOM   601  C  C   B LYS A 1 80  ? 16.334  0.225   2.554   0.50 14.57 ? 80  LYS A C   1 
ATOM   602  O  O   A LYS A 1 80  ? 15.685  1.201   2.175   0.50 13.82 ? 80  LYS A O   1 
ATOM   603  O  O   B LYS A 1 80  ? 15.700  1.209   2.177   0.50 14.17 ? 80  LYS A O   1 
ATOM   604  C  CB  A LYS A 1 80  ? 15.830  -1.202  4.554   0.50 16.48 ? 80  LYS A CB  1 
ATOM   605  C  CB  B LYS A 1 80  ? 15.947  -1.231  4.552   0.50 18.25 ? 80  LYS A CB  1 
ATOM   606  C  CG  A LYS A 1 80  ? 16.193  -1.641  5.970   0.50 18.45 ? 80  LYS A CG  1 
ATOM   607  C  CG  B LYS A 1 80  ? 16.381  -1.661  5.949   0.50 21.05 ? 80  LYS A CG  1 
ATOM   608  C  CD  A LYS A 1 80  ? 17.526  -2.370  5.996   0.50 19.87 ? 80  LYS A CD  1 
ATOM   609  C  CD  B LYS A 1 80  ? 17.884  -1.890  6.014   0.50 24.35 ? 80  LYS A CD  1 
ATOM   610  C  CE  A LYS A 1 80  ? 17.913  -2.799  7.407   0.50 20.56 ? 80  LYS A CE  1 
ATOM   611  C  CE  B LYS A 1 80  ? 18.318  -2.410  7.377   0.50 25.70 ? 80  LYS A CE  1 
ATOM   612  N  NZ  A LYS A 1 80  ? 18.257  -1.646  8.283   0.50 20.21 ? 80  LYS A NZ  1 
ATOM   613  N  NZ  B LYS A 1 80  ? 17.727  -3.746  7.674   0.50 27.60 ? 80  LYS A NZ  1 
ATOM   614  N  N   . LYS A 1 81  ? 16.787  -0.709  1.724   1.00 13.76 ? 81  LYS A N   1 
ATOM   615  C  CA  . LYS A 1 81  ? 16.550  -0.647  0.281   1.00 12.41 ? 81  LYS A CA  1 
ATOM   616  C  C   . LYS A 1 81  ? 15.290  -1.464  0.032   1.00 11.87 ? 81  LYS A C   1 
ATOM   617  O  O   . LYS A 1 81  ? 15.258  -2.668  0.304   1.00 12.00 ? 81  LYS A O   1 
ATOM   618  C  CB  . LYS A 1 81  ? 17.730  -1.245  -0.488  1.00 13.46 ? 81  LYS A CB  1 
ATOM   619  C  CG  . LYS A 1 81  ? 19.036  -0.483  -0.288  1.00 17.19 ? 81  LYS A CG  1 
ATOM   620  C  CD  . LYS A 1 81  ? 20.102  -0.958  -1.262  1.00 20.03 ? 81  LYS A CD  1 
ATOM   621  C  CE  . LYS A 1 81  ? 21.333  -0.065  -1.209  1.00 22.96 ? 81  LYS A CE  1 
ATOM   622  N  NZ  . LYS A 1 81  ? 22.325  -0.421  -2.263  1.00 24.71 ? 81  LYS A NZ  1 
ATOM   623  N  N   . LEU A 1 82  ? 14.260  -0.805  -0.486  1.00 10.92 ? 82  LEU A N   1 
ATOM   624  C  CA  . LEU A 1 82  ? 12.977  -1.456  -0.707  1.00 10.42 ? 82  LEU A CA  1 
ATOM   625  C  C   . LEU A 1 82  ? 12.429  -1.475  -2.124  1.00 9.99  ? 82  LEU A C   1 
ATOM   626  O  O   . LEU A 1 82  ? 12.446  -0.461  -2.821  1.00 11.08 ? 82  LEU A O   1 
ATOM   627  C  CB  . LEU A 1 82  ? 11.918  -0.793  0.187   1.00 9.74  ? 82  LEU A CB  1 
ATOM   628  C  CG  . LEU A 1 82  ? 10.445  -1.164  -0.040  1.00 10.98 ? 82  LEU A CG  1 
ATOM   629  C  CD1 . LEU A 1 82  ? 10.213  -2.597  0.424   1.00 10.06 ? 82  LEU A CD1 1 
ATOM   630  C  CD2 . LEU A 1 82  ? 9.538   -0.210  0.736   1.00 9.97  ? 82  LEU A CD2 1 
ATOM   631  N  N   . ASN A 1 83  ? 11.955  -2.649  -2.536  1.00 10.01 ? 83  ASN A N   1 
ATOM   632  C  CA  . ASN A 1 83  ? 11.268  -2.811  -3.814  1.00 9.72  ? 83  ASN A CA  1 
ATOM   633  C  C   . ASN A 1 83  ? 9.851   -3.104  -3.328  1.00 10.19 ? 83  ASN A C   1 
ATOM   634  O  O   . ASN A 1 83  ? 9.622   -4.125  -2.682  1.00 12.94 ? 83  ASN A O   1 
ATOM   635  C  CB  . ASN A 1 83  ? 11.770  -4.026  -4.607  1.00 11.29 ? 83  ASN A CB  1 
ATOM   636  C  CG  . ASN A 1 83  ? 13.042  -3.740  -5.369  1.00 13.05 ? 83  ASN A CG  1 
ATOM   637  O  OD1 . ASN A 1 83  ? 13.293  -2.605  -5.769  1.00 15.08 ? 83  ASN A OD1 1 
ATOM   638  N  ND2 . ASN A 1 83  ? 13.845  -4.775  -5.591  1.00 16.74 ? 83  ASN A ND2 1 
ATOM   639  N  N   . VAL A 1 84  ? 8.904   -2.216  -3.599  1.00 9.35  ? 84  VAL A N   1 
ATOM   640  C  CA  . VAL A 1 84  ? 7.536   -2.467  -3.149  1.00 9.00  ? 84  VAL A CA  1 
ATOM   641  C  C   . VAL A 1 84  ? 6.577   -2.436  -4.326  1.00 8.76  ? 84  VAL A C   1 
ATOM   642  O  O   . VAL A 1 84  ? 6.648   -1.553  -5.185  1.00 9.18  ? 84  VAL A O   1 
ATOM   643  C  CB  . VAL A 1 84  ? 7.095   -1.455  -2.045  1.00 9.18  ? 84  VAL A CB  1 
ATOM   644  C  CG1 . VAL A 1 84  ? 7.112   -0.031  -2.572  1.00 10.74 ? 84  VAL A CG1 1 
ATOM   645  C  CG2 . VAL A 1 84  ? 5.712   -1.831  -1.520  1.00 11.08 ? 84  VAL A CG2 1 
ATOM   646  N  N   . TYR A 1 85  ? 5.690   -3.426  -4.371  1.00 9.66  ? 85  TYR A N   1 
ATOM   647  C  CA  . TYR A 1 85  ? 4.724   -3.537  -5.456  1.00 12.26 ? 85  TYR A CA  1 
ATOM   648  C  C   . TYR A 1 85  ? 3.332   -3.123  -5.024  1.00 14.78 ? 85  TYR A C   1 
ATOM   649  O  O   . TYR A 1 85  ? 2.958   -3.277  -3.863  1.00 17.09 ? 85  TYR A O   1 
ATOM   650  C  CB  . TYR A 1 85  ? 4.663   -4.973  -5.983  1.00 13.44 ? 85  TYR A CB  1 
ATOM   651  C  CG  . TYR A 1 85  ? 5.923   -5.450  -6.665  1.00 14.67 ? 85  TYR A CG  1 
ATOM   652  C  CD1 . TYR A 1 85  ? 7.060   -5.782  -5.927  1.00 16.21 ? 85  TYR A CD1 1 
ATOM   653  C  CD2 . TYR A 1 85  ? 5.979   -5.575  -8.053  1.00 16.77 ? 85  TYR A CD2 1 
ATOM   654  C  CE1 . TYR A 1 85  ? 8.221   -6.232  -6.556  1.00 18.89 ? 85  TYR A CE1 1 
ATOM   655  C  CE2 . TYR A 1 85  ? 7.132   -6.019  -8.689  1.00 17.45 ? 85  TYR A CE2 1 
ATOM   656  C  CZ  . TYR A 1 85  ? 8.248   -6.348  -7.936  1.00 18.84 ? 85  TYR A CZ  1 
ATOM   657  O  OH  . TYR A 1 85  ? 9.389   -6.789  -8.564  1.00 23.88 ? 85  TYR A OH  1 
ATOM   658  N  N   . THR A 1 86  ? 2.580   -2.595  -5.982  1.00 14.94 ? 86  THR A N   1 
ATOM   659  C  CA  . THR A 1 86  ? 1.207   -2.160  -5.766  1.00 17.31 ? 86  THR A CA  1 
ATOM   660  C  C   . THR A 1 86  ? 0.456   -2.361  -7.082  1.00 16.94 ? 86  THR A C   1 
ATOM   661  O  O   . THR A 1 86  ? 1.003   -2.124  -8.156  1.00 17.81 ? 86  THR A O   1 
ATOM   662  C  CB  . THR A 1 86  ? 1.140   -0.662  -5.350  1.00 16.53 ? 86  THR A CB  1 
ATOM   663  O  OG1 . THR A 1 86  ? -0.230  -0.257  -5.214  1.00 18.75 ? 86  THR A OG1 1 
ATOM   664  C  CG2 . THR A 1 86  ? 1.831   0.219   -6.380  1.00 18.86 ? 86  THR A CG2 1 
ATOM   665  N  N   . ASP A 1 87  ? -0.785  -2.825  -6.996  1.00 19.83 ? 87  ASP A N   1 
ATOM   666  C  CA  . ASP A 1 87  ? -1.593  -3.033  -8.192  1.00 21.06 ? 87  ASP A CA  1 
ATOM   667  C  C   . ASP A 1 87  ? -2.561  -1.868  -8.344  1.00 21.29 ? 87  ASP A C   1 
ATOM   668  O  O   . ASP A 1 87  ? -3.495  -1.917  -9.146  1.00 23.21 ? 87  ASP A O   1 
ATOM   669  C  CB  . ASP A 1 87  ? -2.366  -4.354  -8.098  1.00 24.03 ? 87  ASP A CB  1 
ATOM   670  C  CG  . ASP A 1 87  ? -3.259  -4.428  -6.875  1.00 27.62 ? 87  ASP A CG  1 
ATOM   671  O  OD1 . ASP A 1 87  ? -3.825  -5.513  -6.622  1.00 31.24 ? 87  ASP A OD1 1 
ATOM   672  O  OD2 . ASP A 1 87  ? -3.404  -3.408  -6.166  1.00 32.40 ? 87  ASP A OD2 1 
ATOM   673  N  N   . SER A 1 88  ? -2.329  -0.820  -7.557  1.00 18.84 ? 88  SER A N   1 
ATOM   674  C  CA  . SER A 1 88  ? -3.163  0.372   -7.591  1.00 17.11 ? 88  SER A CA  1 
ATOM   675  C  C   . SER A 1 88  ? -2.520  1.466   -8.428  1.00 15.42 ? 88  SER A C   1 
ATOM   676  O  O   . SER A 1 88  ? -1.475  2.009   -8.061  1.00 14.04 ? 88  SER A O   1 
ATOM   677  C  CB  . SER A 1 88  ? -3.401  0.901   -6.174  1.00 15.15 ? 88  SER A CB  1 
ATOM   678  O  OG  . SER A 1 88  ? -4.090  2.141   -6.212  1.00 15.26 ? 88  SER A OG  1 
ATOM   679  N  N   . ARG A 1 89  ? -3.146  1.786   -9.556  1.00 14.86 ? 89  ARG A N   1 
ATOM   680  C  CA  . ARG A 1 89  ? -2.640  2.836   -10.422 1.00 14.56 ? 89  ARG A CA  1 
ATOM   681  C  C   . ARG A 1 89  ? -2.713  4.149   -9.637  1.00 14.23 ? 89  ARG A C   1 
ATOM   682  O  O   . ARG A 1 89  ? -1.826  4.994   -9.734  1.00 12.78 ? 89  ARG A O   1 
ATOM   683  C  CB  . ARG A 1 89  ? -3.494  2.943   -11.685 1.00 19.22 ? 89  ARG A CB  1 
ATOM   684  C  CG  . ARG A 1 89  ? -2.913  3.857   -12.744 1.00 23.99 ? 89  ARG A CG  1 
ATOM   685  C  CD  . ARG A 1 89  ? -3.998  4.376   -13.665 1.00 28.05 ? 89  ARG A CD  1 
ATOM   686  N  NE  . ARG A 1 89  ? -5.015  5.113   -12.920 1.00 31.40 ? 89  ARG A NE  1 
ATOM   687  C  CZ  . ARG A 1 89  ? -4.767  6.195   -12.187 1.00 33.22 ? 89  ARG A CZ  1 
ATOM   688  N  NH1 . ARG A 1 89  ? -3.534  6.673   -12.100 1.00 33.27 ? 89  ARG A NH1 1 
ATOM   689  N  NH2 . ARG A 1 89  ? -5.751  6.794   -11.531 1.00 34.20 ? 89  ARG A NH2 1 
ATOM   690  N  N   . TYR A 1 90  ? -3.781  4.300   -8.860  1.00 13.42 ? 90  TYR A N   1 
ATOM   691  C  CA  . TYR A 1 90  ? -3.992  5.494   -8.039  1.00 13.23 ? 90  TYR A CA  1 
ATOM   692  C  C   . TYR A 1 90  ? -2.867  5.703   -7.027  1.00 12.65 ? 90  TYR A C   1 
ATOM   693  O  O   . TYR A 1 90  ? -2.327  6.805   -6.907  1.00 13.91 ? 90  TYR A O   1 
ATOM   694  C  CB  . TYR A 1 90  ? -5.329  5.388   -7.298  1.00 11.82 ? 90  TYR A CB  1 
ATOM   695  C  CG  . TYR A 1 90  ? -5.573  6.466   -6.257  1.00 11.91 ? 90  TYR A CG  1 
ATOM   696  C  CD1 . TYR A 1 90  ? -5.811  7.789   -6.629  1.00 11.92 ? 90  TYR A CD1 1 
ATOM   697  C  CD2 . TYR A 1 90  ? -5.570  6.155   -4.897  1.00 11.96 ? 90  TYR A CD2 1 
ATOM   698  C  CE1 . TYR A 1 90  ? -6.043  8.779   -5.664  1.00 13.26 ? 90  TYR A CE1 1 
ATOM   699  C  CE2 . TYR A 1 90  ? -5.801  7.128   -3.931  1.00 11.46 ? 90  TYR A CE2 1 
ATOM   700  C  CZ  . TYR A 1 90  ? -6.037  8.438   -4.320  1.00 11.93 ? 90  TYR A CZ  1 
ATOM   701  O  OH  . TYR A 1 90  ? -6.274  9.400   -3.358  1.00 11.87 ? 90  TYR A OH  1 
ATOM   702  N  N   . ALA A 1 91  ? -2.515  4.654   -6.291  1.00 10.98 ? 91  ALA A N   1 
ATOM   703  C  CA  . ALA A 1 91  ? -1.448  4.769   -5.305  1.00 10.85 ? 91  ALA A CA  1 
ATOM   704  C  C   . ALA A 1 91  ? -0.112  5.065   -5.981  1.00 10.74 ? 91  ALA A C   1 
ATOM   705  O  O   . ALA A 1 91  ? 0.665   5.889   -5.499  1.00 10.92 ? 91  ALA A O   1 
ATOM   706  C  CB  . ALA A 1 91  ? -1.352  3.499   -4.481  1.00 11.64 ? 91  ALA A CB  1 
ATOM   707  N  N   . PHE A 1 92  ? 0.149   4.387   -7.099  1.00 10.90 ? 92  PHE A N   1 
ATOM   708  C  CA  . PHE A 1 92  ? 1.386   4.586   -7.855  1.00 12.12 ? 92  PHE A CA  1 
ATOM   709  C  C   . PHE A 1 92  ? 1.499   6.027   -8.351  1.00 11.42 ? 92  PHE A C   1 
ATOM   710  O  O   . PHE A 1 92  ? 2.538   6.667   -8.198  1.00 11.98 ? 92  PHE A O   1 
ATOM   711  C  CB  . PHE A 1 92  ? 1.427   3.612   -9.042  1.00 11.97 ? 92  PHE A CB  1 
ATOM   712  C  CG  . PHE A 1 92  ? 2.657   3.745   -9.904  1.00 13.61 ? 92  PHE A CG  1 
ATOM   713  C  CD1 . PHE A 1 92  ? 2.704   4.679   -10.937 1.00 17.36 ? 92  PHE A CD1 1 
ATOM   714  C  CD2 . PHE A 1 92  ? 3.766   2.931   -9.685  1.00 13.56 ? 92  PHE A CD2 1 
ATOM   715  C  CE1 . PHE A 1 92  ? 3.838   4.800   -11.743 1.00 19.63 ? 92  PHE A CE1 1 
ATOM   716  C  CE2 . PHE A 1 92  ? 4.904   3.047   -10.485 1.00 15.69 ? 92  PHE A CE2 1 
ATOM   717  C  CZ  . PHE A 1 92  ? 4.939   3.984   -11.515 1.00 16.64 ? 92  PHE A CZ  1 
ATOM   718  N  N   . ALA A 1 93  ? 0.422   6.542   -8.935  1.00 10.44 ? 93  ALA A N   1 
ATOM   719  C  CA  . ALA A 1 93  ? 0.419   7.905   -9.445  1.00 11.57 ? 93  ALA A CA  1 
ATOM   720  C  C   . ALA A 1 93  ? 0.520   8.943   -8.327  1.00 12.20 ? 93  ALA A C   1 
ATOM   721  O  O   . ALA A 1 93  ? 1.174   9.971   -8.489  1.00 13.27 ? 93  ALA A O   1 
ATOM   722  C  CB  . ALA A 1 93  ? -0.842  8.145   -10.277 1.00 12.69 ? 93  ALA A CB  1 
ATOM   723  N  N   . THR A 1 94  ? -0.126  8.673   -7.193  1.00 12.25 ? 94  THR A N   1 
ATOM   724  C  CA  . THR A 1 94  ? -0.095  9.612   -6.073  1.00 13.11 ? 94  THR A CA  1 
ATOM   725  C  C   . THR A 1 94  ? 1.324   9.755   -5.531  1.00 13.66 ? 94  THR A C   1 
ATOM   726  O  O   . THR A 1 94  ? 1.756   10.858  -5.175  1.00 12.74 ? 94  THR A O   1 
ATOM   727  C  CB  . THR A 1 94  ? -1.059  9.159   -4.951  1.00 12.96 ? 94  THR A CB  1 
ATOM   728  O  OG1 . THR A 1 94  ? -2.394  9.112   -5.474  1.00 13.80 ? 94  THR A OG1 1 
ATOM   729  C  CG2 . THR A 1 94  ? -1.026  10.130  -3.772  1.00 14.72 ? 94  THR A CG2 1 
ATOM   730  N  N   . ALA A 1 95  ? 2.059   8.646   -5.491  1.00 12.51 ? 95  ALA A N   1 
ATOM   731  C  CA  . ALA A 1 95  ? 3.434   8.659   -4.998  1.00 13.00 ? 95  ALA A CA  1 
ATOM   732  C  C   . ALA A 1 95  ? 4.341   9.508   -5.882  1.00 13.27 ? 95  ALA A C   1 
ATOM   733  O  O   . ALA A 1 95  ? 5.464   9.837   -5.500  1.00 13.86 ? 95  ALA A O   1 
ATOM   734  C  CB  . ALA A 1 95  ? 3.979   7.228   -4.915  1.00 13.33 ? 95  ALA A CB  1 
ATOM   735  N  N   . HIS A 1 96  ? 3.852   9.864   -7.067  1.00 14.17 ? 96  HIS A N   1 
ATOM   736  C  CA  . HIS A 1 96  ? 4.627   10.678  -7.998  1.00 15.13 ? 96  HIS A CA  1 
ATOM   737  C  C   . HIS A 1 96  ? 4.162   12.134  -8.069  1.00 16.33 ? 96  HIS A C   1 
ATOM   738  O  O   . HIS A 1 96  ? 4.691   12.919  -8.857  1.00 18.38 ? 96  HIS A O   1 
ATOM   739  C  CB  . HIS A 1 96  ? 4.592   10.047  -9.396  1.00 17.23 ? 96  HIS A CB  1 
ATOM   740  C  CG  . HIS A 1 96  ? 5.400   8.793   -9.510  1.00 16.82 ? 96  HIS A CG  1 
ATOM   741  N  ND1 . HIS A 1 96  ? 6.723   8.793   -9.903  1.00 20.26 ? 96  HIS A ND1 1 
ATOM   742  C  CD2 . HIS A 1 96  ? 5.087   7.502   -9.248  1.00 17.64 ? 96  HIS A CD2 1 
ATOM   743  C  CE1 . HIS A 1 96  ? 7.187   7.557   -9.879  1.00 20.03 ? 96  HIS A CE1 1 
ATOM   744  N  NE2 . HIS A 1 96  ? 6.214   6.754   -9.485  1.00 21.50 ? 96  HIS A NE2 1 
ATOM   745  N  N   . LEU A 1 97  ? 3.181   12.501  -7.247  1.00 15.31 ? 97  LEU A N   1 
ATOM   746  C  CA  . LEU A 1 97  ? 2.691   13.878  -7.231  1.00 17.72 ? 97  LEU A CA  1 
ATOM   747  C  C   . LEU A 1 97  ? 3.728   14.811  -6.619  1.00 17.55 ? 97  LEU A C   1 
ATOM   748  O  O   . LEU A 1 97  ? 4.332   14.491  -5.596  1.00 17.75 ? 97  LEU A O   1 
ATOM   749  C  CB  . LEU A 1 97  ? 1.397   13.989  -6.420  1.00 19.23 ? 97  LEU A CB  1 
ATOM   750  C  CG  . LEU A 1 97  ? 0.133   13.358  -7.000  1.00 20.24 ? 97  LEU A CG  1 
ATOM   751  C  CD1 . LEU A 1 97  ? -1.024  13.576  -6.037  1.00 21.19 ? 97  LEU A CD1 1 
ATOM   752  C  CD2 . LEU A 1 97  ? -0.178  13.977  -8.360  1.00 21.54 ? 97  LEU A CD2 1 
ATOM   753  N  N   . THR A 1 98  ? 3.930   15.967  -7.240  1.00 19.07 ? 98  THR A N   1 
ATOM   754  C  CA  . THR A 1 98  ? 4.894   16.932  -6.731  1.00 21.29 ? 98  THR A CA  1 
ATOM   755  C  C   . THR A 1 98  ? 4.196   18.159  -6.160  1.00 21.41 ? 98  THR A C   1 
ATOM   756  O  O   . THR A 1 98  ? 4.811   18.960  -5.456  1.00 23.41 ? 98  THR A O   1 
ATOM   757  C  CB  . THR A 1 98  ? 5.870   17.385  -7.830  1.00 22.76 ? 98  THR A CB  1 
ATOM   758  O  OG1 . THR A 1 98  ? 5.137   17.979  -8.907  1.00 25.20 ? 98  THR A OG1 1 
ATOM   759  C  CG2 . THR A 1 98  ? 6.662   16.199  -8.354  1.00 24.18 ? 98  THR A CG2 1 
ATOM   760  N  N   . SER A 1 99  ? 2.909   18.305  -6.456  1.00 21.07 ? 99  SER A N   1 
ATOM   761  C  CA  . SER A 1 99  ? 2.148   19.446  -5.959  1.00 21.85 ? 99  SER A CA  1 
ATOM   762  C  C   . SER A 1 99  ? 0.648   19.207  -6.048  1.00 20.53 ? 99  SER A C   1 
ATOM   763  O  O   . SER A 1 99  ? 0.158   18.663  -7.037  1.00 22.15 ? 99  SER A O   1 
ATOM   764  C  CB  . SER A 1 99  ? 2.504   20.701  -6.757  1.00 24.38 ? 99  SER A CB  1 
ATOM   765  O  OG  . SER A 1 99  ? 1.684   21.791  -6.380  1.00 28.03 ? 99  SER A OG  1 
ATOM   766  N  N   . GLU A 1 100 ? -0.080  19.608  -5.010  1.00 18.26 ? 100 GLU A N   1 
ATOM   767  C  CA  . GLU A 1 100 ? -1.529  19.455  -5.002  1.00 18.78 ? 100 GLU A CA  1 
ATOM   768  C  C   . GLU A 1 100 ? -2.192  20.420  -4.026  1.00 18.23 ? 100 GLU A C   1 
ATOM   769  O  O   . GLU A 1 100 ? -1.546  20.945  -3.115  1.00 20.06 ? 100 GLU A O   1 
ATOM   770  C  CB  . GLU A 1 100 ? -1.924  18.016  -4.663  1.00 19.75 ? 100 GLU A CB  1 
ATOM   771  C  CG  . GLU A 1 100 ? -1.565  17.553  -3.266  1.00 20.16 ? 100 GLU A CG  1 
ATOM   772  C  CD  . GLU A 1 100 ? -0.073  17.430  -3.047  1.00 20.74 ? 100 GLU A CD  1 
ATOM   773  O  OE1 . GLU A 1 100 ? 0.595   16.734  -3.844  1.00 20.91 ? 100 GLU A OE1 1 
ATOM   774  O  OE2 . GLU A 1 100 ? 0.430   18.020  -2.071  1.00 22.20 ? 100 GLU A OE2 1 
ATOM   775  N  N   . GLY A 1 101 ? -3.485  20.654  -4.236  1.00 17.57 ? 101 GLY A N   1 
ATOM   776  C  CA  . GLY A 1 101 ? -4.227  21.558  -3.383  1.00 15.84 ? 101 GLY A CA  1 
ATOM   777  C  C   . GLY A 1 101 ? -4.806  20.888  -2.156  1.00 16.90 ? 101 GLY A C   1 
ATOM   778  O  O   . GLY A 1 101 ? -4.659  19.681  -1.960  1.00 16.60 ? 101 GLY A O   1 
ATOM   779  N  N   . LYS A 1 102 ? -5.473  21.681  -1.327  1.00 18.18 ? 102 LYS A N   1 
ATOM   780  C  CA  . LYS A 1 102 ? -6.077  21.166  -0.109  1.00 20.22 ? 102 LYS A CA  1 
ATOM   781  C  C   . LYS A 1 102 ? -7.399  20.480  -0.437  1.00 19.73 ? 102 LYS A C   1 
ATOM   782  O  O   . LYS A 1 102 ? -7.840  19.586  0.284   1.00 21.42 ? 102 LYS A O   1 
ATOM   783  C  CB  . LYS A 1 102 ? -6.325  22.310  0.874   1.00 23.62 ? 102 LYS A CB  1 
ATOM   784  C  CG  . LYS A 1 102 ? -6.388  21.875  2.318   1.00 27.77 ? 102 LYS A CG  1 
ATOM   785  C  CD  . LYS A 1 102 ? -6.731  23.035  3.235   1.00 32.24 ? 102 LYS A CD  1 
ATOM   786  C  CE  . LYS A 1 102 ? -6.453  22.668  4.680   1.00 34.93 ? 102 LYS A CE  1 
ATOM   787  N  NZ  . LYS A 1 102 ? -6.994  21.321  5.006   1.00 36.97 ? 102 LYS A NZ  1 
ATOM   788  N  N   A GLU A 1 103 ? -8.019  20.903  -1.533  0.50 18.27 ? 103 GLU A N   1 
ATOM   789  N  N   B GLU A 1 103 ? -8.019  20.904  -1.535  0.50 18.96 ? 103 GLU A N   1 
ATOM   790  C  CA  A GLU A 1 103 ? -9.297  20.347  -1.963  0.50 18.08 ? 103 GLU A CA  1 
ATOM   791  C  CA  B GLU A 1 103 ? -9.295  20.347  -1.968  0.50 19.27 ? 103 GLU A CA  1 
ATOM   792  C  C   A GLU A 1 103 ? -9.125  19.055  -2.754  0.50 18.16 ? 103 GLU A C   1 
ATOM   793  C  C   B GLU A 1 103 ? -9.121  19.054  -2.757  0.50 18.88 ? 103 GLU A C   1 
ATOM   794  O  O   A GLU A 1 103 ? -9.431  18.998  -3.948  0.50 16.73 ? 103 GLU A O   1 
ATOM   795  O  O   B GLU A 1 103 ? -9.421  18.997  -3.952  0.50 17.41 ? 103 GLU A O   1 
ATOM   796  C  CB  A GLU A 1 103 ? -10.055 21.372  -2.811  0.50 18.49 ? 103 GLU A CB  1 
ATOM   797  C  CB  B GLU A 1 103 ? -10.050 21.368  -2.825  0.50 20.94 ? 103 GLU A CB  1 
ATOM   798  C  CG  A GLU A 1 103 ? -10.456 22.647  -2.074  0.50 19.95 ? 103 GLU A CG  1 
ATOM   799  C  CG  B GLU A 1 103 ? -10.331 22.689  -2.127  0.50 24.53 ? 103 GLU A CG  1 
ATOM   800  C  CD  A GLU A 1 103 ? -9.276  23.378  -1.459  0.50 21.05 ? 103 GLU A CD  1 
ATOM   801  C  CD  B GLU A 1 103 ? -11.171 22.525  -0.877  0.50 26.48 ? 103 GLU A CD  1 
ATOM   802  O  OE1 A GLU A 1 103 ? -8.238  23.517  -2.139  0.50 20.96 ? 103 GLU A OE1 1 
ATOM   803  O  OE1 B GLU A 1 103 ? -12.277 21.949  -0.972  0.50 28.56 ? 103 GLU A OE1 1 
ATOM   804  O  OE2 A GLU A 1 103 ? -9.389  23.823  -0.297  0.50 21.47 ? 103 GLU A OE2 1 
ATOM   805  O  OE2 B GLU A 1 103 ? -10.728 22.974  0.202   0.50 29.17 ? 103 GLU A OE2 1 
ATOM   806  N  N   . ILE A 1 104 ? -8.634  18.019  -2.083  1.00 18.53 ? 104 ILE A N   1 
ATOM   807  C  CA  . ILE A 1 104 ? -8.424  16.720  -2.713  1.00 18.26 ? 104 ILE A CA  1 
ATOM   808  C  C   . ILE A 1 104 ? -8.892  15.630  -1.764  1.00 18.61 ? 104 ILE A C   1 
ATOM   809  O  O   . ILE A 1 104 ? -8.845  15.803  -0.547  1.00 17.95 ? 104 ILE A O   1 
ATOM   810  C  CB  . ILE A 1 104 ? -6.942  16.460  -3.034  1.00 19.41 ? 104 ILE A CB  1 
ATOM   811  C  CG1 . ILE A 1 104 ? -6.112  16.480  -1.746  1.00 20.01 ? 104 ILE A CG1 1 
ATOM   812  C  CG2 . ILE A 1 104 ? -6.442  17.488  -4.023  1.00 22.64 ? 104 ILE A CG2 1 
ATOM   813  C  CD1 . ILE A 1 104 ? -4.702  15.979  -1.928  1.00 21.04 ? 104 ILE A CD1 1 
ATOM   814  N  N   . LYS A 1 105 ? -9.339  14.506  -2.316  1.00 15.87 ? 105 LYS A N   1 
ATOM   815  C  CA  . LYS A 1 105 ? -9.810  13.407  -1.480  1.00 15.42 ? 105 LYS A CA  1 
ATOM   816  C  C   . LYS A 1 105 ? -8.641  12.659  -0.844  1.00 13.16 ? 105 LYS A C   1 
ATOM   817  O  O   . LYS A 1 105 ? -7.545  12.602  -1.409  1.00 12.82 ? 105 LYS A O   1 
ATOM   818  C  CB  . LYS A 1 105 ? -10.662 12.432  -2.301  1.00 18.09 ? 105 LYS A CB  1 
ATOM   819  C  CG  . LYS A 1 105 ? -11.951 13.034  -2.845  1.00 23.75 ? 105 LYS A CG  1 
ATOM   820  C  CD  . LYS A 1 105 ? -11.721 13.792  -4.145  1.00 28.13 ? 105 LYS A CD  1 
ATOM   821  C  CE  . LYS A 1 105 ? -11.344 12.836  -5.272  1.00 31.31 ? 105 LYS A CE  1 
ATOM   822  N  NZ  . LYS A 1 105 ? -11.150 13.537  -6.572  1.00 33.65 ? 105 LYS A NZ  1 
ATOM   823  N  N   . ASN A 1 106 ? -8.888  12.090  0.333   1.00 12.38 ? 106 ASN A N   1 
ATOM   824  C  CA  . ASN A 1 106 ? -7.881  11.334  1.078   1.00 12.29 ? 106 ASN A CA  1 
ATOM   825  C  C   . ASN A 1 106 ? -6.683  12.213  1.417   1.00 12.50 ? 106 ASN A C   1 
ATOM   826  O  O   . ASN A 1 106 ? -5.537  11.762  1.406   1.00 12.33 ? 106 ASN A O   1 
ATOM   827  C  CB  . ASN A 1 106 ? -7.416  10.122  0.258   1.00 11.84 ? 106 ASN A CB  1 
ATOM   828  C  CG  . ASN A 1 106 ? -8.572  9.262   -0.216  1.00 12.01 ? 106 ASN A CG  1 
ATOM   829  O  OD1 . ASN A 1 106 ? -9.470  8.930   0.558   1.00 14.68 ? 106 ASN A OD1 1 
ATOM   830  N  ND2 . ASN A 1 106 ? -8.547  8.884   -1.495  1.00 13.72 ? 106 ASN A ND2 1 
ATOM   831  N  N   . LYS A 1 107 ? -6.955  13.470  1.747   1.00 13.88 ? 107 LYS A N   1 
ATOM   832  C  CA  . LYS A 1 107 ? -5.885  14.414  2.047   1.00 14.05 ? 107 LYS A CA  1 
ATOM   833  C  C   . LYS A 1 107 ? -4.902  13.977  3.136   1.00 12.48 ? 107 LYS A C   1 
ATOM   834  O  O   . LYS A 1 107 ? -3.694  14.089  2.945   1.00 14.30 ? 107 LYS A O   1 
ATOM   835  C  CB  . LYS A 1 107 ? -6.484  15.783  2.384   1.00 17.17 ? 107 LYS A CB  1 
ATOM   836  C  CG  . LYS A 1 107 ? -7.325  15.817  3.636   1.00 21.36 ? 107 LYS A CG  1 
ATOM   837  C  CD  . LYS A 1 107 ? -8.196  17.065  3.669   1.00 25.63 ? 107 LYS A CD  1 
ATOM   838  C  CE  . LYS A 1 107 ? -7.375  18.329  3.490   1.00 27.84 ? 107 LYS A CE  1 
ATOM   839  N  NZ  . LYS A 1 107 ? -8.242  19.538  3.403   1.00 30.42 ? 107 LYS A NZ  1 
ATOM   840  N  N   . ASP A 1 108 ? -5.398  13.476  4.264   1.00 13.33 ? 108 ASP A N   1 
ATOM   841  C  CA  . ASP A 1 108 ? -4.503  13.040  5.340   1.00 14.82 ? 108 ASP A CA  1 
ATOM   842  C  C   . ASP A 1 108 ? -3.614  11.866  4.921   1.00 13.42 ? 108 ASP A C   1 
ATOM   843  O  O   . ASP A 1 108 ? -2.425  11.826  5.252   1.00 12.81 ? 108 ASP A O   1 
ATOM   844  C  CB  . ASP A 1 108 ? -5.308  12.643  6.580   1.00 15.51 ? 108 ASP A CB  1 
ATOM   845  C  CG  . ASP A 1 108 ? -5.897  13.842  7.315   1.00 20.31 ? 108 ASP A CG  1 
ATOM   846  O  OD1 . ASP A 1 108 ? -5.716  14.990  6.852   1.00 20.96 ? 108 ASP A OD1 1 
ATOM   847  O  OD2 . ASP A 1 108 ? -6.542  13.628  8.362   1.00 22.73 ? 108 ASP A OD2 1 
ATOM   848  N  N   . GLU A 1 109 ? -4.191  10.911  4.198   1.00 13.17 ? 109 GLU A N   1 
ATOM   849  C  CA  . GLU A 1 109 ? -3.442  9.739   3.750   1.00 12.19 ? 109 GLU A CA  1 
ATOM   850  C  C   . GLU A 1 109 ? -2.387  10.105  2.704   1.00 12.87 ? 109 GLU A C   1 
ATOM   851  O  O   . GLU A 1 109 ? -1.288  9.535   2.683   1.00 11.25 ? 109 GLU A O   1 
ATOM   852  C  CB  . GLU A 1 109 ? -4.399  8.687   3.185   1.00 14.86 ? 109 GLU A CB  1 
ATOM   853  C  CG  . GLU A 1 109 ? -5.346  8.061   4.209   1.00 16.25 ? 109 GLU A CG  1 
ATOM   854  C  CD  . GLU A 1 109 ? -6.321  9.052   4.815   1.00 20.36 ? 109 GLU A CD  1 
ATOM   855  O  OE1 . GLU A 1 109 ? -6.856  9.901   4.068   1.00 19.42 ? 109 GLU A OE1 1 
ATOM   856  O  OE2 . GLU A 1 109 ? -6.565  8.974   6.040   1.00 25.73 ? 109 GLU A OE2 1 
ATOM   857  N  N   . ILE A 1 110 ? -2.718  11.046  1.826   1.00 10.65 ? 110 ILE A N   1 
ATOM   858  C  CA  . ILE A 1 110 ? -1.759  11.468  0.815   1.00 10.68 ? 110 ILE A CA  1 
ATOM   859  C  C   . ILE A 1 110 ? -0.572  12.150  1.494   1.00 10.12 ? 110 ILE A C   1 
ATOM   860  O  O   . ILE A 1 110 ? 0.580   11.899  1.146   1.00 11.07 ? 110 ILE A O   1 
ATOM   861  C  CB  . ILE A 1 110 ? -2.409  12.424  -0.208  1.00 11.28 ? 110 ILE A CB  1 
ATOM   862  C  CG1 . ILE A 1 110 ? -3.451  11.659  -1.027  1.00 12.09 ? 110 ILE A CG1 1 
ATOM   863  C  CG2 . ILE A 1 110 ? -1.347  13.036  -1.103  1.00 11.29 ? 110 ILE A CG2 1 
ATOM   864  C  CD1 . ILE A 1 110 ? -4.189  12.501  -2.049  1.00 14.87 ? 110 ILE A CD1 1 
ATOM   865  N  N   . LEU A 1 111 ? -0.851  13.002  2.479   1.00 13.21 ? 111 LEU A N   1 
ATOM   866  C  CA  . LEU A 1 111 ? 0.219   13.690  3.193   1.00 14.17 ? 111 LEU A CA  1 
ATOM   867  C  C   . LEU A 1 111 ? 1.167   12.705  3.879   1.00 13.45 ? 111 LEU A C   1 
ATOM   868  O  O   . LEU A 1 111 ? 2.388   12.885  3.855   1.00 14.29 ? 111 LEU A O   1 
ATOM   869  C  CB  . LEU A 1 111 ? -0.364  14.644  4.239   1.00 17.71 ? 111 LEU A CB  1 
ATOM   870  C  CG  . LEU A 1 111 ? 0.668   15.405  5.070   1.00 21.13 ? 111 LEU A CG  1 
ATOM   871  C  CD1 . LEU A 1 111 ? 1.526   16.266  4.162   1.00 21.54 ? 111 LEU A CD1 1 
ATOM   872  C  CD2 . LEU A 1 111 ? -0.043  16.266  6.104   1.00 22.08 ? 111 LEU A CD2 1 
ATOM   873  N  N   . ALA A 1 112 ? 0.601   11.662  4.483   1.00 12.16 ? 112 ALA A N   1 
ATOM   874  C  CA  . ALA A 1 112 ? 1.398   10.652  5.171   1.00 11.16 ? 112 ALA A CA  1 
ATOM   875  C  C   . ALA A 1 112 ? 2.255   9.875   4.173   1.00 10.67 ? 112 ALA A C   1 
ATOM   876  O  O   . ALA A 1 112 ? 3.401   9.533   4.468   1.00 10.60 ? 112 ALA A O   1 
ATOM   877  C  CB  . ALA A 1 112 ? 0.486   9.701   5.939   1.00 11.65 ? 112 ALA A CB  1 
ATOM   878  N  N   . LEU A 1 113 ? 1.698   9.598   2.995   1.00 11.42 ? 113 LEU A N   1 
ATOM   879  C  CA  . LEU A 1 113 ? 2.436   8.870   1.963   1.00 11.82 ? 113 LEU A CA  1 
ATOM   880  C  C   . LEU A 1 113 ? 3.624   9.689   1.471   1.00 11.98 ? 113 LEU A C   1 
ATOM   881  O  O   . LEU A 1 113 ? 4.743   9.186   1.393   1.00 10.45 ? 113 LEU A O   1 
ATOM   882  C  CB  . LEU A 1 113 ? 1.518   8.529   0.779   1.00 10.86 ? 113 LEU A CB  1 
ATOM   883  C  CG  . LEU A 1 113 ? 2.165   7.889   -0.458  1.00 10.37 ? 113 LEU A CG  1 
ATOM   884  C  CD1 . LEU A 1 113 ? 2.842   6.576   -0.076  1.00 12.15 ? 113 LEU A CD1 1 
ATOM   885  C  CD2 . LEU A 1 113 ? 1.104   7.651   -1.522  1.00 13.58 ? 113 LEU A CD2 1 
ATOM   886  N  N   . LEU A 1 114 ? 3.376   10.952  1.140   1.00 13.06 ? 114 LEU A N   1 
ATOM   887  C  CA  . LEU A 1 114 ? 4.430   11.827  0.642   1.00 14.18 ? 114 LEU A CA  1 
ATOM   888  C  C   . LEU A 1 114 ? 5.590   11.953  1.630   1.00 15.34 ? 114 LEU A C   1 
ATOM   889  O  O   . LEU A 1 114 ? 6.753   12.022  1.224   1.00 15.59 ? 114 LEU A O   1 
ATOM   890  C  CB  . LEU A 1 114 ? 3.842   13.199  0.306   1.00 17.10 ? 114 LEU A CB  1 
ATOM   891  C  CG  . LEU A 1 114 ? 2.840   13.149  -0.855  1.00 17.73 ? 114 LEU A CG  1 
ATOM   892  C  CD1 . LEU A 1 114 ? 2.191   14.509  -1.053  1.00 20.48 ? 114 LEU A CD1 1 
ATOM   893  C  CD2 . LEU A 1 114 ? 3.557   12.704  -2.128  1.00 18.62 ? 114 LEU A CD2 1 
ATOM   894  N  N   . LYS A 1 115 ? 5.280   11.966  2.923   1.00 13.91 ? 115 LYS A N   1 
ATOM   895  C  CA  . LYS A 1 115 ? 6.321   12.049  3.943   1.00 12.53 ? 115 LYS A CA  1 
ATOM   896  C  C   . LYS A 1 115 ? 7.075   10.726  4.050   1.00 11.89 ? 115 LYS A C   1 
ATOM   897  O  O   . LYS A 1 115 ? 8.299   10.701  4.151   1.00 12.61 ? 115 LYS A O   1 
ATOM   898  C  CB  . LYS A 1 115 ? 5.715   12.395  5.305   1.00 15.11 ? 115 LYS A CB  1 
ATOM   899  C  CG  . LYS A 1 115 ? 5.186   13.812  5.407   1.00 17.79 ? 115 LYS A CG  1 
ATOM   900  C  CD  . LYS A 1 115 ? 4.648   14.102  6.797   1.00 20.31 ? 115 LYS A CD  1 
ATOM   901  C  CE  . LYS A 1 115 ? 4.123   15.525  6.889   1.00 23.13 ? 115 LYS A CE  1 
ATOM   902  N  NZ  . LYS A 1 115 ? 3.621   15.844  8.257   1.00 26.56 ? 115 LYS A NZ  1 
ATOM   903  N  N   . ALA A 1 116 ? 6.332   9.624   4.010   1.00 11.07 ? 116 ALA A N   1 
ATOM   904  C  CA  . ALA A 1 116 ? 6.921   8.296   4.116   1.00 9.73  ? 116 ALA A CA  1 
ATOM   905  C  C   . ALA A 1 116 ? 7.872   7.940   2.967   1.00 9.35  ? 116 ALA A C   1 
ATOM   906  O  O   . ALA A 1 116 ? 8.773   7.117   3.138   1.00 9.62  ? 116 ALA A O   1 
ATOM   907  C  CB  . ALA A 1 116 ? 5.810   7.249   4.232   1.00 9.30  ? 116 ALA A CB  1 
ATOM   908  N  N   . LEU A 1 117 ? 7.668   8.558   1.804   1.00 9.61  ? 117 LEU A N   1 
ATOM   909  C  CA  . LEU A 1 117 ? 8.520   8.310   0.637   1.00 10.35 ? 117 LEU A CA  1 
ATOM   910  C  C   . LEU A 1 117 ? 10.006  8.482   0.948   1.00 11.60 ? 117 LEU A C   1 
ATOM   911  O  O   . LEU A 1 117 ? 10.852  7.820   0.346   1.00 13.49 ? 117 LEU A O   1 
ATOM   912  C  CB  . LEU A 1 117 ? 8.162   9.268   -0.502  1.00 13.44 ? 117 LEU A CB  1 
ATOM   913  C  CG  . LEU A 1 117 ? 6.906   9.009   -1.324  1.00 14.45 ? 117 LEU A CG  1 
ATOM   914  C  CD1 . LEU A 1 117 ? 6.708   10.165  -2.298  1.00 14.27 ? 117 LEU A CD1 1 
ATOM   915  C  CD2 . LEU A 1 117 ? 7.050   7.697   -2.084  1.00 15.07 ? 117 LEU A CD2 1 
ATOM   916  N  N   . PHE A 1 118 ? 10.318  9.372   1.887   1.00 12.92 ? 118 PHE A N   1 
ATOM   917  C  CA  . PHE A 1 118 ? 11.706  9.657   2.242   1.00 12.43 ? 118 PHE A CA  1 
ATOM   918  C  C   . PHE A 1 118 ? 12.324  8.758   3.313   1.00 14.30 ? 118 PHE A C   1 
ATOM   919  O  O   . PHE A 1 118 ? 13.507  8.895   3.628   1.00 15.83 ? 118 PHE A O   1 
ATOM   920  C  CB  . PHE A 1 118 ? 11.821  11.127  2.669   1.00 14.34 ? 118 PHE A CB  1 
ATOM   921  C  CG  . PHE A 1 118 ? 11.601  12.100  1.545   1.00 13.79 ? 118 PHE A CG  1 
ATOM   922  C  CD1 . PHE A 1 118 ? 12.631  12.400  0.657   1.00 15.80 ? 118 PHE A CD1 1 
ATOM   923  C  CD2 . PHE A 1 118 ? 10.359  12.702  1.358   1.00 15.27 ? 118 PHE A CD2 1 
ATOM   924  C  CE1 . PHE A 1 118 ? 12.431  13.286  -0.403  1.00 13.07 ? 118 PHE A CE1 1 
ATOM   925  C  CE2 . PHE A 1 118 ? 10.147  13.590  0.301   1.00 14.73 ? 118 PHE A CE2 1 
ATOM   926  C  CZ  . PHE A 1 118 ? 11.190  13.881  -0.583  1.00 15.53 ? 118 PHE A CZ  1 
ATOM   927  N  N   . LEU A 1 119 ? 11.553  7.824   3.861   1.00 12.46 ? 119 LEU A N   1 
ATOM   928  C  CA  . LEU A 1 119 ? 12.089  6.960   4.912   1.00 12.63 ? 119 LEU A CA  1 
ATOM   929  C  C   . LEU A 1 119 ? 13.058  5.865   4.443   1.00 12.62 ? 119 LEU A C   1 
ATOM   930  O  O   . LEU A 1 119 ? 14.089  5.630   5.075   1.00 12.24 ? 119 LEU A O   1 
ATOM   931  C  CB  . LEU A 1 119 ? 10.941  6.360   5.739   1.00 13.25 ? 119 LEU A CB  1 
ATOM   932  C  CG  . LEU A 1 119 ? 10.118  7.394   6.529   1.00 15.57 ? 119 LEU A CG  1 
ATOM   933  C  CD1 . LEU A 1 119 ? 8.976   6.707   7.260   1.00 15.90 ? 119 LEU A CD1 1 
ATOM   934  C  CD2 . LEU A 1 119 ? 11.017  8.113   7.526   1.00 16.90 ? 119 LEU A CD2 1 
ATOM   935  N  N   . PRO A 1 120 ? 12.754  5.176   3.331   1.00 11.15 ? 120 PRO A N   1 
ATOM   936  C  CA  . PRO A 1 120 ? 13.680  4.129   2.875   1.00 11.93 ? 120 PRO A CA  1 
ATOM   937  C  C   . PRO A 1 120 ? 15.022  4.701   2.379   1.00 12.12 ? 120 PRO A C   1 
ATOM   938  O  O   . PRO A 1 120 ? 15.075  5.829   1.884   1.00 13.95 ? 120 PRO A O   1 
ATOM   939  C  CB  . PRO A 1 120 ? 12.905  3.449   1.742   1.00 11.61 ? 120 PRO A CB  1 
ATOM   940  C  CG  . PRO A 1 120 ? 11.465  3.686   2.121   1.00 10.11 ? 120 PRO A CG  1 
ATOM   941  C  CD  . PRO A 1 120 ? 11.483  5.118   2.588   1.00 10.48 ? 120 PRO A CD  1 
ATOM   942  N  N   . LYS A 1 121 ? 16.094  3.923   2.513   1.00 12.86 ? 121 LYS A N   1 
ATOM   943  C  CA  . LYS A 1 121 ? 17.412  4.361   2.046   1.00 13.84 ? 121 LYS A CA  1 
ATOM   944  C  C   . LYS A 1 121 ? 17.373  4.479   0.520   1.00 14.02 ? 121 LYS A C   1 
ATOM   945  O  O   . LYS A 1 121 ? 17.812  5.478   -0.054  1.00 12.23 ? 121 LYS A O   1 
ATOM   946  C  CB  . LYS A 1 121 ? 18.487  3.362   2.479   1.00 15.79 ? 121 LYS A CB  1 
ATOM   947  C  CG  . LYS A 1 121 ? 19.900  3.783   2.108   1.00 18.85 ? 121 LYS A CG  1 
ATOM   948  C  CD  . LYS A 1 121 ? 20.944  2.930   2.816   1.00 21.66 ? 121 LYS A CD  1 
ATOM   949  C  CE  . LYS A 1 121 ? 20.919  1.488   2.342   1.00 23.56 ? 121 LYS A CE  1 
ATOM   950  N  NZ  . LYS A 1 121 ? 21.944  0.677   3.059   1.00 24.38 ? 121 LYS A NZ  1 
ATOM   951  N  N   . ARG A 1 122 ? 16.849  3.446   -0.131  1.00 13.69 ? 122 ARG A N   1 
ATOM   952  C  CA  . ARG A 1 122 ? 16.701  3.449   -1.581  1.00 14.28 ? 122 ARG A CA  1 
ATOM   953  C  C   . ARG A 1 122 ? 15.320  2.880   -1.832  1.00 13.33 ? 122 ARG A C   1 
ATOM   954  O  O   . ARG A 1 122 ? 14.854  2.013   -1.085  1.00 13.43 ? 122 ARG A O   1 
ATOM   955  C  CB  . ARG A 1 122 ? 17.765  2.594   -2.268  1.00 18.10 ? 122 ARG A CB  1 
ATOM   956  C  CG  . ARG A 1 122 ? 17.774  2.797   -3.769  1.00 24.76 ? 122 ARG A CG  1 
ATOM   957  C  CD  . ARG A 1 122 ? 19.112  2.450   -4.397  1.00 28.56 ? 122 ARG A CD  1 
ATOM   958  N  NE  . ARG A 1 122 ? 19.152  2.844   -5.804  1.00 32.33 ? 122 ARG A NE  1 
ATOM   959  C  CZ  . ARG A 1 122 ? 18.948  4.085   -6.241  1.00 32.61 ? 122 ARG A CZ  1 
ATOM   960  N  NH1 . ARG A 1 122 ? 18.689  5.062   -5.381  1.00 33.92 ? 122 ARG A NH1 1 
ATOM   961  N  NH2 . ARG A 1 122 ? 18.997  4.350   -7.538  1.00 35.13 ? 122 ARG A NH2 1 
ATOM   962  N  N   . LEU A 1 123 ? 14.666  3.346   -2.885  1.00 13.08 ? 123 LEU A N   1 
ATOM   963  C  CA  . LEU A 1 123 ? 13.308  2.902   -3.124  1.00 12.14 ? 123 LEU A CA  1 
ATOM   964  C  C   . LEU A 1 123 ? 12.813  2.799   -4.554  1.00 13.04 ? 123 LEU A C   1 
ATOM   965  O  O   . LEU A 1 123 ? 13.087  3.651   -5.398  1.00 13.34 ? 123 LEU A O   1 
ATOM   966  C  CB  . LEU A 1 123 ? 12.366  3.836   -2.357  1.00 12.66 ? 123 LEU A CB  1 
ATOM   967  C  CG  . LEU A 1 123 ? 10.851  3.769   -2.548  1.00 12.25 ? 123 LEU A CG  1 
ATOM   968  C  CD1 . LEU A 1 123 ? 10.304  2.487   -1.926  1.00 13.88 ? 123 LEU A CD1 1 
ATOM   969  C  CD2 . LEU A 1 123 ? 10.222  4.991   -1.877  1.00 11.47 ? 123 LEU A CD2 1 
ATOM   970  N  N   A SER A 1 124 ? 12.067  1.732   -4.809  0.50 12.88 ? 124 SER A N   1 
ATOM   971  N  N   B SER A 1 124 ? 12.083  1.719   -4.818  0.50 12.12 ? 124 SER A N   1 
ATOM   972  C  CA  A SER A 1 124 ? 11.465  1.512   -6.109  0.50 12.42 ? 124 SER A CA  1 
ATOM   973  C  CA  B SER A 1 124 ? 11.471  1.477   -6.117  0.50 11.16 ? 124 SER A CA  1 
ATOM   974  C  C   A SER A 1 124 ? 10.025  1.115   -5.833  0.50 11.37 ? 124 SER A C   1 
ATOM   975  C  C   B SER A 1 124 ? 10.022  1.104   -5.837  0.50 10.66 ? 124 SER A C   1 
ATOM   976  O  O   A SER A 1 124 ? 9.769   0.202   -5.050  0.50 11.66 ? 124 SER A O   1 
ATOM   977  O  O   B SER A 1 124 ? 9.756   0.196   -5.052  0.50 11.20 ? 124 SER A O   1 
ATOM   978  C  CB  A SER A 1 124 ? 12.173  0.388   -6.863  0.50 14.23 ? 124 SER A CB  1 
ATOM   979  C  CB  B SER A 1 124 ? 12.152  0.318   -6.859  0.50 11.98 ? 124 SER A CB  1 
ATOM   980  O  OG  A SER A 1 124 ? 11.589  0.209   -8.139  0.50 15.19 ? 124 SER A OG  1 
ATOM   981  O  OG  B SER A 1 124 ? 13.307  0.743   -7.564  0.50 9.27  ? 124 SER A OG  1 
ATOM   982  N  N   . ILE A 1 125 ? 9.088   1.826   -6.446  1.00 9.24  ? 125 ILE A N   1 
ATOM   983  C  CA  . ILE A 1 125 ? 7.674   1.522   -6.277  1.00 11.74 ? 125 ILE A CA  1 
ATOM   984  C  C   . ILE A 1 125 ? 7.307   1.002   -7.654  1.00 13.10 ? 125 ILE A C   1 
ATOM   985  O  O   . ILE A 1 125 ? 7.465   1.707   -8.657  1.00 12.07 ? 125 ILE A O   1 
ATOM   986  C  CB  . ILE A 1 125 ? 6.836   2.769   -5.916  1.00 11.57 ? 125 ILE A CB  1 
ATOM   987  C  CG1 . ILE A 1 125 ? 7.208   3.255   -4.509  1.00 11.15 ? 125 ILE A CG1 1 
ATOM   988  C  CG2 . ILE A 1 125 ? 5.354   2.423   -5.948  1.00 13.52 ? 125 ILE A CG2 1 
ATOM   989  C  CD1 . ILE A 1 125 ? 6.449   4.490   -4.048  1.00 12.10 ? 125 ILE A CD1 1 
ATOM   990  N  N   . ILE A 1 126 ? 6.848   -0.244  -7.704  1.00 12.77 ? 126 ILE A N   1 
ATOM   991  C  CA  . ILE A 1 126 ? 6.518   -0.886  -8.967  1.00 13.65 ? 126 ILE A CA  1 
ATOM   992  C  C   . ILE A 1 126 ? 5.038   -1.204  -9.124  1.00 14.31 ? 126 ILE A C   1 
ATOM   993  O  O   . ILE A 1 126 ? 4.416   -1.766  -8.228  1.00 13.26 ? 126 ILE A O   1 
ATOM   994  C  CB  . ILE A 1 126 ? 7.320   -2.199  -9.120  1.00 12.83 ? 126 ILE A CB  1 
ATOM   995  C  CG1 . ILE A 1 126 ? 8.818   -1.925  -8.943  1.00 14.87 ? 126 ILE A CG1 1 
ATOM   996  C  CG2 . ILE A 1 126 ? 7.057   -2.811  -10.483 1.00 13.90 ? 126 ILE A CG2 1 
ATOM   997  C  CD1 . ILE A 1 126 ? 9.411   -2.538  -7.696  1.00 17.18 ? 126 ILE A CD1 1 
ATOM   998  N  N   . HIS A 1 127 ? 4.477   -0.849  -10.276 1.00 16.40 ? 127 HIS A N   1 
ATOM   999  C  CA  . HIS A 1 127 ? 3.071   -1.127  -10.545 1.00 21.29 ? 127 HIS A CA  1 
ATOM   1000 C  C   . HIS A 1 127 ? 2.990   -2.473  -11.264 1.00 24.74 ? 127 HIS A C   1 
ATOM   1001 O  O   . HIS A 1 127 ? 3.444   -2.599  -12.400 1.00 26.96 ? 127 HIS A O   1 
ATOM   1002 C  CB  . HIS A 1 127 ? 2.464   -0.034  -11.432 1.00 24.28 ? 127 HIS A CB  1 
ATOM   1003 C  CG  . HIS A 1 127 ? 0.979   -0.143  -11.592 1.00 26.62 ? 127 HIS A CG  1 
ATOM   1004 N  ND1 . HIS A 1 127 ? 0.287   0.519   -12.583 1.00 29.42 ? 127 HIS A ND1 1 
ATOM   1005 C  CD2 . HIS A 1 127 ? 0.052   -0.829  -10.881 1.00 27.84 ? 127 HIS A CD2 1 
ATOM   1006 C  CE1 . HIS A 1 127 ? -1.001  0.245   -12.476 1.00 30.00 ? 127 HIS A CE1 1 
ATOM   1007 N  NE2 . HIS A 1 127 ? -1.170  -0.571  -11.453 1.00 28.91 ? 127 HIS A NE2 1 
ATOM   1008 N  N   . CYS A 1 128 ? 2.420   -3.469  -10.592 1.00 27.54 ? 128 CYS A N   1 
ATOM   1009 C  CA  . CYS A 1 128 ? 2.286   -4.813  -11.154 1.00 32.38 ? 128 CYS A CA  1 
ATOM   1010 C  C   . CYS A 1 128 ? 3.633   -5.408  -11.557 1.00 33.16 ? 128 CYS A C   1 
ATOM   1011 O  O   . CYS A 1 128 ? 4.117   -5.186  -12.668 1.00 35.57 ? 128 CYS A O   1 
ATOM   1012 C  CB  . CYS A 1 128 ? 1.345   -4.791  -12.359 1.00 34.28 ? 128 CYS A CB  1 
ATOM   1013 S  SG  . CYS A 1 128 ? -0.365  -4.391  -11.938 1.00 39.96 ? 128 CYS A SG  1 
ATOM   1014 N  N   . GLY A 1 134 ? -1.171  -14.808 -13.818 1.00 29.49 ? 134 GLY A N   1 
ATOM   1015 C  CA  . GLY A 1 134 ? 0.227   -15.192 -13.873 1.00 28.56 ? 134 GLY A CA  1 
ATOM   1016 C  C   . GLY A 1 134 ? 0.603   -16.157 -12.766 1.00 27.91 ? 134 GLY A C   1 
ATOM   1017 O  O   . GLY A 1 134 ? -0.120  -16.292 -11.779 1.00 27.05 ? 134 GLY A O   1 
ATOM   1018 N  N   . HIS A 1 135 ? 1.738   -16.829 -12.929 1.00 26.78 ? 135 HIS A N   1 
ATOM   1019 C  CA  . HIS A 1 135 ? 2.213   -17.788 -11.938 1.00 26.30 ? 135 HIS A CA  1 
ATOM   1020 C  C   . HIS A 1 135 ? 3.620   -17.437 -11.459 1.00 24.13 ? 135 HIS A C   1 
ATOM   1021 O  O   . HIS A 1 135 ? 4.321   -18.278 -10.900 1.00 26.79 ? 135 HIS A O   1 
ATOM   1022 C  CB  . HIS A 1 135 ? 2.220   -19.202 -12.528 1.00 29.44 ? 135 HIS A CB  1 
ATOM   1023 C  CG  . HIS A 1 135 ? 0.885   -19.654 -13.033 1.00 32.81 ? 135 HIS A CG  1 
ATOM   1024 N  ND1 . HIS A 1 135 ? 0.249   -19.052 -14.098 1.00 35.04 ? 135 HIS A ND1 1 
ATOM   1025 C  CD2 . HIS A 1 135 ? 0.066   -20.649 -12.619 1.00 34.64 ? 135 HIS A CD2 1 
ATOM   1026 C  CE1 . HIS A 1 135 ? -0.906  -19.657 -14.316 1.00 35.62 ? 135 HIS A CE1 1 
ATOM   1027 N  NE2 . HIS A 1 135 ? -1.041  -20.628 -13.433 1.00 35.82 ? 135 HIS A NE2 1 
ATOM   1028 N  N   . SER A 1 136 ? 4.028   -16.192 -11.680 1.00 21.52 ? 136 SER A N   1 
ATOM   1029 C  CA  . SER A 1 136 ? 5.353   -15.741 -11.272 1.00 19.96 ? 136 SER A CA  1 
ATOM   1030 C  C   . SER A 1 136 ? 5.372   -15.348 -9.800  1.00 19.21 ? 136 SER A C   1 
ATOM   1031 O  O   . SER A 1 136 ? 4.328   -15.300 -9.145  1.00 18.74 ? 136 SER A O   1 
ATOM   1032 C  CB  . SER A 1 136 ? 5.786   -14.542 -12.117 1.00 19.33 ? 136 SER A CB  1 
ATOM   1033 O  OG  . SER A 1 136 ? 4.978   -13.410 -11.836 1.00 19.61 ? 136 SER A OG  1 
ATOM   1034 N  N   . ALA A 1 137 ? 6.566   -15.061 -9.291  1.00 18.77 ? 137 ALA A N   1 
ATOM   1035 C  CA  . ALA A 1 137 ? 6.734   -14.665 -7.903  1.00 18.04 ? 137 ALA A CA  1 
ATOM   1036 C  C   . ALA A 1 137 ? 6.010   -13.346 -7.637  1.00 16.99 ? 137 ALA A C   1 
ATOM   1037 O  O   . ALA A 1 137 ? 5.409   -13.164 -6.574  1.00 17.27 ? 137 ALA A O   1 
ATOM   1038 C  CB  . ALA A 1 137 ? 8.219   -14.530 -7.575  1.00 19.33 ? 137 ALA A CB  1 
ATOM   1039 N  N   . GLU A 1 138 ? 6.039   -12.429 -8.598  1.00 16.62 ? 138 GLU A N   1 
ATOM   1040 C  CA  . GLU A 1 138 ? 5.362   -11.157 -8.378  1.00 18.24 ? 138 GLU A CA  1 
ATOM   1041 C  C   . GLU A 1 138 ? 3.845   -11.330 -8.414  1.00 17.04 ? 138 GLU A C   1 
ATOM   1042 O  O   . GLU A 1 138 ? 3.122   -10.649 -7.686  1.00 15.32 ? 138 GLU A O   1 
ATOM   1043 C  CB  . GLU A 1 138 ? 5.819   -10.096 -9.389  1.00 22.79 ? 138 GLU A CB  1 
ATOM   1044 C  CG  . GLU A 1 138 ? 5.234   -10.186 -10.778 1.00 29.61 ? 138 GLU A CG  1 
ATOM   1045 C  CD  . GLU A 1 138 ? 5.500   -8.918  -11.573 1.00 33.85 ? 138 GLU A CD  1 
ATOM   1046 O  OE1 . GLU A 1 138 ? 6.682   -8.529  -11.692 1.00 36.32 ? 138 GLU A OE1 1 
ATOM   1047 O  OE2 . GLU A 1 138 ? 4.531   -8.305  -12.074 1.00 36.17 ? 138 GLU A OE2 1 
ATOM   1048 N  N   . ALA A 1 139 ? 3.359   -12.250 -9.245  1.00 15.54 ? 139 ALA A N   1 
ATOM   1049 C  CA  . ALA A 1 139 ? 1.924   -12.500 -9.318  1.00 15.39 ? 139 ALA A CA  1 
ATOM   1050 C  C   . ALA A 1 139 ? 1.468   -13.125 -7.998  1.00 14.78 ? 139 ALA A C   1 
ATOM   1051 O  O   . ALA A 1 139 ? 0.410   -12.775 -7.467  1.00 14.33 ? 139 ALA A O   1 
ATOM   1052 C  CB  . ALA A 1 139 ? 1.604   -13.434 -10.488 1.00 17.24 ? 139 ALA A CB  1 
ATOM   1053 N  N   . ARG A 1 140 ? 2.274   -14.044 -7.470  1.00 14.37 ? 140 ARG A N   1 
ATOM   1054 C  CA  . ARG A 1 140 ? 1.961   -14.715 -6.211  1.00 13.95 ? 140 ARG A CA  1 
ATOM   1055 C  C   . ARG A 1 140 ? 1.973   -13.728 -5.047  1.00 12.73 ? 140 ARG A C   1 
ATOM   1056 O  O   . ARG A 1 140 ? 1.113   -13.788 -4.167  1.00 11.96 ? 140 ARG A O   1 
ATOM   1057 C  CB  . ARG A 1 140 ? 2.963   -15.844 -5.944  1.00 17.02 ? 140 ARG A CB  1 
ATOM   1058 C  CG  . ARG A 1 140 ? 2.813   -17.042 -6.880  1.00 22.43 ? 140 ARG A CG  1 
ATOM   1059 C  CD  . ARG A 1 140 ? 3.860   -18.114 -6.599  1.00 24.82 ? 140 ARG A CD  1 
ATOM   1060 N  NE  . ARG A 1 140 ? 5.211   -17.625 -6.856  1.00 29.45 ? 140 ARG A NE  1 
ATOM   1061 C  CZ  . ARG A 1 140 ? 6.309   -18.368 -6.770  1.00 31.25 ? 140 ARG A CZ  1 
ATOM   1062 N  NH1 . ARG A 1 140 ? 6.226   -19.649 -6.430  1.00 34.27 ? 140 ARG A NH1 1 
ATOM   1063 N  NH2 . ARG A 1 140 ? 7.495   -17.832 -7.025  1.00 32.44 ? 140 ARG A NH2 1 
ATOM   1064 N  N   . GLY A 1 141 ? 2.944   -12.819 -5.054  1.00 12.31 ? 141 GLY A N   1 
ATOM   1065 C  CA  . GLY A 1 141 ? 3.039   -11.831 -3.992  1.00 12.11 ? 141 GLY A CA  1 
ATOM   1066 C  C   . GLY A 1 141 ? 1.845   -10.899 -3.989  1.00 12.61 ? 141 GLY A C   1 
ATOM   1067 O  O   . GLY A 1 141 ? 1.267   -10.621 -2.937  1.00 11.69 ? 141 GLY A O   1 
ATOM   1068 N  N   A ASN A 1 142 ? 1.471   -10.411 -5.167  0.50 11.83 ? 142 ASN A N   1 
ATOM   1069 N  N   B ASN A 1 142 ? 1.469   -10.408 -5.167  0.50 12.72 ? 142 ASN A N   1 
ATOM   1070 C  CA  A ASN A 1 142 ? 0.332   -9.512  -5.287  0.50 12.47 ? 142 ASN A CA  1 
ATOM   1071 C  CA  B ASN A 1 142 ? 0.328   -9.507  -5.280  0.50 13.93 ? 142 ASN A CA  1 
ATOM   1072 C  C   A ASN A 1 142 ? -0.947  -10.201 -4.823  0.50 12.83 ? 142 ASN A C   1 
ATOM   1073 C  C   B ASN A 1 142 ? -0.942  -10.205 -4.806  0.50 13.76 ? 142 ASN A C   1 
ATOM   1074 O  O   A ASN A 1 142 ? -1.800  -9.585  -4.182  0.50 13.12 ? 142 ASN A O   1 
ATOM   1075 O  O   B ASN A 1 142 ? -1.786  -9.600  -4.143  0.50 13.71 ? 142 ASN A O   1 
ATOM   1076 C  CB  A ASN A 1 142 ? 0.180   -9.044  -6.736  0.50 13.09 ? 142 ASN A CB  1 
ATOM   1077 C  CB  B ASN A 1 142 ? 0.147   -9.038  -6.728  0.50 16.44 ? 142 ASN A CB  1 
ATOM   1078 C  CG  A ASN A 1 142 ? -1.130  -8.329  -6.980  0.50 14.12 ? 142 ASN A CG  1 
ATOM   1079 C  CG  B ASN A 1 142 ? 1.312   -8.202  -7.225  0.50 19.16 ? 142 ASN A CG  1 
ATOM   1080 O  OD1 A ASN A 1 142 ? -2.058  -8.895  -7.557  0.50 13.96 ? 142 ASN A OD1 1 
ATOM   1081 O  OD1 B ASN A 1 142 ? 1.791   -7.306  -6.531  0.50 21.17 ? 142 ASN A OD1 1 
ATOM   1082 N  ND2 A ASN A 1 142 ? -1.218  -7.082  -6.526  0.50 13.93 ? 142 ASN A ND2 1 
ATOM   1083 N  ND2 B ASN A 1 142 ? 1.766   -8.483  -8.441  0.50 21.15 ? 142 ASN A ND2 1 
ATOM   1084 N  N   . ARG A 1 143 ? -1.068  -11.485 -5.144  1.00 13.11 ? 143 ARG A N   1 
ATOM   1085 C  CA  . ARG A 1 143 ? -2.233  -12.270 -4.756  1.00 13.31 ? 143 ARG A CA  1 
ATOM   1086 C  C   . ARG A 1 143 ? -2.253  -12.463 -3.235  1.00 11.71 ? 143 ARG A C   1 
ATOM   1087 O  O   . ARG A 1 143 ? -3.316  -12.471 -2.610  1.00 13.25 ? 143 ARG A O   1 
ATOM   1088 C  CB  . ARG A 1 143 ? -2.196  -13.629 -5.472  1.00 16.18 ? 143 ARG A CB  1 
ATOM   1089 C  CG  . ARG A 1 143 ? -3.462  -14.450 -5.349  1.00 19.96 ? 143 ARG A CG  1 
ATOM   1090 C  CD  . ARG A 1 143 ? -3.428  -15.654 -6.292  1.00 22.25 ? 143 ARG A CD  1 
ATOM   1091 N  NE  . ARG A 1 143 ? -3.303  -15.237 -7.687  1.00 23.77 ? 143 ARG A NE  1 
ATOM   1092 C  CZ  . ARG A 1 143 ? -2.253  -15.495 -8.464  1.00 25.16 ? 143 ARG A CZ  1 
ATOM   1093 N  NH1 . ARG A 1 143 ? -1.220  -16.178 -7.994  1.00 24.58 ? 143 ARG A NH1 1 
ATOM   1094 N  NH2 . ARG A 1 143 ? -2.234  -15.063 -9.719  1.00 25.11 ? 143 ARG A NH2 1 
HETATM 1095 N  N   . MSE A 1 144 ? -1.071  -12.596 -2.643  1.00 11.66 ? 144 MSE A N   1 
HETATM 1096 C  CA  . MSE A 1 144 ? -0.934  -12.786 -1.197  1.00 11.93 ? 144 MSE A CA  1 
HETATM 1097 C  C   . MSE A 1 144 ? -1.416  -11.542 -0.441  1.00 10.92 ? 144 MSE A C   1 
HETATM 1098 O  O   . MSE A 1 144 ? -2.132  -11.642 0.561   1.00 11.42 ? 144 MSE A O   1 
HETATM 1099 C  CB  . MSE A 1 144 ? 0.532   -13.065 -0.849  1.00 15.55 ? 144 MSE A CB  1 
HETATM 1100 C  CG  . MSE A 1 144 ? 0.793   -13.414 0.607   1.00 19.84 ? 144 MSE A CG  1 
HETATM 1101 SE SE  . MSE A 1 144 ? 0.193   -15.198 1.076   1.00 32.96 ? 144 MSE A SE  1 
HETATM 1102 C  CE  . MSE A 1 144 ? -1.560  -14.753 1.750   1.00 29.54 ? 144 MSE A CE  1 
ATOM   1103 N  N   . ALA A 1 145 ? -1.015  -10.370 -0.922  1.00 10.03 ? 145 ALA A N   1 
ATOM   1104 C  CA  . ALA A 1 145 ? -1.412  -9.116  -0.289  1.00 10.16 ? 145 ALA A CA  1 
ATOM   1105 C  C   . ALA A 1 145 ? -2.915  -8.884  -0.425  1.00 10.39 ? 145 ALA A C   1 
ATOM   1106 O  O   . ALA A 1 145 ? -3.559  -8.372  0.493   1.00 10.93 ? 145 ALA A O   1 
ATOM   1107 C  CB  . ALA A 1 145 ? -0.647  -7.950  -0.912  1.00 9.92  ? 145 ALA A CB  1 
ATOM   1108 N  N   A ASP A 1 146 ? -3.460  -9.259  -1.577  0.50 11.51 ? 146 ASP A N   1 
ATOM   1109 N  N   B ASP A 1 146 ? -3.472  -9.249  -1.575  0.50 11.83 ? 146 ASP A N   1 
ATOM   1110 C  CA  A ASP A 1 146 ? -4.882  -9.099  -1.853  0.50 11.76 ? 146 ASP A CA  1 
ATOM   1111 C  CA  B ASP A 1 146 ? -4.901  -9.072  -1.801  0.50 12.24 ? 146 ASP A CA  1 
ATOM   1112 C  C   A ASP A 1 146 ? -5.691  -9.960  -0.886  0.50 12.02 ? 146 ASP A C   1 
ATOM   1113 C  C   B ASP A 1 146 ? -5.683  -9.952  -0.837  0.50 12.30 ? 146 ASP A C   1 
ATOM   1114 O  O   A ASP A 1 146 ? -6.655  -9.493  -0.275  0.50 11.59 ? 146 ASP A O   1 
ATOM   1115 O  O   B ASP A 1 146 ? -6.619  -9.497  -0.180  0.50 11.58 ? 146 ASP A O   1 
ATOM   1116 C  CB  A ASP A 1 146 ? -5.171  -9.519  -3.298  0.50 14.24 ? 146 ASP A CB  1 
ATOM   1117 C  CB  B ASP A 1 146 ? -5.271  -9.438  -3.241  0.50 15.66 ? 146 ASP A CB  1 
ATOM   1118 C  CG  A ASP A 1 146 ? -6.600  -9.234  -3.719  0.50 15.20 ? 146 ASP A CG  1 
ATOM   1119 C  CG  B ASP A 1 146 ? -4.578  -8.564  -4.263  0.50 17.71 ? 146 ASP A CG  1 
ATOM   1120 O  OD1 A ASP A 1 146 ? -6.982  -9.659  -4.829  0.50 19.29 ? 146 ASP A OD1 1 
ATOM   1121 O  OD1 B ASP A 1 146 ? -4.500  -7.339  -4.043  0.50 20.66 ? 146 ASP A OD1 1 
ATOM   1122 O  OD2 A ASP A 1 146 ? -7.336  -8.581  -2.950  0.50 18.70 ? 146 ASP A OD2 1 
ATOM   1123 O  OD2 B ASP A 1 146 ? -4.122  -9.099  -5.295  0.50 21.12 ? 146 ASP A OD2 1 
ATOM   1124 N  N   . GLN A 1 147 ? -5.289  -11.217 -0.748  1.00 11.14 ? 147 GLN A N   1 
ATOM   1125 C  CA  . GLN A 1 147 ? -5.970  -12.139 0.143   1.00 11.91 ? 147 GLN A CA  1 
ATOM   1126 C  C   . GLN A 1 147 ? -5.873  -11.690 1.606   1.00 11.82 ? 147 GLN A C   1 
ATOM   1127 O  O   . GLN A 1 147 ? -6.847  -11.777 2.349   1.00 11.51 ? 147 GLN A O   1 
ATOM   1128 C  CB  . GLN A 1 147 ? -5.404  -13.554 -0.025  1.00 14.60 ? 147 GLN A CB  1 
ATOM   1129 C  CG  . GLN A 1 147 ? -6.206  -14.603 0.727   1.00 16.54 ? 147 GLN A CG  1 
ATOM   1130 C  CD  . GLN A 1 147 ? -6.064  -15.984 0.126   1.00 18.13 ? 147 GLN A CD  1 
ATOM   1131 O  OE1 . GLN A 1 147 ? -6.234  -16.166 -1.080  1.00 20.46 ? 147 GLN A OE1 1 
ATOM   1132 N  NE2 . GLN A 1 147 ? -5.760  -16.969 0.964   1.00 19.61 ? 147 GLN A NE2 1 
ATOM   1133 N  N   . ALA A 1 148 ? -4.710  -11.191 2.018   1.00 10.98 ? 148 ALA A N   1 
ATOM   1134 C  CA  . ALA A 1 148 ? -4.532  -10.752 3.400   1.00 9.62  ? 148 ALA A CA  1 
ATOM   1135 C  C   . ALA A 1 148 ? -5.373  -9.513  3.734   1.00 8.47  ? 148 ALA A C   1 
ATOM   1136 O  O   . ALA A 1 148 ? -5.924  -9.403  4.838   1.00 8.43  ? 148 ALA A O   1 
ATOM   1137 C  CB  . ALA A 1 148 ? -3.057  -10.476 3.668   1.00 10.20 ? 148 ALA A CB  1 
ATOM   1138 N  N   . ALA A 1 149 ? -5.480  -8.586  2.788   1.00 7.96  ? 149 ALA A N   1 
ATOM   1139 C  CA  . ALA A 1 149 ? -6.266  -7.380  3.028   1.00 7.29  ? 149 ALA A CA  1 
ATOM   1140 C  C   . ALA A 1 149 ? -7.745  -7.722  3.120   1.00 8.27  ? 149 ALA A C   1 
ATOM   1141 O  O   . ALA A 1 149 ? -8.453  -7.193  3.975   1.00 9.61  ? 149 ALA A O   1 
ATOM   1142 C  CB  . ALA A 1 149 ? -6.032  -6.355  1.921   1.00 9.36  ? 149 ALA A CB  1 
ATOM   1143 N  N   . ARG A 1 150 ? -8.209  -8.605  2.239   1.00 9.05  ? 150 ARG A N   1 
ATOM   1144 C  CA  . ARG A 1 150 ? -9.608  -9.016  2.242   1.00 10.36 ? 150 ARG A CA  1 
ATOM   1145 C  C   . ARG A 1 150 ? -9.935  -9.819  3.495   1.00 8.75  ? 150 ARG A C   1 
ATOM   1146 O  O   . ARG A 1 150 ? -11.010 -9.661  4.070   1.00 9.07  ? 150 ARG A O   1 
ATOM   1147 C  CB  . ARG A 1 150 ? -9.923  -9.840  0.989   1.00 12.59 ? 150 ARG A CB  1 
ATOM   1148 C  CG  . ARG A 1 150 ? -9.879  -9.029  -0.294  1.00 14.40 ? 150 ARG A CG  1 
ATOM   1149 C  CD  . ARG A 1 150 ? -10.291 -9.852  -1.497  1.00 21.25 ? 150 ARG A CD  1 
ATOM   1150 N  NE  . ARG A 1 150 ? -10.397 -9.021  -2.691  1.00 25.77 ? 150 ARG A NE  1 
ATOM   1151 C  CZ  . ARG A 1 150 ? -10.833 -9.453  -3.869  1.00 27.97 ? 150 ARG A CZ  1 
ATOM   1152 N  NH1 . ARG A 1 150 ? -11.208 -10.717 -4.018  1.00 29.50 ? 150 ARG A NH1 1 
ATOM   1153 N  NH2 . ARG A 1 150 ? -10.902 -8.617  -4.896  1.00 29.26 ? 150 ARG A NH2 1 
ATOM   1154 N  N   . LYS A 1 151 ? -9.011  -10.680 3.921   1.00 8.46  ? 151 LYS A N   1 
ATOM   1155 C  CA  . LYS A 1 151 ? -9.232  -11.480 5.123   1.00 8.64  ? 151 LYS A CA  1 
ATOM   1156 C  C   . LYS A 1 151 ? -9.393  -10.567 6.340   1.00 9.71  ? 151 LYS A C   1 
ATOM   1157 O  O   . LYS A 1 151 ? -10.279 -10.767 7.167   1.00 10.54 ? 151 LYS A O   1 
ATOM   1158 C  CB  . LYS A 1 151 ? -8.069  -12.455 5.349   1.00 8.36  ? 151 LYS A CB  1 
ATOM   1159 C  CG  . LYS A 1 151 ? -8.256  -13.375 6.550   1.00 10.66 ? 151 LYS A CG  1 
ATOM   1160 C  CD  . LYS A 1 151 ? -7.150  -14.426 6.635   1.00 14.97 ? 151 LYS A CD  1 
ATOM   1161 C  CE  . LYS A 1 151 ? -7.294  -15.263 7.898   1.00 20.02 ? 151 LYS A CE  1 
ATOM   1162 N  NZ  . LYS A 1 151 ? -6.341  -16.412 7.921   1.00 23.22 ? 151 LYS A NZ  1 
ATOM   1163 N  N   . ALA A 1 152 ? -8.539  -9.556  6.441   1.00 9.52  ? 152 ALA A N   1 
ATOM   1164 C  CA  . ALA A 1 152 ? -8.608  -8.620  7.559   1.00 10.81 ? 152 ALA A CA  1 
ATOM   1165 C  C   . ALA A 1 152 ? -9.935  -7.861  7.573   1.00 11.65 ? 152 ALA A C   1 
ATOM   1166 O  O   . ALA A 1 152 ? -10.565 -7.704  8.621   1.00 11.54 ? 152 ALA A O   1 
ATOM   1167 C  CB  . ALA A 1 152 ? -7.441  -7.632  7.482   1.00 11.15 ? 152 ALA A CB  1 
ATOM   1168 N  N   . ALA A 1 153 ? -10.354 -7.395  6.404   1.00 11.76 ? 153 ALA A N   1 
ATOM   1169 C  CA  . ALA A 1 153 ? -11.590 -6.636  6.267   1.00 11.70 ? 153 ALA A CA  1 
ATOM   1170 C  C   . ALA A 1 153 ? -12.824 -7.437  6.656   1.00 14.50 ? 153 ALA A C   1 
ATOM   1171 O  O   . ALA A 1 153 ? -13.726 -6.926  7.317   1.00 16.19 ? 153 ALA A O   1 
ATOM   1172 C  CB  . ALA A 1 153 ? -11.729 -6.140  4.833   1.00 13.82 ? 153 ALA A CB  1 
ATOM   1173 N  N   . ILE A 1 154 ? -12.844 -8.701  6.253   1.00 15.20 ? 154 ILE A N   1 
ATOM   1174 C  CA  . ILE A 1 154 ? -13.981 -9.574  6.508   1.00 17.05 ? 154 ILE A CA  1 
ATOM   1175 C  C   . ILE A 1 154 ? -14.014 -10.266 7.870   1.00 18.34 ? 154 ILE A C   1 
ATOM   1176 O  O   . ILE A 1 154 ? -15.093 -10.470 8.430   1.00 19.59 ? 154 ILE A O   1 
ATOM   1177 C  CB  . ILE A 1 154 ? -14.066 -10.654 5.398   1.00 17.16 ? 154 ILE A CB  1 
ATOM   1178 C  CG1 . ILE A 1 154 ? -14.223 -9.976  4.035   1.00 19.38 ? 154 ILE A CG1 1 
ATOM   1179 C  CG2 . ILE A 1 154 ? -15.232 -11.599 5.659   1.00 19.19 ? 154 ILE A CG2 1 
ATOM   1180 C  CD1 . ILE A 1 154 ? -14.062 -10.910 2.852   1.00 22.40 ? 154 ILE A CD1 1 
ATOM   1181 N  N   . THR A 1 155 ? -12.848 -10.607 8.416   1.00 18.58 ? 155 THR A N   1 
ATOM   1182 C  CA  . THR A 1 155 ? -12.803 -11.335 9.684   1.00 20.27 ? 155 THR A CA  1 
ATOM   1183 C  C   . THR A 1 155 ? -12.309 -10.609 10.935  1.00 20.49 ? 155 THR A C   1 
ATOM   1184 O  O   . THR A 1 155 ? -12.370 -11.169 12.033  1.00 22.67 ? 155 THR A O   1 
ATOM   1185 C  CB  . THR A 1 155 ? -11.962 -12.624 9.536   1.00 19.69 ? 155 THR A CB  1 
ATOM   1186 O  OG1 . THR A 1 155 ? -10.578 -12.281 9.390   1.00 21.06 ? 155 THR A OG1 1 
ATOM   1187 C  CG2 . THR A 1 155 ? -12.407 -13.413 8.314   1.00 19.72 ? 155 THR A CG2 1 
ATOM   1188 N  N   . GLU A 1 156 ? -11.819 -9.381  10.791  1.00 20.49 ? 156 GLU A N   1 
ATOM   1189 C  CA  . GLU A 1 156 ? -11.328 -8.634  11.947  1.00 21.00 ? 156 GLU A CA  1 
ATOM   1190 C  C   . GLU A 1 156 ? -12.089 -7.340  12.206  1.00 20.20 ? 156 GLU A C   1 
ATOM   1191 O  O   . GLU A 1 156 ? -12.754 -6.809  11.320  1.00 20.34 ? 156 GLU A O   1 
ATOM   1192 C  CB  . GLU A 1 156 ? -9.844  -8.306  11.785  1.00 21.28 ? 156 GLU A CB  1 
ATOM   1193 C  CG  . GLU A 1 156 ? -8.930  -9.506  11.874  1.00 26.17 ? 156 GLU A CG  1 
ATOM   1194 C  CD  . GLU A 1 156 ? -7.476  -9.128  11.714  1.00 27.85 ? 156 GLU A CD  1 
ATOM   1195 O  OE1 . GLU A 1 156 ? -7.007  -8.228  12.444  1.00 31.51 ? 156 GLU A OE1 1 
ATOM   1196 O  OE2 . GLU A 1 156 ? -6.800  -9.733  10.860  1.00 31.87 ? 156 GLU A OE2 1 
ATOM   1197 N  N   . THR A 1 157 ? -11.971 -6.840  13.432  1.00 22.78 ? 157 THR A N   1 
ATOM   1198 C  CA  . THR A 1 157 ? -12.632 -5.606  13.845  1.00 23.11 ? 157 THR A CA  1 
ATOM   1199 C  C   . THR A 1 157 ? -11.628 -4.455  13.825  1.00 22.70 ? 157 THR A C   1 
ATOM   1200 O  O   . THR A 1 157 ? -10.487 -4.613  14.259  1.00 23.30 ? 157 THR A O   1 
ATOM   1201 C  CB  . THR A 1 157 ? -13.194 -5.737  15.276  1.00 24.21 ? 157 THR A CB  1 
ATOM   1202 O  OG1 . THR A 1 157 ? -14.039 -6.892  15.353  1.00 26.64 ? 157 THR A OG1 1 
ATOM   1203 C  CG2 . THR A 1 157 ? -13.994 -4.499  15.654  1.00 26.06 ? 157 THR A CG2 1 
ATOM   1204 N  N   . PRO A 1 158 ? -12.039 -3.283  13.311  1.00 21.55 ? 158 PRO A N   1 
ATOM   1205 C  CA  . PRO A 1 158 ? -11.167 -2.103  13.239  1.00 23.30 ? 158 PRO A CA  1 
ATOM   1206 C  C   . PRO A 1 158 ? -10.967 -1.408  14.590  1.00 26.35 ? 158 PRO A C   1 
ATOM   1207 O  O   . PRO A 1 158 ? -11.754 -1.596  15.518  1.00 26.34 ? 158 PRO A O   1 
ATOM   1208 C  CB  . PRO A 1 158 ? -11.880 -1.215  12.226  1.00 21.22 ? 158 PRO A CB  1 
ATOM   1209 C  CG  . PRO A 1 158 ? -13.320 -1.536  12.468  1.00 21.98 ? 158 PRO A CG  1 
ATOM   1210 C  CD  . PRO A 1 158 ? -13.313 -3.037  12.611  1.00 21.74 ? 158 PRO A CD  1 
ATOM   1211 N  N   . ASP A 1 159 ? -9.913  -0.601  14.688  1.00 29.15 ? 159 ASP A N   1 
ATOM   1212 C  CA  . ASP A 1 159 ? -9.594  0.106   15.926  1.00 33.33 ? 159 ASP A CA  1 
ATOM   1213 C  C   . ASP A 1 159 ? -10.442 1.355   16.141  1.00 34.73 ? 159 ASP A C   1 
ATOM   1214 O  O   . ASP A 1 159 ? -10.488 1.896   17.246  1.00 35.41 ? 159 ASP A O   1 
ATOM   1215 C  CB  . ASP A 1 159 ? -8.115  0.494   15.942  1.00 35.97 ? 159 ASP A CB  1 
ATOM   1216 C  CG  . ASP A 1 159 ? -7.200  -0.692  15.716  1.00 39.03 ? 159 ASP A CG  1 
ATOM   1217 O  OD1 . ASP A 1 159 ? -7.330  -1.695  16.451  1.00 40.84 ? 159 ASP A OD1 1 
ATOM   1218 O  OD2 . ASP A 1 159 ? -6.347  -0.621  14.805  1.00 41.94 ? 159 ASP A OD2 1 
ATOM   1219 N  N   . THR A 1 160 ? -11.103 1.815   15.084  1.00 36.16 ? 160 THR A N   1 
ATOM   1220 C  CA  . THR A 1 160 ? -11.948 3.001   15.162  1.00 37.16 ? 160 THR A CA  1 
ATOM   1221 C  C   . THR A 1 160 ? -13.287 2.733   14.484  1.00 38.26 ? 160 THR A C   1 
ATOM   1222 O  O   . THR A 1 160 ? -13.376 1.906   13.576  1.00 37.87 ? 160 THR A O   1 
ATOM   1223 C  CB  . THR A 1 160 ? -11.251 4.186   14.498  1.00 37.19 ? 160 THR A CB  1 
ATOM   1224 N  N   . SER A 1 161 ? -14.322 3.440   14.928  1.00 39.47 ? 161 SER A N   1 
ATOM   1225 C  CA  . SER A 1 161 ? -15.664 3.283   14.373  1.00 40.69 ? 161 SER A CA  1 
ATOM   1226 C  C   . SER A 1 161 ? -16.178 1.866   14.576  1.00 40.70 ? 161 SER A C   1 
ATOM   1227 O  O   . SER A 1 161 ? -17.353 1.586   14.340  1.00 42.28 ? 161 SER A O   1 
ATOM   1228 C  CB  . SER A 1 161 ? -15.672 3.619   12.879  1.00 40.29 ? 161 SER A CB  1 
ATOM   1229 O  OG  . SER A 1 161 ? -15.381 4.989   12.657  1.00 41.40 ? 161 SER A OG  1 
HETATM 1230 MG MG  . MG  B 2 .   ? -5.187  -3.517  -5.218  1.00 26.45 ? 200 MG  A MG  1 
HETATM 1231 S  S   . SO4 C 3 .   ? -10.994 13.365  2.887   1.00 18.44 ? 201 SO4 A S   1 
HETATM 1232 O  O1  . SO4 C 3 .   ? -10.779 12.469  4.039   1.00 21.55 ? 201 SO4 A O1  1 
HETATM 1233 O  O2  . SO4 C 3 .   ? -9.760  14.133  2.646   1.00 20.11 ? 201 SO4 A O2  1 
HETATM 1234 O  O3  . SO4 C 3 .   ? -11.318 12.566  1.688   1.00 20.73 ? 201 SO4 A O3  1 
HETATM 1235 O  O4  . SO4 C 3 .   ? -12.108 14.284  3.184   1.00 22.40 ? 201 SO4 A O4  1 
HETATM 1236 O  O   . HOH D 4 .   ? -6.575  -5.588  -5.335  0.86 44.84 ? 202 HOH A O   1 
HETATM 1237 O  O   . HOH D 4 .   ? -7.531  -3.518  -4.090  1.00 54.52 ? 203 HOH A O   1 
HETATM 1238 O  O   . HOH D 4 .   ? -8.052  12.513  4.991   1.00 15.19 ? 204 HOH A O   1 
HETATM 1239 O  O   . HOH D 4 .   ? -7.212  11.864  -4.145  1.00 15.13 ? 205 HOH A O   1 
HETATM 1240 O  O   . HOH D 4 .   ? -1.216  -0.472  -2.031  1.00 14.28 ? 206 HOH A O   1 
HETATM 1241 O  O   . HOH D 4 .   ? -1.260  7.051   3.982   1.00 15.57 ? 207 HOH A O   1 
HETATM 1242 O  O   . HOH D 4 .   ? 1.620   -15.259 6.952   1.00 18.06 ? 208 HOH A O   1 
HETATM 1243 O  O   . HOH D 4 .   ? -13.872 -2.658  8.218   1.00 14.89 ? 209 HOH A O   1 
HETATM 1244 O  O   . HOH D 4 .   ? 15.943  5.193   -4.476  1.00 19.51 ? 210 HOH A O   1 
HETATM 1245 O  O   . HOH D 4 .   ? -5.171  -10.900 7.173   1.00 20.33 ? 211 HOH A O   1 
HETATM 1246 O  O   . HOH D 4 .   ? -0.205  3.643   7.006   1.00 17.71 ? 212 HOH A O   1 
HETATM 1247 O  O   . HOH D 4 .   ? 8.457   10.740  -5.749  1.00 16.96 ? 213 HOH A O   1 
HETATM 1248 O  O   . HOH D 4 .   ? -12.065 3.615   -3.806  0.94 25.07 ? 214 HOH A O   1 
HETATM 1249 O  O   . HOH D 4 .   ? 4.068   9.300   7.136   1.00 21.36 ? 215 HOH A O   1 
HETATM 1250 O  O   . HOH D 4 .   ? -14.160 1.913   -2.473  1.00 24.51 ? 216 HOH A O   1 
HETATM 1251 O  O   . HOH D 4 .   ? 6.002   12.537  -4.997  0.99 17.15 ? 217 HOH A O   1 
HETATM 1252 O  O   . HOH D 4 .   ? 7.894   4.446   -8.833  1.00 20.33 ? 218 HOH A O   1 
HETATM 1253 O  O   . HOH D 4 .   ? -13.551 -5.214  9.200   1.00 21.15 ? 219 HOH A O   1 
HETATM 1254 O  O   . HOH D 4 .   ? -13.244 6.621   2.644   1.00 24.00 ? 220 HOH A O   1 
HETATM 1255 O  O   . HOH D 4 .   ? 20.505  3.307   6.352   0.92 24.84 ? 221 HOH A O   1 
HETATM 1256 O  O   . HOH D 4 .   ? 9.269   -11.185 -1.230  1.00 19.30 ? 222 HOH A O   1 
HETATM 1257 O  O   . HOH D 4 .   ? -0.320  -15.940 -3.443  0.98 30.51 ? 223 HOH A O   1 
HETATM 1258 O  O   . HOH D 4 .   ? -7.484  -5.596  12.567  1.00 22.31 ? 224 HOH A O   1 
HETATM 1259 O  O   . HOH D 4 .   ? -1.428  12.814  7.720   1.00 22.96 ? 225 HOH A O   1 
HETATM 1260 O  O   . HOH D 4 .   ? 9.365   -11.752 -4.012  0.98 23.41 ? 226 HOH A O   1 
HETATM 1261 O  O   . HOH D 4 .   ? 1.483   11.146  -10.841 1.00 22.32 ? 227 HOH A O   1 
HETATM 1262 O  O   . HOH D 4 .   ? 10.531  2.096   10.821  1.00 39.22 ? 228 HOH A O   1 
HETATM 1263 O  O   . HOH D 4 .   ? 3.029   -13.669 -13.747 0.94 25.50 ? 229 HOH A O   1 
HETATM 1264 O  O   . HOH D 4 .   ? 3.280   -14.195 8.986   0.96 23.55 ? 230 HOH A O   1 
HETATM 1265 O  O   . HOH D 4 .   ? 15.998  9.396   2.679   1.00 27.32 ? 231 HOH A O   1 
HETATM 1266 O  O   . HOH D 4 .   ? 0.723   -5.883  -4.676  1.00 22.24 ? 232 HOH A O   1 
HETATM 1267 O  O   . HOH D 4 .   ? 11.605  -9.040  3.732   1.00 34.15 ? 233 HOH A O   1 
HETATM 1268 O  O   . HOH D 4 .   ? 6.311   0.137   -12.495 1.00 23.08 ? 234 HOH A O   1 
HETATM 1269 O  O   . HOH D 4 .   ? -8.265  0.311   12.143  1.00 22.87 ? 235 HOH A O   1 
HETATM 1270 O  O   . HOH D 4 .   ? 11.788  -8.057  -7.782  1.00 31.50 ? 236 HOH A O   1 
HETATM 1271 O  O   . HOH D 4 .   ? 3.049   16.218  -9.931  1.00 34.34 ? 237 HOH A O   1 
HETATM 1272 O  O   . HOH D 4 .   ? 16.887  -3.295  -12.308 1.00 44.69 ? 238 HOH A O   1 
HETATM 1273 O  O   . HOH D 4 .   ? -26.442 -10.890 8.349   1.00 31.16 ? 239 HOH A O   1 
HETATM 1274 O  O   . HOH D 4 .   ? 16.582  -7.703  5.009   0.96 32.20 ? 240 HOH A O   1 
HETATM 1275 O  O   . HOH D 4 .   ? 21.222  -1.873  2.498   0.96 37.53 ? 241 HOH A O   1 
HETATM 1276 O  O   . HOH D 4 .   ? 13.615  -7.550  -5.496  0.80 33.41 ? 242 HOH A O   1 
HETATM 1277 O  O   . HOH D 4 .   ? -6.873  17.200  8.051   1.00 27.59 ? 243 HOH A O   1 
HETATM 1278 O  O   . HOH D 4 .   ? -5.470  0.377   -10.658 1.00 30.35 ? 244 HOH A O   1 
HETATM 1279 O  O   . HOH D 4 .   ? -6.308  2.833   -9.277  0.99 24.40 ? 245 HOH A O   1 
HETATM 1280 O  O   . HOH D 4 .   ? -8.148  -6.126  -2.435  1.00 33.01 ? 246 HOH A O   1 
HETATM 1281 O  O   . HOH D 4 .   ? -14.783 -0.399  -3.305  0.87 29.83 ? 247 HOH A O   1 
HETATM 1282 O  O   . HOH D 4 .   ? 16.278  -7.169  -5.216  1.00 32.03 ? 248 HOH A O   1 
HETATM 1283 O  O   . HOH D 4 .   ? 9.046   -9.624  -7.555  1.00 26.75 ? 249 HOH A O   1 
HETATM 1284 O  O   . HOH D 4 .   ? -5.780  24.379  -1.501  1.00 33.44 ? 250 HOH A O   1 
HETATM 1285 O  O   . HOH D 4 .   ? -4.510  -6.570  12.936  1.00 28.49 ? 251 HOH A O   1 
HETATM 1286 O  O   . HOH D 4 .   ? -1.566  6.464   6.548   1.00 23.21 ? 252 HOH A O   1 
HETATM 1287 O  O   . HOH D 4 .   ? -9.027  14.513  -5.475  0.97 22.80 ? 253 HOH A O   1 
HETATM 1288 O  O   . HOH D 4 .   ? 6.590   9.608   8.336   1.00 26.03 ? 254 HOH A O   1 
HETATM 1289 O  O   . HOH D 4 .   ? 0.213   -0.386  12.626  1.00 30.15 ? 255 HOH A O   1 
HETATM 1290 O  O   . HOH D 4 .   ? 11.791  -9.667  1.275   1.00 26.67 ? 256 HOH A O   1 
HETATM 1291 O  O   . HOH D 4 .   ? 2.795   11.108  8.949   1.00 24.59 ? 257 HOH A O   1 
HETATM 1292 O  O   . HOH D 4 .   ? -16.135 -5.092  10.452  1.00 26.91 ? 258 HOH A O   1 
HETATM 1293 O  O   . HOH D 4 .   ? 20.413  -2.850  9.607   0.98 25.15 ? 259 HOH A O   1 
HETATM 1294 O  O   . HOH D 4 .   ? -2.702  -15.984 -1.733  1.00 32.28 ? 260 HOH A O   1 
HETATM 1295 O  O   . HOH D 4 .   ? 2.735   9.114   -12.168 1.00 36.35 ? 261 HOH A O   1 
HETATM 1296 O  O   . HOH D 4 .   ? 1.355   13.391  7.719   0.97 26.71 ? 262 HOH A O   1 
HETATM 1297 O  O   . HOH D 4 .   ? -1.766  -2.457  -4.321  1.00 36.27 ? 263 HOH A O   1 
HETATM 1298 O  O   . HOH D 4 .   ? 0.056   7.388   8.905   0.96 27.73 ? 264 HOH A O   1 
HETATM 1299 O  O   . HOH D 4 .   ? 10.104  -8.907  5.814   0.98 26.10 ? 265 HOH A O   1 
HETATM 1300 O  O   . HOH D 4 .   ? -11.190 16.794  -4.962  0.98 26.20 ? 266 HOH A O   1 
HETATM 1301 O  O   . HOH D 4 .   ? -4.520  -9.788  9.880   1.00 35.86 ? 267 HOH A O   1 
HETATM 1302 O  O   . HOH D 4 .   ? -7.784  6.866   7.140   1.00 44.81 ? 268 HOH A O   1 
HETATM 1303 O  O   . HOH D 4 .   ? 9.840   -17.978 -5.780  1.00 48.35 ? 269 HOH A O   1 
HETATM 1304 O  O   . HOH D 4 .   ? -16.182 -2.358  9.467   1.00 27.12 ? 270 HOH A O   1 
HETATM 1305 O  O   . HOH D 4 .   ? -7.564  4.283   9.415   1.00 33.94 ? 271 HOH A O   1 
HETATM 1306 O  O   . HOH D 4 .   ? 4.792   22.399  -5.590  1.00 47.47 ? 272 HOH A O   1 
HETATM 1307 O  O   . HOH D 4 .   ? 18.598  13.088  1.803   1.00 35.66 ? 273 HOH A O   1 
HETATM 1308 O  O   . HOH D 4 .   ? -7.678  1.798   -12.393 1.00 39.35 ? 274 HOH A O   1 
HETATM 1309 O  O   . HOH D 4 .   ? 11.846  11.372  8.353   1.00 46.37 ? 275 HOH A O   1 
HETATM 1310 O  O   . HOH D 4 .   ? -0.203  12.225  -12.725 0.92 26.74 ? 276 HOH A O   1 
HETATM 1311 O  O   . HOH D 4 .   ? 9.733   6.192   -10.656 0.88 28.88 ? 277 HOH A O   1 
HETATM 1312 O  O   . HOH D 4 .   ? 15.282  8.070   6.420   0.89 34.73 ? 278 HOH A O   1 
HETATM 1313 O  O   . HOH D 4 .   ? -6.863  -1.399  19.094  1.00 51.23 ? 279 HOH A O   1 
HETATM 1314 O  O   . HOH D 4 .   ? -26.236 -6.211  6.907   0.99 39.33 ? 280 HOH A O   1 
HETATM 1315 O  O   . HOH D 4 .   ? -8.895  -13.989 10.743  1.00 39.27 ? 281 HOH A O   1 
HETATM 1316 O  O   . HOH D 4 .   ? 11.994  14.619  -9.194  1.00 39.32 ? 282 HOH A O   1 
HETATM 1317 O  O   . HOH D 4 .   ? 3.219   16.568  -3.694  0.86 30.98 ? 283 HOH A O   1 
HETATM 1318 O  O   . HOH D 4 .   ? -7.277  2.992   11.692  1.00 40.87 ? 284 HOH A O   1 
HETATM 1319 O  O   . HOH D 4 .   ? -8.511  3.768   18.869  1.00 49.89 ? 285 HOH A O   1 
HETATM 1320 O  O   . HOH D 4 .   ? 8.948   -1.691  -14.405 1.00 45.08 ? 286 HOH A O   1 
HETATM 1321 O  O   . HOH D 4 .   ? 10.445  -15.152 -1.695  1.00 38.66 ? 287 HOH A O   1 
HETATM 1322 O  O   . HOH D 4 .   ? -10.013 -8.013  15.278  0.90 44.78 ? 288 HOH A O   1 
HETATM 1323 O  O   . HOH D 4 .   ? 6.394   -2.329  -13.979 1.00 36.64 ? 289 HOH A O   1 
HETATM 1324 O  O   . HOH D 4 .   ? 1.633   -18.621 1.966   1.00 42.41 ? 290 HOH A O   1 
HETATM 1325 O  O   . HOH D 4 .   ? -15.165 0.676   4.715   0.90 43.82 ? 291 HOH A O   1 
HETATM 1326 O  O   . HOH D 4 .   ? -9.497  10.373  -5.130  0.88 24.45 ? 292 HOH A O   1 
HETATM 1327 O  O   . HOH D 4 .   ? -9.042  -10.502 -6.173  1.00 55.31 ? 293 HOH A O   1 
HETATM 1328 O  O   . HOH D 4 .   ? -0.956  -17.513 -5.712  1.00 40.90 ? 294 HOH A O   1 
HETATM 1329 O  O   . HOH D 4 .   ? 20.743  11.391  2.159   1.00 45.63 ? 295 HOH A O   1 
HETATM 1330 O  O   . HOH D 4 .   ? 1.236   3.151   -13.280 0.98 55.08 ? 296 HOH A O   1 
HETATM 1331 O  O   . HOH D 4 .   ? 19.917  7.490   -5.103  1.00 55.14 ? 297 HOH A O   1 
HETATM 1332 O  O   . HOH D 4 .   ? 18.223  6.645   -8.969  1.00 46.63 ? 298 HOH A O   1 
HETATM 1333 O  O   . HOH D 4 .   ? 2.446   18.485  8.163   0.91 46.40 ? 299 HOH A O   1 
HETATM 1334 O  O   . HOH D 4 .   ? 13.287  11.902  -13.809 1.00 54.75 ? 300 HOH A O   1 
HETATM 1335 O  O   . HOH D 4 .   ? 15.516  12.053  -11.109 1.00 44.29 ? 301 HOH A O   1 
HETATM 1336 O  O   . HOH D 4 .   ? -10.716 -6.014  -2.661  1.00 29.01 ? 302 HOH A O   1 
HETATM 1337 O  O   . HOH D 4 .   ? 3.982   18.235  -1.565  1.00 49.13 ? 303 HOH A O   1 
HETATM 1338 O  O   . HOH D 4 .   ? -21.746 -4.416  12.058  1.00 48.99 ? 304 HOH A O   1 
HETATM 1339 O  O   . HOH D 4 .   ? -18.441 -1.049  -3.631  0.87 31.84 ? 305 HOH A O   1 
HETATM 1340 O  O   . HOH D 4 .   ? -5.242  3.372   14.554  0.97 47.81 ? 306 HOH A O   1 
HETATM 1341 O  O   . HOH D 4 .   ? -4.652  3.560   9.508   1.00 44.69 ? 307 HOH A O   1 
HETATM 1342 O  O   . HOH D 4 .   ? -3.351  1.305   10.028  0.93 51.35 ? 308 HOH A O   1 
HETATM 1343 O  O   . HOH D 4 .   ? -20.171 4.273   8.629   0.99 38.84 ? 309 HOH A O   1 
HETATM 1344 O  O   . HOH D 4 .   ? -20.925 0.428   6.835   0.97 32.40 ? 310 HOH A O   1 
HETATM 1345 O  O   . HOH D 4 .   ? -14.286 -0.524  6.900   0.60 39.61 ? 311 HOH A O   1 
HETATM 1346 O  O   . HOH D 4 .   ? 15.751  -5.601  8.112   0.98 44.63 ? 312 HOH A O   1 
HETATM 1347 O  O   . HOH D 4 .   ? 22.614  1.909   -3.864  0.92 41.66 ? 313 HOH A O   1 
HETATM 1348 O  O   . HOH D 4 .   ? -0.285  5.168   -12.248 0.85 31.09 ? 314 HOH A O   1 
HETATM 1349 O  O   . HOH D 4 .   ? -1.773  6.446   -14.315 0.98 45.59 ? 315 HOH A O   1 
HETATM 1350 O  O   . HOH D 4 .   ? 5.332   1.652   -14.561 0.93 37.85 ? 316 HOH A O   1 
HETATM 1351 O  O   . HOH D 4 .   ? 5.009   4.171   -15.401 1.00 37.17 ? 317 HOH A O   1 
HETATM 1352 O  O   . HOH D 4 .   ? 3.694   24.045  -7.632  1.00 34.28 ? 318 HOH A O   1 
HETATM 1353 O  O   . HOH D 4 .   ? -3.995  25.499  -3.049  1.00 40.65 ? 319 HOH A O   1 
HETATM 1354 O  O   . HOH D 4 .   ? -7.182  19.247  6.508   1.00 54.82 ? 320 HOH A O   1 
HETATM 1355 O  O   . HOH D 4 .   ? -15.313 8.459   0.959   1.00 39.34 ? 321 HOH A O   1 
HETATM 1356 O  O   . HOH D 4 .   ? -15.097 8.346   -1.603  0.97 45.40 ? 322 HOH A O   1 
HETATM 1357 O  O   . HOH D 4 .   ? -13.664 10.972  1.014   0.99 54.95 ? 323 HOH A O   1 
HETATM 1358 O  O   . HOH D 4 .   ? 11.298  -12.481 1.033   0.90 30.17 ? 324 HOH A O   1 
HETATM 1359 O  O   . HOH D 4 .   ? 16.911  11.004  0.888   0.83 42.68 ? 325 HOH A O   1 
HETATM 1360 O  O   . HOH D 4 .   ? 10.121  -17.726 -8.457  0.97 42.21 ? 326 HOH A O   1 
HETATM 1361 O  O   . HOH D 4 .   ? 8.059   -18.888 -9.752  1.00 42.93 ? 327 HOH A O   1 
HETATM 1362 O  O   . HOH D 4 .   ? -17.161 2.297   17.189  1.00 46.09 ? 328 HOH A O   1 
HETATM 1363 O  O   . HOH D 4 .   ? 10.151  11.214  6.274   0.93 37.54 ? 329 HOH A O   1 
HETATM 1364 O  O   . HOH D 4 .   ? 15.832  3.966   -6.800  0.99 46.31 ? 330 HOH A O   1 
HETATM 1365 O  O   . HOH D 4 .   ? 12.731  9.893   10.463  0.82 46.70 ? 331 HOH A O   1 
HETATM 1366 O  O   . HOH D 4 .   ? 8.833   11.139  8.539   0.96 46.01 ? 332 HOH A O   1 
HETATM 1367 O  O   . HOH D 4 .   ? 16.880  6.360   5.215   0.78 43.02 ? 333 HOH A O   1 
HETATM 1368 O  O   . HOH D 4 .   ? -11.758 7.929   -0.457  1.00 27.75 ? 334 HOH A O   1 
HETATM 1369 O  O   . HOH D 4 .   ? -6.826  -3.608  20.428  1.00 44.96 ? 335 HOH A O   1 
HETATM 1370 O  O   . HOH D 4 .   ? 1.610   -5.588  -8.442  1.00 36.48 ? 336 HOH A O   1 
HETATM 1371 O  O   . HOH D 4 .   ? -1.675  -11.376 -8.930  0.90 32.65 ? 337 HOH A O   1 
HETATM 1372 O  O   . HOH D 4 .   ? 9.526   4.512   10.169  0.96 39.27 ? 338 HOH A O   1 
HETATM 1373 O  O   . HOH D 4 .   ? 4.377   10.939  10.928  1.00 47.94 ? 339 HOH A O   1 
HETATM 1374 O  O   . HOH D 4 .   ? -5.488  -11.224 -6.664  0.91 35.41 ? 340 HOH A O   1 
HETATM 1375 O  O   . HOH D 4 .   ? 13.676  -8.362  -9.599  0.88 36.15 ? 341 HOH A O   1 
HETATM 1376 O  O   . HOH D 4 .   ? -22.979 -6.934  6.977   0.89 39.25 ? 342 HOH A O   1 
HETATM 1377 O  O   . HOH D 4 .   ? 1.156   7.053   -13.354 0.84 41.64 ? 343 HOH A O   1 
HETATM 1378 O  O   . HOH D 4 .   ? 0.538   19.827  6.840   1.00 45.94 ? 344 HOH A O   1 
HETATM 1379 O  O   . HOH D 4 .   ? -9.438  8.575   -7.988  0.96 41.54 ? 345 HOH A O   1 
HETATM 1380 O  O   . HOH D 4 .   ? -6.733  -11.745 9.282   0.86 42.24 ? 346 HOH A O   1 
HETATM 1381 O  O   . HOH D 4 .   ? -12.347 -9.379  15.564  1.00 45.57 ? 347 HOH A O   1 
HETATM 1382 O  O   . HOH D 4 .   ? -5.737  25.952  0.897   0.78 41.78 ? 348 HOH A O   1 
HETATM 1383 O  O   . HOH D 4 .   ? -26.140 -3.732  7.674   1.00 49.34 ? 349 HOH A O   1 
# 
